data_3T0T
#
_entry.id   3T0T
#
_cell.length_a   113.090
_cell.length_b   113.090
_cell.length_c   315.960
_cell.angle_alpha   90.000
_cell.angle_beta   90.000
_cell.angle_gamma   90.000
#
_symmetry.space_group_name_H-M   'P 41'
#
loop_
_entity.id
_entity.type
_entity.pdbx_description
1 polymer 'Pyruvate kinase'
2 non-polymer "N'-[(1E)-1-(1H-benzimidazol-2-yl)ethylidene]-5-bromo-2-hydroxybenzohydrazide"
3 non-polymer 'PHOSPHATE ION'
#
_entity_poly.entity_id   1
_entity_poly.type   'polypeptide(L)'
_entity_poly.pdbx_seq_one_letter_code
;MGSSHHHHHHSSGLVPRGSHMMRKTKIVCTIGPASESEEMIEKLINAGMNVARLNFSHGSHEEHKGRIDTIRKVAKRLDK
IVAILLDTKGPEIRTHNMKDGIIELERGNEVIVSMNEVEGTPEKFSVTYENLINDVQVGSYILLDDGLIELQVKDIDHAK
KEVKCDILNSGELKNKKGVNLPGVRVSLPGITEKDAEDIRFGIKENVDFIAASFVRRPSDVLEIREILEEQKANISVFPK
IENQEGIDNIEEILEVSDGLMVARGDMGVEIPPEKVPMVQKDLIRQCNKLGKPVITATQMLDSMQRNPRATRAEASDVAN
AIYDGTDAVMLSGETAAGLYPEEAVKTMRNIAVSAEAAQDYKKLLSDRTKLVETSLVNAIGISVAHTALNLNVKAIVAAT
ESGSTARTISKYRPHSDIIAVTPSEETARQCSIVWGVQPVVKKGRKSTDALLNNAVATAVETGRVTNGDLIIITAGVPTG
ETGTTNMMKIHLVGDEIANGQGIGRGSVVGTTLVAETVKDLEGKDLSDKVIVTNSIDETFVPYVEKALGLITEENGITSP
SAIVGLEKGIPTVVGVEKAVKNISNNVLVTIDAAQGKIFEGYANVL
;
_entity_poly.pdbx_strand_id   A,B,C,D
#
loop_
_chem_comp.id
_chem_comp.type
_chem_comp.name
_chem_comp.formula
I30 non-polymer N'-[(1E)-1-(1H-benzimidazol-2-yl)ethylidene]-5-bromo-2-hydroxybenzohydrazide 'C16 H13 Br N4 O2'
PO4 non-polymer 'PHOSPHATE ION' 'O4 P -3'
#
# COMPACT_ATOMS: atom_id res chain seq x y z
N MET A 22 24.93 10.33 12.11
CA MET A 22 25.60 10.41 10.79
C MET A 22 27.01 9.81 10.91
N ARG A 23 27.07 8.48 10.77
CA ARG A 23 28.33 7.73 10.54
C ARG A 23 28.04 6.24 10.27
N LYS A 24 27.11 5.66 11.03
CA LYS A 24 26.30 4.48 10.63
C LYS A 24 26.95 3.09 10.44
N THR A 25 27.72 2.89 9.37
CA THR A 25 28.30 1.55 9.09
C THR A 25 29.69 1.43 9.76
N LYS A 26 29.88 0.36 10.52
CA LYS A 26 31.04 0.27 11.42
C LYS A 26 32.24 -0.36 10.75
N ILE A 27 33.43 -0.03 11.24
CA ILE A 27 34.70 -0.41 10.61
C ILE A 27 35.57 -1.32 11.48
N VAL A 28 35.78 -2.55 11.06
CA VAL A 28 36.70 -3.43 11.75
C VAL A 28 38.08 -3.33 11.10
N CYS A 29 39.16 -3.33 11.90
CA CYS A 29 40.53 -3.26 11.36
C CYS A 29 41.41 -4.37 11.89
N THR A 30 42.31 -4.88 11.05
CA THR A 30 43.18 -5.96 11.45
C THR A 30 44.51 -5.36 11.87
N ILE A 31 44.89 -5.67 13.11
CA ILE A 31 46.13 -5.16 13.70
C ILE A 31 47.30 -6.07 13.31
N GLY A 32 48.44 -5.46 13.03
CA GLY A 32 49.64 -6.20 12.69
C GLY A 32 50.84 -5.26 12.68
N PRO A 33 51.99 -5.76 12.22
CA PRO A 33 53.25 -5.02 12.18
C PRO A 33 53.10 -3.53 11.89
N ALA A 34 52.30 -3.17 10.88
CA ALA A 34 52.19 -1.77 10.46
C ALA A 34 51.19 -0.96 11.28
N SER A 35 50.59 -1.57 12.30
CA SER A 35 49.63 -0.89 13.15
C SER A 35 49.65 -1.32 14.64
N GLU A 36 50.78 -1.87 15.10
CA GLU A 36 50.94 -2.26 16.51
C GLU A 36 51.14 -1.04 17.38
N SER A 37 51.90 -0.08 16.86
CA SER A 37 52.34 1.06 17.66
C SER A 37 51.17 1.83 18.26
N GLU A 38 51.39 2.30 19.48
CA GLU A 38 50.51 3.22 20.20
C GLU A 38 50.18 4.41 19.30
N GLU A 39 51.19 4.89 18.59
CA GLU A 39 51.06 6.03 17.69
C GLU A 39 50.02 5.79 16.60
N MET A 40 50.09 4.62 15.96
CA MET A 40 49.21 4.27 14.83
C MET A 40 47.80 3.91 15.27
N ILE A 41 47.68 3.11 16.32
CA ILE A 41 46.37 2.75 16.85
C ILE A 41 45.55 3.98 17.20
N GLU A 42 46.22 5.02 17.70
CA GLU A 42 45.54 6.29 17.91
C GLU A 42 45.03 6.83 16.58
N LYS A 43 45.89 6.81 15.57
CA LYS A 43 45.55 7.36 14.25
C LYS A 43 44.41 6.57 13.60
N LEU A 44 44.37 5.26 13.87
CA LEU A 44 43.28 4.40 13.40
C LEU A 44 41.95 4.69 14.10
N ILE A 45 41.99 4.78 15.43
CA ILE A 45 40.78 5.08 16.20
C ILE A 45 40.21 6.43 15.78
N ASN A 46 41.09 7.41 15.60
CA ASN A 46 40.70 8.74 15.07
C ASN A 46 40.19 8.64 13.63
N ALA A 47 40.80 7.77 12.84
CA ALA A 47 40.34 7.55 11.47
C ALA A 47 38.95 6.92 11.43
N GLY A 48 38.53 6.31 12.52
CA GLY A 48 37.17 5.81 12.68
C GLY A 48 37.04 4.34 13.00
N MET A 49 38.11 3.70 13.46
CA MET A 49 38.06 2.27 13.83
C MET A 49 37.06 2.05 14.96
N ASN A 50 36.25 1.01 14.85
CA ASN A 50 35.30 0.66 15.90
C ASN A 50 35.59 -0.68 16.54
N VAL A 51 36.28 -1.57 15.82
CA VAL A 51 36.64 -2.89 16.32
C VAL A 51 38.01 -3.28 15.78
N ALA A 52 38.92 -3.65 16.66
CA ALA A 52 40.22 -4.16 16.26
C ALA A 52 40.12 -5.67 16.17
N ARG A 53 40.67 -6.23 15.09
CA ARG A 53 40.67 -7.66 14.83
C ARG A 53 42.07 -8.19 15.06
N LEU A 54 42.15 -9.32 15.75
CA LEU A 54 43.41 -9.99 15.96
C LEU A 54 43.30 -11.32 15.26
N ASN A 55 44.20 -11.54 14.31
CA ASN A 55 44.14 -12.73 13.49
C ASN A 55 45.03 -13.85 14.03
N PHE A 56 44.40 -14.87 14.61
CA PHE A 56 45.13 -15.94 15.29
C PHE A 56 45.60 -17.05 14.34
N SER A 57 45.31 -16.87 13.06
CA SER A 57 45.92 -17.69 12.01
C SER A 57 47.44 -17.54 12.07
N HIS A 58 47.93 -16.40 12.56
CA HIS A 58 49.37 -16.15 12.74
C HIS A 58 49.64 -15.58 14.08
N GLY A 59 50.92 -15.43 14.42
CA GLY A 59 51.34 -14.74 15.64
C GLY A 59 51.16 -15.54 16.93
N SER A 60 52.01 -15.27 17.91
CA SER A 60 51.95 -15.93 19.21
C SER A 60 50.98 -15.23 20.13
N HIS A 61 50.59 -15.92 21.19
CA HIS A 61 49.78 -15.34 22.26
C HIS A 61 50.44 -14.09 22.82
N GLU A 62 51.76 -14.16 23.00
CA GLU A 62 52.55 -13.01 23.47
C GLU A 62 52.22 -11.77 22.66
N GLU A 63 52.43 -11.88 21.35
CA GLU A 63 52.26 -10.76 20.42
C GLU A 63 50.88 -10.14 20.58
N HIS A 64 49.86 -10.99 20.64
CA HIS A 64 48.48 -10.53 20.71
C HIS A 64 48.17 -9.83 21.99
N LYS A 65 48.60 -10.40 23.11
CA LYS A 65 48.43 -9.74 24.41
C LYS A 65 49.02 -8.34 24.37
N GLY A 66 50.18 -8.21 23.72
CA GLY A 66 50.84 -6.91 23.58
C GLY A 66 49.93 -5.91 22.92
N ARG A 67 49.29 -6.33 21.84
CA ARG A 67 48.40 -5.47 21.07
C ARG A 67 47.09 -5.19 21.80
N ILE A 68 46.59 -6.17 22.55
CA ILE A 68 45.39 -5.97 23.35
C ILE A 68 45.61 -4.87 24.37
N ASP A 69 46.75 -4.86 25.05
CA ASP A 69 47.05 -3.80 26.01
C ASP A 69 47.13 -2.46 25.29
N THR A 70 47.96 -2.39 24.25
CA THR A 70 48.13 -1.15 23.48
C THR A 70 46.79 -0.56 23.11
N ILE A 71 45.91 -1.42 22.61
CA ILE A 71 44.57 -1.01 22.20
C ILE A 71 43.81 -0.44 23.39
N ARG A 72 43.55 -1.28 24.40
CA ARG A 72 42.73 -0.85 25.54
C ARG A 72 43.17 0.50 26.05
N LYS A 73 44.48 0.65 26.22
CA LYS A 73 45.03 1.84 26.84
C LYS A 73 44.83 3.07 25.96
N VAL A 74 45.17 2.95 24.69
CA VAL A 74 44.94 4.05 23.76
C VAL A 74 43.45 4.36 23.66
N ALA A 75 42.64 3.31 23.64
CA ALA A 75 41.19 3.42 23.55
C ALA A 75 40.61 4.23 24.69
N LYS A 76 41.07 3.97 25.90
CA LYS A 76 40.55 4.70 27.05
C LYS A 76 41.17 6.08 27.19
N ARG A 77 42.41 6.24 26.74
CA ARG A 77 43.03 7.57 26.72
C ARG A 77 42.26 8.51 25.81
N LEU A 78 41.78 8.01 24.67
CA LEU A 78 40.97 8.81 23.75
C LEU A 78 39.50 8.82 24.16
N ASP A 79 39.16 8.02 25.19
CA ASP A 79 37.82 7.94 25.73
C ASP A 79 36.82 7.46 24.68
N LYS A 80 37.18 6.39 23.99
CA LYS A 80 36.38 5.84 22.90
C LYS A 80 36.16 4.35 23.09
N ILE A 81 34.99 3.88 22.67
CA ILE A 81 34.65 2.47 22.79
C ILE A 81 35.12 1.72 21.54
N VAL A 82 36.17 0.91 21.68
CA VAL A 82 36.55 0.02 20.58
C VAL A 82 36.60 -1.42 21.09
N ALA A 83 35.92 -2.32 20.37
CA ALA A 83 35.87 -3.73 20.73
C ALA A 83 37.10 -4.47 20.22
N ILE A 84 37.32 -5.68 20.71
CA ILE A 84 38.42 -6.52 20.27
C ILE A 84 37.82 -7.80 19.70
N LEU A 85 38.13 -8.10 18.44
CA LEU A 85 37.67 -9.33 17.80
C LEU A 85 38.83 -10.29 17.58
N LEU A 86 38.64 -11.54 17.99
CA LEU A 86 39.63 -12.59 17.84
C LEU A 86 39.16 -13.54 16.74
N ASP A 87 40.00 -13.74 15.72
CA ASP A 87 39.63 -14.54 14.55
C ASP A 87 40.43 -15.86 14.59
N THR A 88 39.73 -16.96 14.88
CA THR A 88 40.37 -18.27 15.02
C THR A 88 40.96 -18.71 13.69
N LYS A 89 42.00 -19.54 13.71
CA LYS A 89 42.56 -20.02 12.44
C LYS A 89 41.62 -21.06 11.84
N GLY A 90 41.05 -21.91 12.70
CA GLY A 90 40.08 -22.91 12.27
C GLY A 90 40.77 -24.18 11.87
N PRO A 91 40.00 -25.21 11.50
CA PRO A 91 40.58 -26.40 10.93
C PRO A 91 41.02 -26.12 9.51
N GLU A 92 41.88 -26.98 8.97
CA GLU A 92 42.23 -26.90 7.56
C GLU A 92 42.88 -28.18 7.04
N ILE A 93 42.82 -28.35 5.73
CA ILE A 93 43.50 -29.43 5.04
C ILE A 93 44.75 -28.85 4.40
N ARG A 94 45.85 -29.57 4.51
CA ARG A 94 47.12 -29.11 3.95
C ARG A 94 47.93 -30.23 3.34
N THR A 95 48.75 -29.86 2.37
CA THR A 95 49.70 -30.75 1.77
C THR A 95 50.84 -30.96 2.76
N HIS A 96 51.31 -32.20 2.87
CA HIS A 96 52.58 -32.48 3.54
C HIS A 96 53.70 -31.98 2.66
N ASN A 97 54.93 -32.11 3.13
CA ASN A 97 56.06 -31.57 2.38
C ASN A 97 56.29 -32.25 1.04
N MET A 98 57.01 -31.56 0.16
CA MET A 98 57.18 -31.94 -1.23
C MET A 98 58.66 -32.24 -1.53
N LYS A 99 58.92 -33.18 -2.42
CA LYS A 99 60.32 -33.54 -2.76
C LYS A 99 61.01 -32.40 -3.52
N ASP A 100 62.14 -31.95 -2.96
CA ASP A 100 62.86 -30.73 -3.38
C ASP A 100 62.16 -29.43 -2.94
N GLY A 101 61.03 -29.55 -2.24
CA GLY A 101 60.27 -28.39 -1.82
C GLY A 101 59.31 -27.85 -2.88
N ILE A 102 59.64 -28.02 -4.14
CA ILE A 102 58.82 -27.55 -5.25
C ILE A 102 58.57 -28.70 -6.22
N ILE A 103 57.36 -28.77 -6.76
CA ILE A 103 56.96 -29.84 -7.66
C ILE A 103 55.95 -29.30 -8.70
N GLU A 104 55.90 -29.96 -9.86
CA GLU A 104 55.11 -29.49 -11.01
C GLU A 104 54.07 -30.53 -11.45
N LEU A 105 52.98 -30.06 -12.06
CA LEU A 105 51.89 -30.95 -12.50
C LEU A 105 51.40 -30.65 -13.94
N GLU A 106 51.58 -31.63 -14.83
CA GLU A 106 51.19 -31.49 -16.25
C GLU A 106 49.67 -31.35 -16.36
N ARG A 107 49.23 -30.68 -17.42
CA ARG A 107 47.84 -30.24 -17.54
C ARG A 107 46.85 -31.30 -18.04
N GLY A 108 47.33 -32.47 -18.45
CA GLY A 108 46.44 -33.56 -18.87
C GLY A 108 46.78 -34.88 -18.20
N ASN A 109 47.50 -34.79 -17.10
CA ASN A 109 48.12 -35.94 -16.46
C ASN A 109 47.29 -36.48 -15.29
N GLU A 110 47.88 -37.37 -14.51
CA GLU A 110 47.27 -37.88 -13.30
C GLU A 110 48.16 -37.62 -12.08
N VAL A 111 47.52 -37.44 -10.94
CA VAL A 111 48.21 -37.37 -9.64
C VAL A 111 47.42 -38.18 -8.60
N ILE A 112 48.14 -38.96 -7.81
CA ILE A 112 47.54 -39.76 -6.74
C ILE A 112 47.63 -38.97 -5.45
N VAL A 113 46.48 -38.67 -4.85
CA VAL A 113 46.44 -37.98 -3.56
C VAL A 113 46.35 -39.03 -2.47
N SER A 114 47.44 -39.17 -1.72
CA SER A 114 47.61 -40.25 -0.74
C SER A 114 47.27 -39.81 0.68
N MET A 115 46.45 -40.61 1.36
CA MET A 115 46.10 -40.35 2.75
C MET A 115 47.30 -40.61 3.68
N ASN A 116 48.12 -41.61 3.34
CA ASN A 116 49.39 -41.84 4.05
C ASN A 116 50.43 -40.82 3.65
N GLU A 117 51.19 -40.33 4.63
CA GLU A 117 52.15 -39.26 4.36
C GLU A 117 53.26 -39.78 3.46
N VAL A 118 53.62 -38.97 2.48
CA VAL A 118 54.67 -39.30 1.53
C VAL A 118 55.39 -38.02 1.11
N GLU A 119 56.59 -38.18 0.57
CA GLU A 119 57.26 -37.05 -0.09
C GLU A 119 56.53 -36.74 -1.38
N GLY A 120 56.53 -35.46 -1.75
CA GLY A 120 55.81 -35.02 -2.93
C GLY A 120 56.44 -35.50 -4.24
N THR A 121 55.59 -35.62 -5.26
CA THR A 121 56.02 -35.97 -6.61
C THR A 121 54.88 -35.61 -7.56
N PRO A 122 55.17 -35.52 -8.88
CA PRO A 122 54.09 -35.35 -9.85
C PRO A 122 53.07 -36.50 -9.89
N GLU A 123 53.35 -37.61 -9.19
CA GLU A 123 52.42 -38.73 -9.06
C GLU A 123 51.82 -38.84 -7.65
N LYS A 124 52.63 -39.25 -6.69
CA LYS A 124 52.17 -39.46 -5.31
C LYS A 124 52.41 -38.17 -4.54
N PHE A 125 51.61 -37.96 -3.49
CA PHE A 125 51.40 -36.60 -2.99
C PHE A 125 50.38 -36.67 -1.85
N SER A 126 50.74 -36.14 -0.68
CA SER A 126 49.98 -36.44 0.56
C SER A 126 49.31 -35.24 1.26
N VAL A 127 48.19 -35.49 1.94
CA VAL A 127 47.41 -34.45 2.64
C VAL A 127 47.26 -34.77 4.12
N THR A 128 47.12 -33.73 4.94
CA THR A 128 47.06 -33.89 6.40
C THR A 128 45.73 -34.44 6.87
N TYR A 129 44.66 -34.06 6.17
CA TYR A 129 43.33 -34.57 6.46
C TYR A 129 43.21 -35.99 5.94
N GLU A 130 43.61 -36.95 6.77
CA GLU A 130 43.66 -38.35 6.34
C GLU A 130 42.28 -38.91 6.02
N ASN A 131 41.23 -38.17 6.38
CA ASN A 131 39.89 -38.63 6.12
C ASN A 131 39.27 -38.09 4.83
N LEU A 132 40.11 -37.48 3.98
CA LEU A 132 39.66 -36.83 2.73
C LEU A 132 38.94 -37.79 1.79
N ILE A 133 39.53 -38.98 1.66
CA ILE A 133 39.02 -40.02 0.80
C ILE A 133 37.53 -40.34 1.02
N ASN A 134 37.07 -40.22 2.27
CA ASN A 134 35.68 -40.55 2.62
C ASN A 134 34.67 -39.45 2.30
N ASP A 135 35.15 -38.22 2.12
CA ASP A 135 34.27 -37.11 1.87
C ASP A 135 34.08 -36.90 0.37
N VAL A 136 35.09 -37.23 -0.43
CA VAL A 136 35.00 -37.05 -1.89
C VAL A 136 34.39 -38.29 -2.54
N GLN A 137 34.04 -38.16 -3.82
CA GLN A 137 33.60 -39.28 -4.63
C GLN A 137 34.17 -39.10 -6.03
N VAL A 138 33.97 -40.08 -6.92
CA VAL A 138 34.46 -39.95 -8.30
C VAL A 138 33.85 -38.71 -8.96
N GLY A 139 34.71 -37.84 -9.47
CA GLY A 139 34.24 -36.61 -10.13
C GLY A 139 34.22 -35.37 -9.25
N SER A 140 34.43 -35.54 -7.94
CA SER A 140 34.57 -34.40 -7.03
C SER A 140 35.85 -33.64 -7.38
N TYR A 141 35.80 -32.31 -7.31
CA TYR A 141 36.97 -31.50 -7.57
C TYR A 141 37.78 -31.36 -6.29
N ILE A 142 39.09 -31.19 -6.43
CA ILE A 142 40.00 -30.95 -5.31
C ILE A 142 40.95 -29.82 -5.66
N LEU A 143 40.83 -28.68 -4.98
CA LEU A 143 41.62 -27.50 -5.29
C LEU A 143 42.88 -27.42 -4.41
N LEU A 144 44.04 -27.22 -5.03
CA LEU A 144 45.30 -27.12 -4.30
C LEU A 144 45.81 -25.68 -4.26
N ASP A 145 46.26 -25.27 -3.07
CA ASP A 145 46.87 -23.96 -2.85
C ASP A 145 45.97 -22.80 -3.29
N ASP A 146 44.85 -22.65 -2.58
CA ASP A 146 43.87 -21.60 -2.86
C ASP A 146 43.43 -21.62 -4.33
N GLY A 147 43.15 -22.83 -4.83
CA GLY A 147 42.66 -23.00 -6.19
C GLY A 147 43.63 -22.71 -7.31
N LEU A 148 44.94 -22.69 -7.02
CA LEU A 148 45.97 -22.40 -8.02
C LEU A 148 45.91 -23.43 -9.14
N ILE A 149 45.80 -24.70 -8.77
CA ILE A 149 45.65 -25.77 -9.74
C ILE A 149 44.57 -26.71 -9.24
N GLU A 150 43.61 -27.04 -10.10
CA GLU A 150 42.48 -27.87 -9.69
C GLU A 150 42.60 -29.29 -10.24
N LEU A 151 42.43 -30.29 -9.36
CA LEU A 151 42.39 -31.69 -9.76
C LEU A 151 40.93 -32.13 -9.93
N GLN A 152 40.73 -33.42 -10.19
CA GLN A 152 39.39 -34.01 -10.19
C GLN A 152 39.51 -35.51 -9.96
N VAL A 153 38.70 -36.04 -9.07
CA VAL A 153 38.79 -37.44 -8.67
C VAL A 153 38.40 -38.38 -9.82
N LYS A 154 39.31 -39.29 -10.16
CA LYS A 154 39.15 -40.23 -11.27
C LYS A 154 38.62 -41.60 -10.77
N ASP A 155 39.43 -42.32 -9.98
CA ASP A 155 39.00 -43.54 -9.27
C ASP A 155 39.38 -43.41 -7.80
N ILE A 156 38.64 -44.11 -6.94
CA ILE A 156 38.96 -44.19 -5.53
C ILE A 156 39.14 -45.68 -5.17
N ASP A 157 40.34 -46.04 -4.73
CA ASP A 157 40.58 -47.34 -4.10
C ASP A 157 41.02 -47.13 -2.67
N HIS A 158 40.13 -47.48 -1.74
CA HIS A 158 40.44 -47.47 -0.31
C HIS A 158 41.40 -48.56 0.06
N ALA A 159 41.55 -49.54 -0.83
CA ALA A 159 42.57 -50.57 -0.70
C ALA A 159 43.88 -49.92 -0.30
N LYS A 160 44.46 -49.15 -1.22
CA LYS A 160 45.71 -48.46 -0.97
C LYS A 160 45.48 -47.08 -0.31
N LYS A 161 44.23 -46.74 -0.04
CA LYS A 161 43.85 -45.42 0.49
C LYS A 161 44.48 -44.30 -0.33
N GLU A 162 44.15 -44.32 -1.61
CA GLU A 162 44.63 -43.34 -2.57
C GLU A 162 43.49 -42.86 -3.42
N VAL A 163 43.62 -41.64 -3.92
CA VAL A 163 42.63 -41.03 -4.82
C VAL A 163 43.34 -40.62 -6.10
N LYS A 164 43.06 -41.36 -7.18
CA LYS A 164 43.61 -41.07 -8.52
C LYS A 164 42.88 -39.85 -9.05
N CYS A 165 43.61 -38.89 -9.57
CA CYS A 165 43.03 -37.61 -9.99
C CYS A 165 43.61 -37.09 -11.29
N ASP A 166 42.72 -36.68 -12.21
CA ASP A 166 43.11 -35.99 -13.45
C ASP A 166 43.44 -34.55 -13.15
N ILE A 167 44.69 -34.17 -13.37
CA ILE A 167 45.14 -32.80 -13.15
C ILE A 167 44.66 -31.85 -14.28
N LEU A 168 43.66 -31.03 -13.97
CA LEU A 168 42.91 -30.23 -14.95
C LEU A 168 43.66 -29.00 -15.43
N ASN A 169 44.03 -28.12 -14.51
CA ASN A 169 44.90 -26.98 -14.83
C ASN A 169 46.28 -27.30 -14.32
N SER A 170 47.31 -26.73 -14.93
CA SER A 170 48.69 -27.07 -14.57
C SER A 170 49.30 -25.96 -13.74
N GLY A 171 50.44 -26.28 -13.13
CA GLY A 171 51.14 -25.33 -12.29
C GLY A 171 52.05 -26.02 -11.29
N GLU A 172 52.61 -25.21 -10.38
CA GLU A 172 53.59 -25.69 -9.40
C GLU A 172 52.92 -25.95 -8.06
N LEU A 173 53.69 -26.49 -7.12
CA LEU A 173 53.16 -26.87 -5.81
C LEU A 173 54.24 -26.89 -4.74
N LYS A 174 54.17 -25.90 -3.84
CA LYS A 174 55.11 -25.80 -2.71
C LYS A 174 54.73 -26.80 -1.61
N ASN A 175 55.42 -26.73 -0.47
CA ASN A 175 55.27 -27.73 0.62
C ASN A 175 53.92 -27.68 1.35
N LYS A 176 53.85 -26.95 2.45
CA LYS A 176 52.69 -26.98 3.35
C LYS A 176 51.53 -26.09 2.84
N LYS A 177 51.05 -26.38 1.63
CA LYS A 177 50.03 -25.56 0.97
C LYS A 177 48.66 -26.17 1.18
N GLY A 178 47.63 -25.34 1.05
CA GLY A 178 46.26 -25.72 1.40
C GLY A 178 45.52 -26.53 0.36
N VAL A 179 44.44 -27.16 0.82
CA VAL A 179 43.57 -27.99 -0.02
C VAL A 179 42.09 -27.66 0.29
N ASN A 180 41.22 -27.62 -0.73
CA ASN A 180 39.80 -27.34 -0.52
C ASN A 180 38.93 -28.28 -1.33
N LEU A 181 37.82 -28.72 -0.75
CA LEU A 181 36.89 -29.65 -1.40
C LEU A 181 35.51 -29.00 -1.57
N PRO A 182 35.24 -28.43 -2.76
CA PRO A 182 33.93 -27.81 -3.00
C PRO A 182 32.76 -28.70 -2.61
N GLY A 183 31.91 -28.19 -1.72
CA GLY A 183 31.03 -29.01 -0.86
C GLY A 183 30.21 -30.11 -1.52
N VAL A 184 30.35 -31.38 -1.12
CA VAL A 184 31.29 -31.91 -0.09
C VAL A 184 31.16 -31.41 1.36
N ARG A 185 30.47 -32.21 2.18
CA ARG A 185 30.46 -32.00 3.62
C ARG A 185 31.86 -32.26 4.11
N VAL A 186 32.66 -31.22 4.23
CA VAL A 186 34.01 -31.41 4.78
C VAL A 186 33.86 -31.82 6.26
N SER A 187 34.50 -32.93 6.62
CA SER A 187 34.20 -33.60 7.90
C SER A 187 35.27 -33.34 8.98
N LEU A 188 35.96 -32.20 8.88
CA LEU A 188 36.81 -31.69 9.94
C LEU A 188 35.99 -31.42 11.22
N PRO A 189 36.65 -31.24 12.36
CA PRO A 189 35.92 -30.84 13.57
C PRO A 189 35.60 -29.36 13.52
N GLY A 190 34.76 -28.89 14.45
CA GLY A 190 34.42 -27.48 14.54
C GLY A 190 35.60 -26.57 14.84
N ILE A 191 36.50 -27.03 15.72
CA ILE A 191 37.65 -26.25 16.18
C ILE A 191 38.92 -27.10 16.38
N THR A 192 40.09 -26.52 16.04
CA THR A 192 41.39 -27.14 16.31
C THR A 192 41.60 -27.23 17.81
N GLU A 193 42.56 -28.04 18.24
CA GLU A 193 42.99 -28.01 19.62
C GLU A 193 43.60 -26.64 19.93
N LYS A 194 44.31 -26.08 18.94
CA LYS A 194 44.83 -24.70 19.02
C LYS A 194 43.69 -23.70 19.18
N ASP A 195 42.62 -23.89 18.41
CA ASP A 195 41.48 -23.00 18.50
C ASP A 195 40.91 -22.97 19.92
N ALA A 196 40.88 -24.13 20.58
CA ALA A 196 40.47 -24.20 21.97
C ALA A 196 41.43 -23.36 22.81
N GLU A 197 42.72 -23.65 22.72
CA GLU A 197 43.75 -22.85 23.39
C GLU A 197 43.58 -21.36 23.10
N ASP A 198 43.31 -21.03 21.83
CA ASP A 198 43.15 -19.63 21.40
C ASP A 198 41.92 -18.93 21.97
N ILE A 199 40.79 -19.63 22.05
CA ILE A 199 39.57 -18.99 22.57
C ILE A 199 39.57 -18.94 24.11
N ARG A 200 40.37 -19.77 24.77
CA ARG A 200 40.52 -19.67 26.23
C ARG A 200 41.32 -18.43 26.57
N PHE A 201 42.38 -18.18 25.80
CA PHE A 201 43.14 -16.93 25.88
C PHE A 201 42.21 -15.73 25.74
N GLY A 202 41.26 -15.83 24.82
CA GLY A 202 40.30 -14.75 24.62
C GLY A 202 39.38 -14.56 25.81
N ILE A 203 39.02 -15.65 26.47
CA ILE A 203 38.18 -15.57 27.66
C ILE A 203 38.95 -14.87 28.77
N LYS A 204 40.24 -15.16 28.87
CA LYS A 204 41.10 -14.57 29.89
C LYS A 204 41.26 -13.04 29.70
N GLU A 205 41.22 -12.56 28.46
CA GLU A 205 41.41 -11.13 28.19
C GLU A 205 40.12 -10.34 27.92
N ASN A 206 38.98 -10.90 28.33
CA ASN A 206 37.64 -10.27 28.15
C ASN A 206 37.45 -9.71 26.74
N VAL A 207 37.95 -10.47 25.76
CA VAL A 207 37.80 -10.12 24.37
C VAL A 207 36.29 -10.14 24.05
N ASP A 208 35.89 -9.32 23.07
CA ASP A 208 34.46 -9.01 22.84
C ASP A 208 33.80 -9.89 21.79
N PHE A 209 34.58 -10.30 20.80
CA PHE A 209 34.08 -11.07 19.67
C PHE A 209 35.01 -12.21 19.30
N ILE A 210 34.42 -13.36 19.00
CA ILE A 210 35.16 -14.49 18.42
C ILE A 210 34.61 -14.78 17.02
N ALA A 211 35.47 -14.58 16.01
CA ALA A 211 35.14 -14.91 14.62
C ALA A 211 35.66 -16.32 14.33
N ALA A 212 34.73 -17.28 14.30
CA ALA A 212 35.05 -18.69 14.16
C ALA A 212 35.15 -19.10 12.69
N SER A 213 36.30 -19.62 12.29
CA SER A 213 36.57 -19.94 10.90
C SER A 213 35.95 -21.25 10.45
N PHE A 214 35.67 -21.32 9.15
CA PHE A 214 35.22 -22.53 8.47
C PHE A 214 33.99 -23.14 9.13
N VAL A 215 33.10 -22.31 9.66
CA VAL A 215 31.87 -22.81 10.26
C VAL A 215 31.00 -23.34 9.13
N ARG A 216 30.37 -24.47 9.39
CA ARG A 216 29.44 -25.01 8.40
C ARG A 216 28.21 -25.71 8.95
N ARG A 217 28.26 -26.12 10.21
CA ARG A 217 27.06 -26.57 10.91
C ARG A 217 26.90 -25.83 12.21
N PRO A 218 25.68 -25.85 12.78
CA PRO A 218 25.49 -25.30 14.11
C PRO A 218 26.40 -25.95 15.16
N SER A 219 26.63 -27.26 15.04
CA SER A 219 27.59 -27.99 15.90
C SER A 219 28.85 -27.19 16.10
N ASP A 220 29.39 -26.70 15.00
CA ASP A 220 30.68 -26.03 14.98
C ASP A 220 30.69 -24.73 15.77
N VAL A 221 29.53 -24.11 15.93
CA VAL A 221 29.43 -22.90 16.75
C VAL A 221 29.26 -23.31 18.19
N LEU A 222 28.33 -24.22 18.45
CA LEU A 222 28.07 -24.68 19.81
C LEU A 222 29.33 -25.19 20.53
N GLU A 223 30.29 -25.73 19.76
CA GLU A 223 31.58 -26.17 20.31
C GLU A 223 32.34 -25.03 20.95
N ILE A 224 32.19 -23.82 20.40
CA ILE A 224 32.76 -22.63 21.01
C ILE A 224 31.92 -22.17 22.18
N ARG A 225 30.60 -22.09 21.99
CA ARG A 225 29.71 -21.56 23.02
C ARG A 225 29.73 -22.43 24.28
N GLU A 226 30.00 -23.73 24.16
CA GLU A 226 30.07 -24.57 25.35
C GLU A 226 31.35 -24.29 26.14
N ILE A 227 32.43 -23.92 25.45
CA ILE A 227 33.64 -23.45 26.13
C ILE A 227 33.35 -22.14 26.85
N LEU A 228 32.61 -21.26 26.19
CA LEU A 228 32.25 -19.98 26.79
C LEU A 228 31.36 -20.18 28.00
N GLU A 229 30.41 -21.12 27.95
CA GLU A 229 29.48 -21.29 29.05
C GLU A 229 30.16 -21.92 30.29
N GLU A 230 31.24 -22.68 30.09
CA GLU A 230 32.03 -23.19 31.22
C GLU A 230 32.57 -22.05 32.06
N GLN A 231 33.07 -21.02 31.38
CA GLN A 231 33.60 -19.83 32.03
C GLN A 231 32.54 -18.76 32.31
N LYS A 232 31.31 -18.98 31.87
CA LYS A 232 30.30 -17.94 31.88
C LYS A 232 30.93 -16.67 31.28
N ALA A 233 31.38 -16.80 30.03
CA ALA A 233 32.24 -15.81 29.42
C ALA A 233 31.51 -14.56 28.98
N ASN A 234 30.46 -14.73 28.17
CA ASN A 234 29.77 -13.61 27.50
C ASN A 234 30.68 -12.93 26.47
N ILE A 235 31.00 -13.69 25.45
CA ILE A 235 31.62 -13.19 24.23
C ILE A 235 30.68 -13.54 23.07
N SER A 236 30.54 -12.60 22.14
CA SER A 236 29.72 -12.85 20.94
C SER A 236 30.50 -13.71 19.94
N VAL A 237 29.81 -14.71 19.37
CA VAL A 237 30.40 -15.65 18.40
C VAL A 237 29.86 -15.36 16.97
N PHE A 238 30.79 -15.04 16.06
CA PHE A 238 30.48 -14.67 14.68
C PHE A 238 31.11 -15.72 13.74
N PRO A 239 30.30 -16.65 13.23
CA PRO A 239 30.84 -17.66 12.31
C PRO A 239 31.29 -17.04 10.97
N LYS A 240 32.20 -17.72 10.26
CA LYS A 240 32.79 -17.17 9.03
C LYS A 240 32.17 -17.62 7.68
N ILE A 241 31.51 -18.79 7.61
CA ILE A 241 30.85 -19.21 6.35
C ILE A 241 31.74 -19.07 5.10
N GLU A 242 32.39 -20.16 4.72
CA GLU A 242 33.38 -20.15 3.65
C GLU A 242 33.14 -21.24 2.60
N ASN A 243 32.00 -21.92 2.67
CA ASN A 243 31.72 -23.01 1.74
C ASN A 243 30.23 -23.31 1.59
N GLN A 244 29.90 -24.23 0.68
CA GLN A 244 28.49 -24.48 0.33
C GLN A 244 27.68 -24.97 1.52
N GLU A 245 28.24 -25.89 2.28
CA GLU A 245 27.56 -26.37 3.47
C GLU A 245 27.22 -25.21 4.42
N GLY A 246 28.13 -24.26 4.52
CA GLY A 246 27.89 -23.04 5.31
C GLY A 246 26.71 -22.26 4.76
N ILE A 247 26.78 -21.90 3.49
CA ILE A 247 25.69 -21.18 2.83
C ILE A 247 24.37 -21.89 3.08
N ASP A 248 24.36 -23.19 2.85
CA ASP A 248 23.14 -23.99 2.94
C ASP A 248 22.52 -23.97 4.33
N ASN A 249 23.38 -23.93 5.35
CA ASN A 249 22.92 -23.98 6.73
C ASN A 249 22.82 -22.60 7.41
N ILE A 250 22.74 -21.53 6.62
CA ILE A 250 22.82 -20.19 7.18
C ILE A 250 21.76 -19.92 8.22
N GLU A 251 20.52 -20.38 7.99
CA GLU A 251 19.45 -20.10 8.95
C GLU A 251 19.69 -20.82 10.26
N GLU A 252 20.10 -22.07 10.18
CA GLU A 252 20.29 -22.90 11.36
C GLU A 252 21.47 -22.40 12.19
N ILE A 253 22.45 -21.79 11.53
CA ILE A 253 23.66 -21.32 12.19
C ILE A 253 23.39 -20.03 12.93
N LEU A 254 22.68 -19.11 12.30
CA LEU A 254 22.38 -17.83 12.93
C LEU A 254 21.46 -18.04 14.14
N GLU A 255 20.62 -19.08 14.09
CA GLU A 255 19.78 -19.48 15.23
C GLU A 255 20.61 -19.62 16.50
N VAL A 256 21.88 -19.98 16.30
CA VAL A 256 22.80 -20.38 17.34
C VAL A 256 24.01 -19.43 17.41
N SER A 257 23.92 -18.27 16.76
CA SER A 257 25.05 -17.34 16.66
C SER A 257 24.66 -15.90 16.96
N ASP A 258 25.66 -15.09 17.30
CA ASP A 258 25.42 -13.72 17.74
C ASP A 258 25.51 -12.75 16.57
N GLY A 259 26.30 -13.11 15.56
CA GLY A 259 26.41 -12.33 14.34
C GLY A 259 27.02 -13.20 13.26
N LEU A 260 27.61 -12.57 12.25
CA LEU A 260 28.16 -13.29 11.10
C LEU A 260 29.23 -12.50 10.37
N MET A 261 30.26 -13.20 9.91
CA MET A 261 31.26 -12.61 9.05
C MET A 261 31.10 -13.27 7.67
N VAL A 262 31.25 -12.48 6.61
CA VAL A 262 31.17 -13.00 5.24
C VAL A 262 32.53 -12.79 4.58
N ALA A 263 33.35 -13.84 4.58
CA ALA A 263 34.71 -13.76 4.03
C ALA A 263 34.69 -14.12 2.55
N ARG A 264 34.69 -13.11 1.68
CA ARG A 264 34.52 -13.33 0.25
C ARG A 264 35.69 -14.11 -0.37
N GLY A 265 36.91 -13.78 0.04
CA GLY A 265 38.10 -14.41 -0.52
C GLY A 265 38.18 -15.90 -0.24
N ASP A 266 37.92 -16.24 1.02
CA ASP A 266 37.94 -17.63 1.48
C ASP A 266 36.81 -18.40 0.79
N MET A 267 35.67 -17.74 0.65
CA MET A 267 34.49 -18.28 -0.01
C MET A 267 34.72 -18.48 -1.51
N GLY A 268 35.45 -17.52 -2.10
CA GLY A 268 35.73 -17.52 -3.52
C GLY A 268 36.53 -18.72 -4.00
N VAL A 269 37.38 -19.26 -3.13
CA VAL A 269 38.17 -20.44 -3.46
C VAL A 269 37.27 -21.67 -3.70
N GLU A 270 36.23 -21.82 -2.88
CA GLU A 270 35.36 -23.00 -2.93
C GLU A 270 34.14 -22.86 -3.88
N ILE A 271 33.66 -21.64 -4.11
CA ILE A 271 32.51 -21.44 -5.00
C ILE A 271 32.78 -20.38 -6.08
N PRO A 272 32.19 -20.55 -7.27
CA PRO A 272 32.54 -19.69 -8.39
C PRO A 272 32.36 -18.21 -8.05
N PRO A 273 33.36 -17.38 -8.37
CA PRO A 273 33.23 -15.93 -8.11
C PRO A 273 32.11 -15.23 -8.91
N GLU A 274 31.54 -15.89 -9.92
CA GLU A 274 30.34 -15.41 -10.61
C GLU A 274 29.13 -15.45 -9.68
N LYS A 275 29.22 -16.32 -8.67
CA LYS A 275 28.10 -16.65 -7.80
C LYS A 275 28.21 -16.04 -6.40
N VAL A 276 29.40 -15.54 -6.05
CA VAL A 276 29.66 -15.02 -4.70
C VAL A 276 28.80 -13.82 -4.31
N PRO A 277 28.69 -12.80 -5.18
CA PRO A 277 27.95 -11.59 -4.77
C PRO A 277 26.44 -11.82 -4.59
N MET A 278 25.87 -12.82 -5.24
CA MET A 278 24.47 -13.19 -4.98
C MET A 278 24.37 -13.79 -3.58
N VAL A 279 25.38 -14.58 -3.21
CA VAL A 279 25.43 -15.20 -1.88
C VAL A 279 25.71 -14.17 -0.78
N GLN A 280 26.66 -13.27 -1.01
CA GLN A 280 26.87 -12.16 -0.08
C GLN A 280 25.56 -11.43 0.17
N LYS A 281 24.90 -11.00 -0.90
CA LYS A 281 23.66 -10.24 -0.79
C LYS A 281 22.62 -11.01 0.02
N ASP A 282 22.60 -12.32 -0.13
CA ASP A 282 21.60 -13.14 0.55
C ASP A 282 21.90 -13.35 2.01
N LEU A 283 23.16 -13.66 2.34
CA LEU A 283 23.56 -13.87 3.73
C LEU A 283 23.33 -12.59 4.53
N ILE A 284 23.81 -11.45 4.00
CA ILE A 284 23.64 -10.17 4.67
C ILE A 284 22.18 -9.90 4.93
N ARG A 285 21.34 -10.21 3.93
CA ARG A 285 19.91 -10.02 4.08
C ARG A 285 19.34 -10.98 5.13
N GLN A 286 19.88 -12.20 5.19
CA GLN A 286 19.42 -13.19 6.15
C GLN A 286 19.77 -12.82 7.59
N CYS A 287 20.85 -12.05 7.74
CA CYS A 287 21.28 -11.52 9.04
C CYS A 287 20.43 -10.33 9.45
N ASN A 288 20.14 -9.45 8.50
CA ASN A 288 19.24 -8.33 8.74
C ASN A 288 17.86 -8.79 9.21
N LYS A 289 17.41 -9.92 8.69
CA LYS A 289 16.11 -10.46 9.04
C LYS A 289 16.04 -10.75 10.52
N LEU A 290 17.15 -11.20 11.11
CA LEU A 290 17.18 -11.64 12.50
C LEU A 290 17.87 -10.64 13.44
N GLY A 291 18.14 -9.43 12.98
CA GLY A 291 18.79 -8.40 13.81
C GLY A 291 20.22 -8.72 14.20
N LYS A 292 20.79 -9.78 13.63
CA LYS A 292 22.16 -10.19 13.92
C LYS A 292 23.09 -9.32 13.10
N PRO A 293 24.13 -8.78 13.73
CA PRO A 293 25.08 -7.98 12.96
C PRO A 293 25.86 -8.82 11.98
N VAL A 294 26.22 -8.23 10.84
CA VAL A 294 27.05 -8.92 9.86
C VAL A 294 28.22 -8.06 9.40
N ILE A 295 29.39 -8.69 9.31
CA ILE A 295 30.60 -8.05 8.84
C ILE A 295 30.89 -8.55 7.43
N THR A 296 31.17 -7.64 6.52
CA THR A 296 31.61 -8.04 5.19
C THR A 296 33.14 -7.92 5.19
N ALA A 297 33.83 -9.00 4.82
CA ALA A 297 35.27 -9.11 5.06
C ALA A 297 36.07 -9.51 3.84
N THR A 298 37.35 -9.12 3.84
CA THR A 298 38.34 -9.54 2.83
C THR A 298 38.15 -8.83 1.50
N GLN A 299 39.26 -8.69 0.77
CA GLN A 299 39.26 -8.12 -0.58
C GLN A 299 38.58 -6.76 -0.66
N MET A 300 38.61 -5.99 0.41
CA MET A 300 37.86 -4.73 0.40
C MET A 300 38.62 -3.63 -0.33
N LEU A 301 39.71 -3.16 0.27
CA LEU A 301 40.55 -2.12 -0.33
C LEU A 301 41.98 -2.63 -0.49
N ASP A 302 42.12 -3.87 -0.96
CA ASP A 302 43.42 -4.52 -1.01
C ASP A 302 44.51 -3.70 -1.70
N SER A 303 44.14 -2.83 -2.64
CA SER A 303 45.14 -2.03 -3.37
C SER A 303 45.84 -0.99 -2.47
N MET A 304 45.25 -0.68 -1.32
CA MET A 304 45.83 0.29 -0.41
C MET A 304 46.96 -0.29 0.46
N GLN A 305 47.29 -1.55 0.24
CA GLN A 305 48.49 -2.14 0.81
C GLN A 305 49.74 -1.54 0.15
N ARG A 306 49.59 -1.13 -1.12
CA ARG A 306 50.68 -0.56 -1.89
C ARG A 306 50.43 0.89 -2.33
N ASN A 307 49.16 1.30 -2.43
CA ASN A 307 48.81 2.64 -2.88
C ASN A 307 48.09 3.46 -1.83
N PRO A 308 48.24 4.79 -1.89
CA PRO A 308 47.60 5.65 -0.90
C PRO A 308 46.16 6.02 -1.25
N ARG A 309 45.61 5.43 -2.31
CA ARG A 309 44.20 5.63 -2.64
C ARG A 309 43.62 4.38 -3.30
N ALA A 310 42.38 4.07 -2.97
CA ALA A 310 41.73 2.86 -3.50
C ALA A 310 41.23 3.05 -4.91
N THR A 311 40.99 1.94 -5.60
CA THR A 311 40.49 1.95 -6.98
C THR A 311 38.99 2.06 -7.01
N ARG A 312 38.46 2.54 -8.12
CA ARG A 312 37.02 2.66 -8.36
C ARG A 312 36.31 1.34 -8.09
N ALA A 313 36.87 0.24 -8.61
CA ALA A 313 36.28 -1.08 -8.43
C ALA A 313 36.11 -1.43 -6.94
N GLU A 314 37.13 -1.10 -6.13
CA GLU A 314 37.10 -1.38 -4.70
C GLU A 314 36.09 -0.50 -3.96
N ALA A 315 36.02 0.78 -4.34
CA ALA A 315 35.06 1.72 -3.76
C ALA A 315 33.65 1.21 -4.00
N SER A 316 33.36 0.89 -5.25
CA SER A 316 32.09 0.30 -5.64
C SER A 316 31.79 -0.96 -4.83
N ASP A 317 32.80 -1.80 -4.67
CA ASP A 317 32.66 -3.05 -3.95
C ASP A 317 32.23 -2.80 -2.48
N VAL A 318 32.94 -1.89 -1.80
CA VAL A 318 32.63 -1.52 -0.42
C VAL A 318 31.22 -0.95 -0.35
N ALA A 319 31.00 0.11 -1.14
CA ALA A 319 29.68 0.77 -1.19
C ALA A 319 28.55 -0.22 -1.37
N ASN A 320 28.75 -1.24 -2.20
CA ASN A 320 27.70 -2.22 -2.43
C ASN A 320 27.46 -3.12 -1.22
N ALA A 321 28.50 -3.40 -0.44
CA ALA A 321 28.31 -4.12 0.81
C ALA A 321 27.35 -3.31 1.70
N ILE A 322 27.61 -2.00 1.80
CA ILE A 322 26.78 -1.09 2.58
C ILE A 322 25.33 -1.12 2.09
N TYR A 323 25.15 -1.07 0.79
CA TYR A 323 23.81 -1.14 0.22
C TYR A 323 23.13 -2.50 0.42
N ASP A 324 23.91 -3.58 0.44
CA ASP A 324 23.35 -4.91 0.68
C ASP A 324 22.73 -5.02 2.06
N GLY A 325 23.21 -4.15 2.98
CA GLY A 325 22.67 -4.03 4.33
C GLY A 325 23.63 -4.46 5.41
N THR A 326 24.93 -4.30 5.18
CA THR A 326 25.95 -4.79 6.11
C THR A 326 26.01 -3.90 7.36
N ASP A 327 26.26 -4.50 8.52
CA ASP A 327 26.45 -3.70 9.74
C ASP A 327 27.86 -3.12 9.73
N ALA A 328 28.84 -3.95 9.46
CA ALA A 328 30.24 -3.52 9.46
C ALA A 328 31.06 -3.95 8.25
N VAL A 329 32.24 -3.35 8.14
CA VAL A 329 33.09 -3.50 6.97
C VAL A 329 34.53 -3.69 7.43
N MET A 330 35.19 -4.78 7.02
CA MET A 330 36.50 -5.15 7.57
C MET A 330 37.69 -4.79 6.70
N LEU A 331 38.83 -4.51 7.32
CA LEU A 331 40.09 -4.32 6.61
C LEU A 331 41.06 -5.39 7.09
N SER A 332 41.88 -5.93 6.18
CA SER A 332 42.84 -6.96 6.54
C SER A 332 44.25 -6.41 6.42
N GLY A 333 44.96 -6.80 5.36
CA GLY A 333 46.33 -6.37 5.16
C GLY A 333 46.47 -4.86 5.05
N GLU A 334 45.42 -4.21 4.55
CA GLU A 334 45.39 -2.76 4.39
C GLU A 334 45.91 -2.06 5.62
N THR A 335 45.38 -2.46 6.78
CA THR A 335 45.78 -1.93 8.09
C THR A 335 46.82 -2.78 8.80
N ALA A 336 46.86 -4.08 8.54
CA ALA A 336 47.75 -4.99 9.29
C ALA A 336 49.21 -4.89 8.84
N ALA A 337 49.48 -5.14 7.57
CA ALA A 337 50.86 -5.13 7.06
C ALA A 337 51.11 -4.06 6.02
N GLY A 338 50.07 -3.32 5.63
CA GLY A 338 50.15 -2.40 4.49
C GLY A 338 50.99 -1.16 4.73
N LEU A 339 51.42 -0.53 3.65
CA LEU A 339 52.18 0.72 3.73
C LEU A 339 51.31 1.92 4.14
N TYR A 340 49.98 1.78 4.08
CA TYR A 340 49.08 2.93 4.29
C TYR A 340 47.87 2.57 5.15
N PRO A 341 48.11 2.32 6.44
CA PRO A 341 47.05 1.86 7.32
C PRO A 341 46.01 2.94 7.66
N GLU A 342 46.47 4.15 7.94
CA GLU A 342 45.58 5.25 8.31
C GLU A 342 44.73 5.63 7.12
N GLU A 343 45.35 5.68 5.95
CA GLU A 343 44.71 6.15 4.74
C GLU A 343 43.64 5.17 4.30
N ALA A 344 43.87 3.89 4.60
CA ALA A 344 42.88 2.87 4.34
C ALA A 344 41.63 3.09 5.20
N VAL A 345 41.83 3.38 6.47
CA VAL A 345 40.68 3.55 7.37
C VAL A 345 39.97 4.86 7.09
N LYS A 346 40.73 5.93 6.83
CA LYS A 346 40.13 7.21 6.46
C LYS A 346 39.27 7.00 5.21
N THR A 347 39.84 6.30 4.23
CA THR A 347 39.18 6.13 2.92
C THR A 347 37.96 5.22 3.01
N MET A 348 37.96 4.31 3.99
CA MET A 348 36.86 3.40 4.24
C MET A 348 35.67 4.15 4.80
N ARG A 349 35.93 5.00 5.79
CA ARG A 349 34.89 5.83 6.39
C ARG A 349 34.26 6.70 5.31
N ASN A 350 35.11 7.32 4.49
CA ASN A 350 34.65 8.22 3.44
C ASN A 350 33.69 7.56 2.48
N ILE A 351 34.01 6.35 2.03
CA ILE A 351 33.09 5.58 1.17
C ILE A 351 31.80 5.34 1.94
N ALA A 352 31.96 4.91 3.19
CA ALA A 352 30.84 4.61 4.06
C ALA A 352 29.89 5.80 4.13
N VAL A 353 30.44 6.96 4.46
CA VAL A 353 29.63 8.17 4.60
C VAL A 353 28.93 8.51 3.26
N SER A 354 29.71 8.53 2.18
CA SER A 354 29.16 8.81 0.84
C SER A 354 27.99 7.90 0.52
N ALA A 355 28.21 6.60 0.65
CA ALA A 355 27.21 5.62 0.25
C ALA A 355 25.91 5.76 1.03
N GLU A 356 26.01 6.06 2.32
CA GLU A 356 24.83 6.22 3.17
C GLU A 356 24.17 7.55 2.86
N ALA A 357 24.99 8.58 2.67
CA ALA A 357 24.50 9.92 2.31
C ALA A 357 23.46 9.82 1.23
N ALA A 358 23.75 9.03 0.21
CA ALA A 358 22.88 8.91 -0.94
C ALA A 358 22.07 7.63 -0.87
N GLN A 359 21.28 7.45 0.18
CA GLN A 359 20.36 6.31 0.19
C GLN A 359 19.04 6.65 0.87
N ASP A 360 17.97 6.01 0.40
CA ASP A 360 16.60 6.40 0.74
C ASP A 360 16.10 5.62 1.94
N TYR A 361 16.04 6.30 3.08
CA TYR A 361 15.67 5.65 4.36
C TYR A 361 14.19 5.29 4.40
N LYS A 362 13.38 5.91 3.55
CA LYS A 362 11.96 5.57 3.46
C LYS A 362 11.81 4.20 2.83
N LYS A 363 12.50 4.00 1.72
CA LYS A 363 12.55 2.69 1.07
C LYS A 363 13.13 1.69 2.07
N LEU A 364 14.27 2.07 2.67
CA LEU A 364 15.00 1.20 3.58
C LEU A 364 14.13 0.70 4.73
N LEU A 365 13.35 1.59 5.33
CA LEU A 365 12.42 1.18 6.39
C LEU A 365 11.34 0.25 5.84
N SER A 366 10.67 0.72 4.80
CA SER A 366 9.61 -0.06 4.14
C SER A 366 10.10 -1.47 3.81
N ASP A 367 11.34 -1.55 3.37
CA ASP A 367 11.95 -2.81 3.07
C ASP A 367 12.00 -3.68 4.32
N ARG A 368 12.62 -3.17 5.38
CA ARG A 368 12.79 -3.95 6.59
C ARG A 368 11.46 -4.30 7.21
N THR A 369 10.50 -3.39 7.13
CA THR A 369 9.17 -3.63 7.70
C THR A 369 8.56 -4.88 7.10
N LYS A 370 8.83 -5.12 5.82
CA LYS A 370 8.37 -6.35 5.18
C LYS A 370 9.29 -7.55 5.48
N LEU A 371 10.59 -7.29 5.53
CA LEU A 371 11.65 -8.33 5.67
C LEU A 371 11.67 -9.01 7.03
N VAL A 372 11.79 -8.22 8.09
CA VAL A 372 11.81 -8.75 9.46
C VAL A 372 10.40 -9.12 9.89
N GLU A 373 10.32 -10.15 10.72
CA GLU A 373 9.05 -10.66 11.24
C GLU A 373 8.29 -9.58 12.03
N THR A 374 6.97 -9.74 12.10
CA THR A 374 6.13 -8.85 12.90
C THR A 374 5.63 -9.61 14.13
N SER A 375 6.16 -9.23 15.28
CA SER A 375 5.96 -9.99 16.49
C SER A 375 5.96 -9.07 17.71
N LEU A 376 5.53 -9.63 18.84
CA LEU A 376 5.56 -8.91 20.12
C LEU A 376 6.97 -8.37 20.37
N VAL A 377 7.95 -9.22 20.09
CA VAL A 377 9.35 -8.94 20.33
C VAL A 377 9.87 -7.75 19.50
N ASN A 378 9.30 -7.56 18.32
CA ASN A 378 9.76 -6.52 17.41
C ASN A 378 8.86 -5.30 17.34
N ALA A 379 7.71 -5.37 17.99
CA ALA A 379 6.65 -4.35 17.87
C ALA A 379 7.15 -2.90 18.06
N ILE A 380 8.17 -2.71 18.86
CA ILE A 380 8.61 -1.37 19.17
C ILE A 380 9.76 -0.91 18.29
N GLY A 381 10.41 -1.85 17.61
CA GLY A 381 11.36 -1.47 16.57
C GLY A 381 10.61 -0.80 15.43
N ILE A 382 9.49 -1.42 15.07
CA ILE A 382 8.66 -0.97 13.95
C ILE A 382 8.13 0.43 14.19
N SER A 383 7.48 0.62 15.34
CA SER A 383 6.84 1.88 15.68
C SER A 383 7.82 3.01 15.86
N VAL A 384 8.98 2.68 16.43
CA VAL A 384 10.04 3.68 16.61
C VAL A 384 10.57 4.14 15.26
N ALA A 385 10.88 3.16 14.41
CA ALA A 385 11.41 3.44 13.07
C ALA A 385 10.49 4.39 12.28
N HIS A 386 9.19 4.09 12.30
CA HIS A 386 8.21 4.90 11.60
C HIS A 386 8.09 6.24 12.21
N THR A 387 7.90 6.27 13.53
CA THR A 387 7.80 7.55 14.23
C THR A 387 9.04 8.41 13.93
N ALA A 388 10.22 7.80 13.98
CA ALA A 388 11.47 8.53 13.77
C ALA A 388 11.56 9.15 12.39
N LEU A 389 11.19 8.38 11.38
CA LEU A 389 11.20 8.85 9.99
C LEU A 389 10.19 9.97 9.78
N ASN A 390 8.95 9.71 10.18
CA ASN A 390 7.86 10.64 9.96
C ASN A 390 7.96 11.99 10.68
N LEU A 391 8.43 11.99 11.92
CA LEU A 391 8.52 13.23 12.70
C LEU A 391 9.92 13.86 12.60
N ASN A 392 10.85 13.14 11.97
CA ASN A 392 12.21 13.62 11.81
C ASN A 392 12.90 13.80 13.15
N VAL A 393 13.00 12.71 13.89
CA VAL A 393 13.59 12.75 15.21
C VAL A 393 15.11 12.74 15.08
N LYS A 394 15.78 13.59 15.85
CA LYS A 394 17.21 13.76 15.74
C LYS A 394 17.95 12.51 16.20
N ALA A 395 17.47 11.90 17.28
CA ALA A 395 18.14 10.74 17.84
C ALA A 395 17.18 9.81 18.55
N ILE A 396 17.45 8.51 18.46
CA ILE A 396 16.74 7.48 19.22
C ILE A 396 17.68 7.03 20.32
N VAL A 397 17.32 7.24 21.58
CA VAL A 397 18.19 6.79 22.67
C VAL A 397 17.65 5.46 23.20
N ALA A 398 18.46 4.42 23.09
CA ALA A 398 18.05 3.05 23.39
C ALA A 398 18.75 2.56 24.66
N ALA A 399 17.98 2.43 25.74
CA ALA A 399 18.53 1.96 27.03
C ALA A 399 18.63 0.43 27.05
N THR A 400 19.85 -0.11 27.12
CA THR A 400 20.09 -1.56 27.18
C THR A 400 21.05 -2.01 28.25
N GLU A 401 20.72 -3.15 28.84
CA GLU A 401 21.67 -3.90 29.65
C GLU A 401 22.52 -4.77 28.73
N SER A 402 21.84 -5.56 27.88
CA SER A 402 22.49 -6.60 27.06
C SER A 402 22.88 -6.13 25.67
N GLY A 403 22.11 -5.21 25.12
CA GLY A 403 22.28 -4.74 23.75
C GLY A 403 21.06 -5.02 22.89
N SER A 404 20.21 -5.96 23.31
CA SER A 404 19.13 -6.43 22.45
C SER A 404 18.17 -5.33 21.98
N THR A 405 17.96 -4.32 22.82
CA THR A 405 17.17 -3.15 22.41
C THR A 405 17.91 -2.34 21.34
N ALA A 406 19.21 -2.15 21.49
CA ALA A 406 19.97 -1.42 20.48
C ALA A 406 19.93 -2.16 19.14
N ARG A 407 19.98 -3.49 19.20
CA ARG A 407 19.95 -4.29 17.98
C ARG A 407 18.57 -4.24 17.37
N THR A 408 17.55 -4.33 18.20
CA THR A 408 16.17 -4.28 17.71
C THR A 408 15.91 -2.98 16.98
N ILE A 409 16.36 -1.86 17.53
CA ILE A 409 16.14 -0.58 16.88
C ILE A 409 16.98 -0.48 15.62
N SER A 410 18.18 -1.03 15.64
CA SER A 410 19.10 -0.95 14.50
C SER A 410 18.57 -1.68 13.28
N LYS A 411 17.95 -2.84 13.46
CA LYS A 411 17.59 -3.69 12.34
C LYS A 411 16.57 -3.04 11.41
N TYR A 412 15.79 -2.10 11.93
CA TYR A 412 14.85 -1.33 11.11
C TYR A 412 15.44 -0.07 10.46
N ARG A 413 16.76 0.07 10.55
CA ARG A 413 17.52 1.04 9.78
C ARG A 413 16.89 2.44 9.69
N PRO A 414 16.84 3.18 10.80
CA PRO A 414 16.29 4.54 10.73
C PRO A 414 17.36 5.60 10.51
N HIS A 415 17.00 6.72 9.87
CA HIS A 415 17.96 7.82 9.62
C HIS A 415 18.55 8.27 10.92
N SER A 416 17.68 8.40 11.93
CA SER A 416 18.05 8.89 13.26
C SER A 416 19.23 8.13 13.86
N ASP A 417 20.11 8.86 14.51
CA ASP A 417 21.24 8.24 15.17
C ASP A 417 20.68 7.44 16.31
N ILE A 418 21.16 6.22 16.48
CA ILE A 418 20.80 5.43 17.64
C ILE A 418 21.88 5.66 18.68
N ILE A 419 21.48 6.08 19.89
CA ILE A 419 22.40 6.19 21.02
C ILE A 419 22.09 5.05 22.01
N ALA A 420 23.08 4.21 22.30
CA ALA A 420 22.89 3.09 23.21
C ALA A 420 23.41 3.46 24.59
N VAL A 421 22.51 3.83 25.50
CA VAL A 421 22.89 4.07 26.89
C VAL A 421 22.87 2.73 27.63
N THR A 422 24.02 2.35 28.17
CA THR A 422 24.19 1.08 28.84
C THR A 422 25.05 1.20 30.11
N PRO A 423 24.68 0.46 31.18
CA PRO A 423 25.53 0.37 32.36
C PRO A 423 26.74 -0.52 32.15
N SER A 424 26.62 -1.48 31.24
CA SER A 424 27.69 -2.44 30.97
C SER A 424 28.72 -1.89 29.98
N GLU A 425 29.94 -1.72 30.47
CA GLU A 425 31.07 -1.35 29.64
C GLU A 425 31.23 -2.36 28.52
N GLU A 426 30.96 -3.64 28.82
CA GLU A 426 31.25 -4.71 27.88
C GLU A 426 30.14 -4.99 26.89
N THR A 427 28.89 -4.69 27.27
CA THR A 427 27.80 -4.69 26.27
C THR A 427 27.69 -3.33 25.59
N ALA A 428 28.71 -2.49 25.77
CA ALA A 428 28.83 -1.26 25.02
C ALA A 428 29.82 -1.48 23.90
N ARG A 429 30.86 -2.27 24.17
CA ARG A 429 31.79 -2.66 23.13
C ARG A 429 31.13 -3.60 22.12
N GLN A 430 30.10 -4.32 22.55
CA GLN A 430 29.35 -5.19 21.65
C GLN A 430 28.41 -4.38 20.77
N CYS A 431 28.03 -3.21 21.26
CA CYS A 431 27.26 -2.30 20.43
C CYS A 431 28.11 -1.57 19.39
N SER A 432 29.43 -1.57 19.55
CA SER A 432 30.30 -0.82 18.64
C SER A 432 30.26 -1.38 17.21
N ILE A 433 29.85 -2.64 17.06
CA ILE A 433 29.78 -3.29 15.75
C ILE A 433 28.40 -3.19 15.10
N VAL A 434 27.35 -2.97 15.88
CA VAL A 434 26.00 -2.98 15.28
C VAL A 434 25.71 -1.64 14.61
N TRP A 435 24.91 -1.73 13.54
CA TRP A 435 24.71 -0.66 12.57
C TRP A 435 24.07 0.53 13.20
N GLY A 436 24.69 1.69 13.02
CA GLY A 436 24.10 2.95 13.43
C GLY A 436 24.05 3.25 14.92
N VAL A 437 24.60 2.35 15.76
CA VAL A 437 24.58 2.53 17.20
C VAL A 437 25.86 3.15 17.72
N GLN A 438 25.72 4.30 18.39
CA GLN A 438 26.84 4.97 19.04
C GLN A 438 26.61 4.78 20.53
N PRO A 439 27.38 3.89 21.17
CA PRO A 439 27.11 3.52 22.55
C PRO A 439 27.78 4.46 23.55
N VAL A 440 27.14 4.67 24.70
CA VAL A 440 27.76 5.38 25.81
C VAL A 440 27.46 4.67 27.12
N VAL A 441 28.41 4.72 28.05
CA VAL A 441 28.28 4.04 29.34
C VAL A 441 27.87 5.01 30.45
N LYS A 442 26.59 4.94 30.85
CA LYS A 442 26.08 5.71 31.98
C LYS A 442 25.60 4.71 33.01
N LYS A 443 25.63 5.13 34.27
CA LYS A 443 25.51 4.21 35.40
C LYS A 443 24.04 3.88 35.70
N GLY A 444 23.80 2.60 36.00
CA GLY A 444 22.46 2.01 36.08
C GLY A 444 21.40 2.72 36.92
N ARG A 445 20.29 3.04 36.27
CA ARG A 445 19.10 3.59 36.91
C ARG A 445 18.11 2.46 37.09
N LYS A 446 17.47 2.40 38.24
CA LYS A 446 16.57 1.28 38.50
C LYS A 446 15.18 1.58 37.97
N SER A 447 14.62 2.70 38.42
CA SER A 447 13.24 3.08 38.07
C SER A 447 13.16 3.58 36.64
N THR A 448 11.99 3.45 36.04
CA THR A 448 11.72 3.95 34.69
C THR A 448 11.95 5.45 34.60
N ASP A 449 11.41 6.20 35.56
CA ASP A 449 11.59 7.67 35.59
C ASP A 449 13.06 8.05 35.46
N ALA A 450 13.89 7.40 36.27
CA ALA A 450 15.32 7.63 36.25
C ALA A 450 15.87 7.40 34.85
N LEU A 451 15.46 6.28 34.25
CA LEU A 451 15.96 5.86 32.94
C LEU A 451 15.62 6.87 31.87
N LEU A 452 14.36 7.31 31.86
CA LEU A 452 13.91 8.33 30.91
C LEU A 452 14.72 9.59 31.07
N ASN A 453 14.78 10.11 32.30
CA ASN A 453 15.48 11.35 32.54
C ASN A 453 16.95 11.28 32.20
N ASN A 454 17.60 10.19 32.61
CA ASN A 454 19.00 10.01 32.28
C ASN A 454 19.12 10.02 30.75
N ALA A 455 18.30 9.22 30.07
CA ALA A 455 18.29 9.17 28.59
C ALA A 455 18.38 10.58 27.97
N VAL A 456 17.41 11.41 28.29
CA VAL A 456 17.35 12.77 27.76
C VAL A 456 18.64 13.53 28.08
N ALA A 457 19.19 13.32 29.28
CA ALA A 457 20.43 13.99 29.70
C ALA A 457 21.63 13.44 28.96
N THR A 458 21.67 12.11 28.78
CA THR A 458 22.77 11.45 28.06
C THR A 458 22.83 11.87 26.60
N ALA A 459 21.65 12.02 26.00
CA ALA A 459 21.55 12.45 24.63
C ALA A 459 22.11 13.85 24.48
N VAL A 460 21.71 14.77 25.35
CA VAL A 460 22.14 16.15 25.23
C VAL A 460 23.65 16.23 25.38
N GLU A 461 24.20 15.42 26.29
CA GLU A 461 25.62 15.51 26.63
C GLU A 461 26.51 14.92 25.54
N THR A 462 25.93 14.12 24.64
CA THR A 462 26.67 13.65 23.47
C THR A 462 26.92 14.77 22.48
N GLY A 463 26.15 15.85 22.60
CA GLY A 463 26.32 17.03 21.74
C GLY A 463 25.56 16.94 20.44
N ARG A 464 25.03 15.76 20.13
CA ARG A 464 24.30 15.53 18.90
C ARG A 464 22.92 16.21 18.97
N VAL A 465 22.18 16.02 20.07
CA VAL A 465 20.88 16.69 20.24
C VAL A 465 21.04 17.96 21.08
N THR A 466 20.25 18.97 20.73
CA THR A 466 20.19 20.23 21.48
C THR A 466 18.70 20.60 21.66
N ASN A 467 18.40 21.88 21.93
CA ASN A 467 17.11 22.23 22.49
C ASN A 467 15.87 22.07 21.59
N GLY A 468 15.95 22.45 20.33
CA GLY A 468 14.81 22.24 19.44
C GLY A 468 14.42 20.78 19.17
N ASP A 469 15.40 19.89 19.26
CA ASP A 469 15.36 18.57 18.65
C ASP A 469 14.34 17.64 19.31
N LEU A 470 13.83 16.69 18.53
CA LEU A 470 12.98 15.61 19.03
C LEU A 470 13.80 14.36 19.30
N ILE A 471 13.34 13.56 20.24
CA ILE A 471 14.06 12.37 20.69
C ILE A 471 13.05 11.27 20.98
N ILE A 472 13.39 10.03 20.64
CA ILE A 472 12.58 8.89 21.06
C ILE A 472 13.42 8.12 22.06
N ILE A 473 12.90 7.96 23.27
CA ILE A 473 13.56 7.15 24.29
C ILE A 473 12.94 5.77 24.27
N THR A 474 13.75 4.72 24.22
CA THR A 474 13.22 3.37 24.18
C THR A 474 14.07 2.36 24.97
N ALA A 475 13.38 1.41 25.59
CA ALA A 475 14.01 0.39 26.44
C ALA A 475 13.01 -0.68 26.84
N GLY A 476 13.51 -1.72 27.47
CA GLY A 476 12.65 -2.76 28.01
C GLY A 476 12.43 -2.47 29.48
N VAL A 477 11.18 -2.31 29.90
CA VAL A 477 10.88 -1.93 31.28
C VAL A 477 9.80 -2.80 31.90
N PRO A 478 9.90 -3.07 33.21
CA PRO A 478 10.92 -2.62 34.15
C PRO A 478 12.28 -3.19 33.80
N THR A 479 13.36 -2.44 34.11
CA THR A 479 14.72 -2.83 33.73
C THR A 479 15.08 -4.26 34.18
N GLY A 480 14.49 -4.71 35.29
CA GLY A 480 14.60 -6.10 35.76
C GLY A 480 14.07 -7.12 34.77
N GLU A 481 12.76 -7.39 34.81
CA GLU A 481 12.15 -8.44 33.97
C GLU A 481 12.31 -8.23 32.45
N THR A 482 13.04 -7.18 32.06
CA THR A 482 13.33 -6.90 30.65
C THR A 482 13.85 -8.14 29.97
N GLY A 483 13.04 -8.69 29.08
CA GLY A 483 13.55 -9.62 28.09
C GLY A 483 13.71 -8.83 26.80
N THR A 484 12.62 -8.19 26.42
CA THR A 484 12.49 -7.61 25.11
C THR A 484 12.36 -6.14 25.30
N THR A 485 12.52 -5.37 24.23
CA THR A 485 12.26 -3.93 24.30
C THR A 485 10.77 -3.67 24.09
N ASN A 486 10.17 -2.83 24.96
CA ASN A 486 8.71 -2.78 25.08
C ASN A 486 8.10 -1.44 25.46
N MET A 487 8.85 -0.35 25.35
CA MET A 487 8.22 0.96 25.44
C MET A 487 9.04 2.06 24.75
N MET A 488 8.31 3.08 24.28
CA MET A 488 8.92 4.26 23.69
C MET A 488 8.24 5.52 24.19
N LYS A 489 9.01 6.59 24.33
CA LYS A 489 8.49 7.91 24.70
C LYS A 489 9.07 8.85 23.67
N ILE A 490 8.22 9.75 23.17
CA ILE A 490 8.67 10.81 22.27
C ILE A 490 8.83 12.04 23.14
N HIS A 491 10.02 12.64 23.13
CA HIS A 491 10.34 13.75 24.02
C HIS A 491 10.90 14.90 23.23
N LEU A 492 10.43 16.13 23.49
CA LEU A 492 11.03 17.33 22.92
C LEU A 492 12.10 17.81 23.89
N VAL A 493 13.31 18.08 23.42
CA VAL A 493 14.43 18.35 24.32
C VAL A 493 14.34 19.72 25.00
N GLY A 494 13.49 19.81 26.02
CA GLY A 494 13.20 21.06 26.74
C GLY A 494 12.66 22.13 25.82
N ASP A 495 12.32 23.31 26.32
CA ASP A 495 11.95 23.61 27.71
C ASP A 495 11.38 25.04 27.67
N GLU A 496 10.20 25.14 27.07
CA GLU A 496 9.39 26.37 26.95
C GLU A 496 9.91 27.58 27.72
N ILE A 497 10.31 28.66 27.02
CA ILE A 497 10.81 29.87 27.71
C ILE A 497 9.67 30.67 28.35
N ALA A 498 8.51 30.73 27.70
CA ALA A 498 7.33 31.37 28.28
C ALA A 498 6.11 30.54 27.89
N ASN A 499 4.99 30.76 28.58
CA ASN A 499 3.76 30.07 28.21
C ASN A 499 2.49 30.79 28.69
N GLY A 500 1.34 30.35 28.18
CA GLY A 500 0.06 30.94 28.51
C GLY A 500 -1.13 30.19 27.94
N GLN A 501 -2.17 30.94 27.58
CA GLN A 501 -3.41 30.38 27.02
C GLN A 501 -3.33 30.42 25.51
N GLY A 502 -3.15 29.25 24.91
CA GLY A 502 -3.03 29.16 23.46
C GLY A 502 -4.36 29.34 22.78
N ILE A 503 -4.38 30.15 21.73
CA ILE A 503 -5.57 30.33 20.89
C ILE A 503 -5.24 29.89 19.48
N GLY A 504 -6.13 29.10 18.88
CA GLY A 504 -5.81 28.39 17.66
C GLY A 504 -5.06 27.12 18.02
N ARG A 505 -4.66 26.35 17.00
CA ARG A 505 -4.04 25.04 17.20
C ARG A 505 -2.72 24.89 16.44
N GLY A 506 -2.27 25.98 15.81
CA GLY A 506 -1.16 25.92 14.86
C GLY A 506 0.18 26.15 15.51
N SER A 507 1.13 26.62 14.71
CA SER A 507 2.49 26.96 15.17
C SER A 507 3.31 27.55 14.03
N VAL A 508 4.33 28.34 14.41
CA VAL A 508 5.25 28.94 13.43
C VAL A 508 6.58 29.27 14.11
N VAL A 509 7.66 29.18 13.33
CA VAL A 509 8.94 29.74 13.74
C VAL A 509 9.02 31.15 13.16
N GLY A 510 9.44 32.11 13.99
CA GLY A 510 9.58 33.50 13.56
C GLY A 510 10.40 34.30 14.55
N THR A 511 10.91 35.46 14.11
CA THR A 511 11.71 36.31 14.98
C THR A 511 10.83 37.34 15.67
N THR A 512 11.07 37.58 16.97
CA THR A 512 10.21 38.43 17.79
C THR A 512 10.34 39.92 17.48
N LEU A 513 9.28 40.65 17.79
CA LEU A 513 9.29 42.11 17.71
C LEU A 513 8.37 42.65 18.82
N VAL A 514 8.95 42.90 19.99
CA VAL A 514 8.21 43.42 21.14
C VAL A 514 7.73 44.85 20.88
N ALA A 515 6.43 45.08 21.03
CA ALA A 515 5.82 46.36 20.71
C ALA A 515 5.15 46.96 21.96
N GLU A 516 5.60 48.16 22.31
CA GLU A 516 5.01 48.93 23.40
C GLU A 516 3.91 49.83 22.86
N THR A 517 4.09 50.34 21.64
CA THR A 517 3.14 51.22 20.97
C THR A 517 2.73 50.63 19.62
N VAL A 518 1.63 51.14 19.07
CA VAL A 518 1.20 50.83 17.71
C VAL A 518 2.21 51.36 16.68
N LYS A 519 2.85 52.49 17.01
CA LYS A 519 3.89 53.11 16.18
C LYS A 519 5.24 52.41 16.37
N ASP A 520 5.32 51.55 17.38
CA ASP A 520 6.51 50.74 17.63
C ASP A 520 6.56 49.54 16.66
N LEU A 521 5.79 49.61 15.58
CA LEU A 521 5.84 48.62 14.51
C LEU A 521 5.21 49.17 13.21
N GLU A 522 5.35 50.46 12.97
CA GLU A 522 4.66 51.11 11.85
C GLU A 522 5.48 51.02 10.56
N GLY A 523 6.39 51.97 10.35
CA GLY A 523 7.17 52.02 9.12
C GLY A 523 8.43 51.17 9.23
N LYS A 524 8.26 49.91 9.62
CA LYS A 524 9.39 49.01 9.81
C LYS A 524 8.97 47.53 9.90
N ASP A 525 8.07 47.11 9.00
CA ASP A 525 7.46 45.79 9.10
C ASP A 525 7.43 45.00 7.80
N LEU A 526 8.20 43.92 7.75
CA LEU A 526 7.91 42.80 6.86
C LEU A 526 6.95 41.91 7.66
N SER A 527 6.57 40.78 7.06
CA SER A 527 5.82 39.75 7.77
C SER A 527 6.80 38.99 8.69
N ASP A 528 6.86 37.66 8.56
CA ASP A 528 7.91 36.81 9.16
C ASP A 528 8.32 37.09 10.63
N LYS A 529 7.45 37.75 11.40
CA LYS A 529 7.78 38.13 12.79
C LYS A 529 6.59 37.88 13.74
N VAL A 530 6.89 37.46 14.96
CA VAL A 530 5.87 37.28 15.99
C VAL A 530 5.86 38.47 16.93
N ILE A 531 4.74 39.21 16.93
CA ILE A 531 4.64 40.45 17.71
C ILE A 531 4.29 40.14 19.17
N VAL A 532 4.83 40.94 20.08
CA VAL A 532 4.60 40.77 21.52
C VAL A 532 4.17 42.09 22.17
N THR A 533 2.86 42.29 22.36
CA THR A 533 2.36 43.51 23.02
C THR A 533 1.55 43.15 24.26
N ASN A 534 1.04 44.15 24.95
CA ASN A 534 0.20 43.92 26.13
C ASN A 534 -1.18 43.36 25.76
N SER A 535 -2.00 44.20 25.11
CA SER A 535 -3.27 43.75 24.53
C SER A 535 -3.47 44.44 23.17
N ILE A 536 -4.52 44.04 22.46
CA ILE A 536 -4.79 44.54 21.12
C ILE A 536 -5.93 45.55 21.13
N ASP A 537 -5.65 46.74 20.60
CA ASP A 537 -6.66 47.78 20.39
C ASP A 537 -7.21 47.64 19.00
N GLU A 538 -8.04 48.61 18.62
CA GLU A 538 -8.39 48.81 17.21
C GLU A 538 -7.16 49.24 16.40
N THR A 539 -6.26 49.98 17.02
CA THR A 539 -5.05 50.47 16.34
C THR A 539 -4.05 49.36 16.05
N PHE A 540 -4.15 48.25 16.78
CA PHE A 540 -3.25 47.10 16.57
C PHE A 540 -3.75 46.11 15.51
N VAL A 541 -5.06 45.97 15.37
CA VAL A 541 -5.63 44.96 14.46
C VAL A 541 -5.10 45.02 13.03
N PRO A 542 -4.87 46.23 12.46
CA PRO A 542 -4.35 46.27 11.09
C PRO A 542 -2.96 45.66 10.92
N TYR A 543 -2.16 45.66 11.99
CA TYR A 543 -0.79 45.16 11.92
C TYR A 543 -0.68 43.67 12.24
N VAL A 544 -1.56 43.16 13.10
CA VAL A 544 -1.55 41.74 13.49
C VAL A 544 -1.78 40.79 12.30
N GLU A 545 -2.65 41.19 11.37
CA GLU A 545 -2.95 40.39 10.18
C GLU A 545 -1.71 40.22 9.29
N LYS A 546 -0.84 41.24 9.27
CA LYS A 546 0.38 41.21 8.45
C LYS A 546 1.51 40.38 9.09
N ALA A 547 1.27 39.81 10.27
CA ALA A 547 2.31 39.13 11.04
C ALA A 547 2.23 37.60 10.95
N LEU A 548 3.22 36.93 11.55
CA LEU A 548 3.31 35.45 11.58
C LEU A 548 2.64 34.86 12.81
N GLY A 549 2.84 35.49 13.96
CA GLY A 549 2.29 35.03 15.23
C GLY A 549 2.09 36.16 16.23
N LEU A 550 1.44 35.87 17.36
CA LEU A 550 1.12 36.90 18.36
C LEU A 550 1.19 36.38 19.80
N ILE A 551 1.98 37.05 20.62
CA ILE A 551 2.08 36.76 22.06
C ILE A 551 1.61 38.00 22.84
N THR A 552 0.38 37.99 23.33
CA THR A 552 -0.13 39.13 24.11
C THR A 552 0.03 38.80 25.56
N GLU A 553 0.13 39.84 26.39
CA GLU A 553 0.50 39.68 27.79
C GLU A 553 -0.58 38.99 28.57
N GLU A 554 -1.61 39.74 28.93
CA GLU A 554 -2.68 39.24 29.75
C GLU A 554 -3.89 39.27 28.88
N ASN A 555 -4.86 38.41 29.18
CA ASN A 555 -6.16 38.40 28.51
C ASN A 555 -6.87 37.05 28.73
N GLY A 556 -8.12 36.96 28.28
CA GLY A 556 -8.91 35.70 28.28
C GLY A 556 -9.11 35.13 26.88
N ILE A 557 -9.99 34.13 26.76
CA ILE A 557 -10.21 33.44 25.47
C ILE A 557 -11.00 34.24 24.45
N THR A 558 -11.89 35.12 24.92
CA THR A 558 -12.65 36.03 24.05
C THR A 558 -12.18 37.47 24.22
N SER A 559 -10.88 37.64 24.47
CA SER A 559 -10.25 38.96 24.52
C SER A 559 -10.13 39.50 23.10
N PRO A 560 -9.85 40.81 22.96
CA PRO A 560 -9.62 41.32 21.61
C PRO A 560 -8.37 40.70 20.95
N SER A 561 -7.40 40.32 21.77
CA SER A 561 -6.17 39.69 21.29
C SER A 561 -6.38 38.25 20.82
N ALA A 562 -7.25 37.52 21.52
CA ALA A 562 -7.59 36.15 21.16
C ALA A 562 -8.45 36.10 19.90
N ILE A 563 -9.47 36.94 19.86
CA ILE A 563 -10.46 36.91 18.78
C ILE A 563 -9.84 37.33 17.42
N VAL A 564 -8.85 38.22 17.44
CA VAL A 564 -8.17 38.64 16.19
C VAL A 564 -7.16 37.60 15.70
N GLY A 565 -6.57 36.85 16.62
CA GLY A 565 -5.65 35.78 16.26
C GLY A 565 -6.37 34.60 15.64
N LEU A 566 -7.51 34.24 16.23
CA LEU A 566 -8.33 33.13 15.74
C LEU A 566 -8.92 33.48 14.38
N GLU A 567 -9.53 34.65 14.28
CA GLU A 567 -10.18 35.07 13.04
C GLU A 567 -9.23 35.18 11.85
N LYS A 568 -8.01 35.65 12.12
CA LYS A 568 -7.01 35.84 11.05
C LYS A 568 -6.09 34.64 10.83
N GLY A 569 -6.35 33.53 11.53
CA GLY A 569 -5.63 32.28 11.34
C GLY A 569 -4.18 32.34 11.75
N ILE A 570 -3.89 33.25 12.68
CA ILE A 570 -2.54 33.46 13.18
C ILE A 570 -2.44 32.79 14.54
N PRO A 571 -1.50 31.83 14.68
CA PRO A 571 -1.40 31.15 15.97
C PRO A 571 -0.90 32.12 17.03
N THR A 572 -1.59 32.17 18.16
CA THR A 572 -1.32 33.14 19.21
C THR A 572 -1.36 32.50 20.60
N VAL A 573 -0.74 33.16 21.57
CA VAL A 573 -0.87 32.78 22.96
C VAL A 573 -1.13 34.03 23.79
N VAL A 574 -2.31 34.07 24.43
CA VAL A 574 -2.65 35.16 25.36
C VAL A 574 -2.35 34.70 26.78
N GLY A 575 -2.43 35.63 27.73
CA GLY A 575 -2.20 35.29 29.14
C GLY A 575 -0.77 34.92 29.51
N VAL A 576 0.19 35.51 28.82
CA VAL A 576 1.62 35.24 29.02
C VAL A 576 2.27 36.24 29.99
N GLU A 577 2.63 35.74 31.18
CA GLU A 577 3.29 36.55 32.23
C GLU A 577 4.31 37.55 31.71
N LYS A 578 4.03 38.84 31.89
CA LYS A 578 5.01 39.90 31.62
C LYS A 578 5.73 39.74 30.27
N ALA A 579 5.02 39.25 29.26
CA ALA A 579 5.61 38.92 27.98
C ALA A 579 6.45 40.07 27.42
N VAL A 580 5.98 41.30 27.57
CA VAL A 580 6.69 42.47 27.05
C VAL A 580 8.11 42.59 27.64
N LYS A 581 8.22 42.42 28.95
CA LYS A 581 9.50 42.58 29.66
C LYS A 581 10.37 41.34 29.56
N ASN A 582 9.74 40.18 29.71
CA ASN A 582 10.45 38.90 29.81
C ASN A 582 11.03 38.36 28.48
N ILE A 583 10.17 38.05 27.51
CA ILE A 583 10.65 37.47 26.24
C ILE A 583 11.36 38.56 25.42
N SER A 584 12.54 38.23 24.88
CA SER A 584 13.42 39.23 24.26
C SER A 584 12.96 39.64 22.87
N ASN A 585 13.41 40.82 22.45
CA ASN A 585 13.14 41.36 21.11
C ASN A 585 14.12 40.79 20.09
N ASN A 586 13.64 40.56 18.87
CA ASN A 586 14.47 40.12 17.74
C ASN A 586 14.94 38.65 17.75
N VAL A 587 15.01 38.04 18.94
CA VAL A 587 15.46 36.65 19.05
C VAL A 587 14.40 35.70 18.47
N LEU A 588 14.85 34.70 17.70
CA LEU A 588 13.96 33.77 16.99
C LEU A 588 13.23 32.85 17.95
N VAL A 589 11.97 32.56 17.66
CA VAL A 589 11.07 31.86 18.61
C VAL A 589 10.07 30.95 17.89
N THR A 590 9.68 29.86 18.54
CA THR A 590 8.62 28.97 18.03
C THR A 590 7.45 28.95 18.99
N ILE A 591 6.25 29.26 18.48
CA ILE A 591 5.04 29.23 19.31
C ILE A 591 4.18 28.04 18.93
N ASP A 592 3.68 27.33 19.93
CA ASP A 592 2.80 26.19 19.74
C ASP A 592 1.44 26.58 20.31
N ALA A 593 0.47 26.83 19.43
CA ALA A 593 -0.86 27.32 19.84
C ALA A 593 -1.62 26.27 20.65
N ALA A 594 -1.69 25.03 20.18
CA ALA A 594 -2.06 23.92 21.06
C ALA A 594 -0.91 23.87 22.07
N GLN A 595 -1.16 23.45 23.30
CA GLN A 595 -0.15 23.52 24.39
C GLN A 595 -0.08 24.89 25.06
N GLY A 596 -0.07 25.95 24.25
CA GLY A 596 0.06 27.31 24.76
C GLY A 596 1.46 27.56 25.26
N LYS A 597 2.44 26.90 24.64
CA LYS A 597 3.84 27.04 25.02
C LYS A 597 4.57 27.88 23.97
N ILE A 598 5.66 28.53 24.39
CA ILE A 598 6.52 29.32 23.48
C ILE A 598 7.98 28.91 23.73
N PHE A 599 8.72 28.65 22.66
CA PHE A 599 10.05 27.99 22.76
C PHE A 599 11.21 28.87 22.32
N GLU A 600 12.41 28.48 22.73
CA GLU A 600 13.64 29.27 22.50
C GLU A 600 13.91 29.52 21.01
N GLY A 601 14.28 28.49 20.26
CA GLY A 601 14.60 28.64 18.83
C GLY A 601 13.60 27.89 17.97
N TYR A 602 14.10 26.95 17.18
CA TYR A 602 13.25 26.03 16.42
C TYR A 602 12.68 24.94 17.33
N ALA A 603 11.46 24.47 17.07
CA ALA A 603 10.81 23.49 17.95
C ALA A 603 10.28 22.22 17.22
N ASN A 604 8.95 22.03 17.15
CA ASN A 604 8.27 20.82 16.62
C ASN A 604 6.89 20.69 17.30
N MET B 22 -15.82 -4.17 24.05
CA MET B 22 -17.00 -4.57 23.26
C MET B 22 -18.23 -3.87 23.81
N ARG B 23 -18.43 -2.63 23.39
CA ARG B 23 -19.69 -1.86 23.54
C ARG B 23 -19.66 -0.54 22.80
N LYS B 24 -18.52 0.16 22.86
CA LYS B 24 -18.04 1.14 21.84
C LYS B 24 -18.80 2.48 21.64
N THR B 25 -19.96 2.45 20.97
CA THR B 25 -20.67 3.67 20.61
C THR B 25 -21.61 4.06 21.74
N LYS B 26 -21.51 5.30 22.21
CA LYS B 26 -22.14 5.71 23.48
C LYS B 26 -23.55 6.20 23.26
N ILE B 27 -24.38 6.14 24.30
CA ILE B 27 -25.83 6.44 24.21
C ILE B 27 -26.26 7.60 25.09
N VAL B 28 -26.72 8.69 24.50
CA VAL B 28 -27.30 9.79 25.27
C VAL B 28 -28.81 9.60 25.38
N CYS B 29 -29.41 9.91 26.54
CA CYS B 29 -30.86 9.80 26.70
C CYS B 29 -31.45 11.09 27.24
N THR B 30 -32.66 11.42 26.79
CA THR B 30 -33.32 12.64 27.24
C THR B 30 -34.30 12.31 28.34
N ILE B 31 -34.09 12.94 29.49
CA ILE B 31 -34.90 12.70 30.69
C ILE B 31 -36.14 13.55 30.65
N GLY B 32 -37.25 12.97 31.11
CA GLY B 32 -38.53 13.67 31.15
C GLY B 32 -39.54 12.86 31.95
N PRO B 33 -40.81 13.29 31.92
CA PRO B 33 -41.91 12.64 32.64
C PRO B 33 -41.84 11.13 32.69
N ALA B 34 -41.55 10.46 31.58
CA ALA B 34 -41.56 8.99 31.56
C ALA B 34 -40.25 8.35 32.05
N SER B 35 -39.29 9.18 32.47
CA SER B 35 -38.00 8.68 32.96
C SER B 35 -37.38 9.48 34.12
N GLU B 36 -38.19 10.23 34.86
CA GLU B 36 -37.71 11.00 36.03
C GLU B 36 -37.43 10.09 37.22
N SER B 37 -38.29 9.09 37.38
CA SER B 37 -38.26 8.23 38.55
C SER B 37 -36.90 7.58 38.73
N GLU B 38 -36.53 7.48 40.00
CA GLU B 38 -35.38 6.72 40.44
C GLU B 38 -35.43 5.32 39.83
N GLU B 39 -36.63 4.73 39.83
CA GLU B 39 -36.84 3.37 39.32
C GLU B 39 -36.42 3.25 37.87
N MET B 40 -36.84 4.20 37.06
CA MET B 40 -36.59 4.17 35.61
C MET B 40 -35.16 4.52 35.24
N ILE B 41 -34.62 5.57 35.87
CA ILE B 41 -33.23 5.96 35.64
C ILE B 41 -32.25 4.81 35.91
N GLU B 42 -32.57 3.98 36.91
CA GLU B 42 -31.80 2.76 37.13
C GLU B 42 -31.92 1.85 35.92
N LYS B 43 -33.15 1.67 35.44
CA LYS B 43 -33.41 0.78 34.31
C LYS B 43 -32.75 1.28 33.03
N LEU B 44 -32.65 2.60 32.89
CA LEU B 44 -31.94 3.21 31.76
C LEU B 44 -30.42 3.02 31.84
N ILE B 45 -29.84 3.27 33.02
CA ILE B 45 -28.40 3.12 33.22
C ILE B 45 -28.02 1.67 32.97
N ASN B 46 -28.85 0.76 33.46
CA ASN B 46 -28.66 -0.67 33.22
C ASN B 46 -28.85 -1.02 31.76
N ALA B 47 -29.78 -0.33 31.11
CA ALA B 47 -30.01 -0.53 29.67
C ALA B 47 -28.83 -0.06 28.83
N GLY B 48 -28.01 0.82 29.39
CA GLY B 48 -26.75 1.23 28.76
C GLY B 48 -26.60 2.72 28.55
N MET B 49 -27.37 3.54 29.26
CA MET B 49 -27.22 5.00 29.18
C MET B 49 -25.84 5.42 29.63
N ASN B 50 -25.22 6.33 28.89
CA ASN B 50 -23.93 6.90 29.28
C ASN B 50 -24.00 8.39 29.60
N VAL B 51 -24.98 9.09 29.05
CA VAL B 51 -25.13 10.50 29.29
C VAL B 51 -26.62 10.82 29.33
N ALA B 52 -27.04 11.49 30.38
CA ALA B 52 -28.42 11.96 30.46
C ALA B 52 -28.44 13.39 29.91
N ARG B 53 -29.46 13.67 29.11
CA ARG B 53 -29.65 14.98 28.50
C ARG B 53 -30.82 15.66 29.18
N LEU B 54 -30.65 16.93 29.50
CA LEU B 54 -31.72 17.72 30.08
C LEU B 54 -32.02 18.80 29.08
N ASN B 55 -33.27 18.85 28.63
CA ASN B 55 -33.66 19.76 27.57
C ASN B 55 -34.27 21.02 28.11
N PHE B 56 -33.51 22.10 28.05
CA PHE B 56 -33.92 23.38 28.65
C PHE B 56 -34.82 24.23 27.75
N SER B 57 -35.14 23.68 26.57
CA SER B 57 -36.20 24.22 25.73
C SER B 57 -37.53 24.21 26.49
N HIS B 58 -37.67 23.27 27.44
CA HIS B 58 -38.85 23.18 28.32
C HIS B 58 -38.45 23.01 29.76
N GLY B 59 -39.44 23.06 30.66
CA GLY B 59 -39.23 22.75 32.07
C GLY B 59 -38.53 23.84 32.87
N SER B 60 -38.85 23.91 34.16
CA SER B 60 -38.25 24.91 35.06
C SER B 60 -36.94 24.42 35.62
N HIS B 61 -36.15 25.35 36.15
CA HIS B 61 -34.90 25.03 36.85
C HIS B 61 -35.16 24.02 37.94
N GLU B 62 -36.26 24.22 38.67
CA GLU B 62 -36.69 23.32 39.74
C GLU B 62 -36.69 21.88 39.23
N GLU B 63 -37.48 21.65 38.19
CA GLU B 63 -37.66 20.32 37.62
C GLU B 63 -36.32 19.66 37.32
N HIS B 64 -35.43 20.42 36.69
CA HIS B 64 -34.14 19.90 36.24
C HIS B 64 -33.23 19.54 37.38
N LYS B 65 -33.14 20.42 38.38
CA LYS B 65 -32.38 20.14 39.59
C LYS B 65 -32.84 18.80 40.19
N GLY B 66 -34.15 18.59 40.20
CA GLY B 66 -34.71 17.36 40.73
C GLY B 66 -34.11 16.16 40.03
N ARG B 67 -34.08 16.25 38.71
CA ARG B 67 -33.60 15.14 37.90
C ARG B 67 -32.10 14.98 38.02
N ILE B 68 -31.38 16.10 38.19
CA ILE B 68 -29.94 16.04 38.37
C ILE B 68 -29.60 15.26 39.65
N ASP B 69 -30.34 15.51 40.71
CA ASP B 69 -30.11 14.75 41.94
C ASP B 69 -30.41 13.30 41.67
N THR B 70 -31.62 13.00 41.21
CA THR B 70 -32.03 11.61 40.99
C THR B 70 -30.96 10.86 40.24
N ILE B 71 -30.44 11.49 39.20
CA ILE B 71 -29.41 10.87 38.36
C ILE B 71 -28.13 10.60 39.16
N ARG B 72 -27.51 11.64 39.66
CA ARG B 72 -26.26 11.48 40.37
C ARG B 72 -26.33 10.32 41.36
N LYS B 73 -27.40 10.31 42.17
CA LYS B 73 -27.53 9.40 43.29
C LYS B 73 -27.67 8.00 42.75
N VAL B 74 -28.56 7.80 41.78
CA VAL B 74 -28.75 6.47 41.17
C VAL B 74 -27.47 6.04 40.45
N ALA B 75 -26.84 6.98 39.79
CA ALA B 75 -25.58 6.71 39.10
C ALA B 75 -24.50 6.21 40.07
N LYS B 76 -24.34 6.84 41.24
CA LYS B 76 -23.31 6.39 42.16
C LYS B 76 -23.76 5.13 42.89
N ARG B 77 -25.06 4.96 43.13
CA ARG B 77 -25.54 3.74 43.78
C ARG B 77 -25.23 2.52 42.93
N LEU B 78 -25.31 2.68 41.62
CA LEU B 78 -24.96 1.62 40.69
C LEU B 78 -23.46 1.61 40.33
N ASP B 79 -22.75 2.58 40.89
CA ASP B 79 -21.30 2.68 40.73
C ASP B 79 -20.92 2.76 39.25
N LYS B 80 -21.60 3.66 38.55
CA LYS B 80 -21.42 3.86 37.11
C LYS B 80 -21.25 5.32 36.75
N ILE B 81 -20.39 5.58 35.76
CA ILE B 81 -20.12 6.94 35.33
C ILE B 81 -21.10 7.41 34.27
N VAL B 82 -22.03 8.28 34.63
CA VAL B 82 -22.94 8.86 33.64
C VAL B 82 -22.84 10.38 33.73
N ALA B 83 -22.64 11.02 32.57
CA ALA B 83 -22.49 12.46 32.48
C ALA B 83 -23.87 13.11 32.39
N ILE B 84 -23.92 14.43 32.58
CA ILE B 84 -25.17 15.18 32.45
C ILE B 84 -24.97 16.23 31.37
N LEU B 85 -25.82 16.19 30.35
CA LEU B 85 -25.77 17.18 29.26
C LEU B 85 -26.96 18.12 29.32
N LEU B 86 -26.66 19.41 29.25
CA LEU B 86 -27.69 20.44 29.28
C LEU B 86 -27.81 21.01 27.87
N ASP B 87 -29.03 21.01 27.33
CA ASP B 87 -29.28 21.42 25.94
C ASP B 87 -30.04 22.76 25.96
N THR B 88 -29.35 23.84 25.60
CA THR B 88 -29.94 25.19 25.65
C THR B 88 -31.09 25.30 24.67
N LYS B 89 -32.06 26.17 24.93
CA LYS B 89 -33.15 26.34 23.97
C LYS B 89 -32.65 27.10 22.75
N GLY B 90 -31.81 28.10 22.99
CA GLY B 90 -31.19 28.87 21.93
C GLY B 90 -32.07 30.02 21.52
N PRO B 91 -31.61 30.83 20.56
CA PRO B 91 -32.46 31.88 20.01
C PRO B 91 -33.48 31.25 19.09
N GLU B 92 -34.53 32.00 18.77
CA GLU B 92 -35.46 31.57 17.74
C GLU B 92 -36.36 32.67 17.25
N ILE B 93 -36.91 32.49 16.06
CA ILE B 93 -37.88 33.40 15.48
C ILE B 93 -39.25 32.77 15.63
N ARG B 94 -40.24 33.57 16.03
CA ARG B 94 -41.58 33.07 16.27
C ARG B 94 -42.63 34.05 15.80
N THR B 95 -43.77 33.50 15.43
CA THR B 95 -44.95 34.27 15.11
C THR B 95 -45.55 34.82 16.39
N HIS B 96 -46.00 36.07 16.36
CA HIS B 96 -46.83 36.62 17.43
C HIS B 96 -48.18 35.97 17.34
N ASN B 97 -49.07 36.29 18.26
CA ASN B 97 -50.39 35.66 18.29
C ASN B 97 -51.24 35.98 17.06
N MET B 98 -52.23 35.13 16.82
CA MET B 98 -53.04 35.14 15.60
C MET B 98 -54.51 35.45 15.92
N LYS B 99 -55.21 36.14 15.02
CA LYS B 99 -56.61 36.50 15.26
C LYS B 99 -57.49 35.24 15.24
N ASP B 100 -58.24 35.04 16.34
CA ASP B 100 -58.99 33.81 16.64
C ASP B 100 -58.09 32.64 17.05
N GLY B 101 -56.78 32.87 17.12
CA GLY B 101 -55.84 31.81 17.46
C GLY B 101 -55.43 30.93 16.29
N ILE B 102 -56.32 30.80 15.30
CA ILE B 102 -56.07 29.99 14.12
C ILE B 102 -56.34 30.82 12.88
N ILE B 103 -55.52 30.63 11.85
CA ILE B 103 -55.63 31.39 10.61
C ILE B 103 -55.15 30.54 9.43
N GLU B 104 -55.65 30.86 8.23
CA GLU B 104 -55.44 30.05 7.02
C GLU B 104 -54.78 30.85 5.91
N LEU B 105 -54.07 30.15 5.01
CA LEU B 105 -53.35 30.82 3.92
C LEU B 105 -53.51 30.10 2.57
N GLU B 106 -54.14 30.79 1.62
CA GLU B 106 -54.41 30.25 0.27
C GLU B 106 -53.12 30.00 -0.50
N ARG B 107 -53.15 29.02 -1.41
CA ARG B 107 -51.94 28.46 -2.01
C ARG B 107 -51.34 29.27 -3.17
N GLY B 108 -52.01 30.33 -3.60
CA GLY B 108 -51.47 31.18 -4.67
C GLY B 108 -51.55 32.66 -4.30
N ASN B 109 -51.69 32.92 -3.01
CA ASN B 109 -52.03 34.26 -2.53
C ASN B 109 -50.80 35.03 -2.07
N GLU B 110 -51.03 36.13 -1.36
CA GLU B 110 -49.97 36.90 -0.75
C GLU B 110 -50.19 37.06 0.76
N VAL B 111 -49.10 37.15 1.51
CA VAL B 111 -49.12 37.47 2.94
C VAL B 111 -48.01 38.47 3.23
N ILE B 112 -48.33 39.48 4.04
CA ILE B 112 -47.37 40.49 4.46
C ILE B 112 -46.84 40.09 5.83
N VAL B 113 -45.52 39.88 5.90
CA VAL B 113 -44.84 39.55 7.16
C VAL B 113 -44.30 40.83 7.79
N SER B 114 -44.97 41.25 8.87
CA SER B 114 -44.74 42.56 9.49
C SER B 114 -43.75 42.48 10.66
N MET B 115 -42.79 43.40 10.67
CA MET B 115 -41.83 43.47 11.77
C MET B 115 -42.50 44.06 13.01
N ASN B 116 -43.45 44.98 12.82
CA ASN B 116 -44.26 45.50 13.92
C ASN B 116 -45.32 44.46 14.32
N GLU B 117 -45.54 44.32 15.63
CA GLU B 117 -46.47 43.30 16.12
C GLU B 117 -47.89 43.65 15.71
N VAL B 118 -48.60 42.64 15.24
CA VAL B 118 -49.99 42.78 14.83
C VAL B 118 -50.73 41.48 15.11
N GLU B 119 -52.06 41.57 15.17
CA GLU B 119 -52.90 40.37 15.21
C GLU B 119 -52.79 39.66 13.87
N GLY B 120 -52.90 38.34 13.90
CA GLY B 120 -52.74 37.54 12.71
C GLY B 120 -53.91 37.68 11.76
N THR B 121 -53.62 37.47 10.47
CA THR B 121 -54.63 37.49 9.42
C THR B 121 -54.02 36.81 8.19
N PRO B 122 -54.89 36.39 7.23
CA PRO B 122 -54.35 35.89 5.96
C PRO B 122 -53.51 36.92 5.17
N GLU B 123 -53.53 38.18 5.59
CA GLU B 123 -52.73 39.22 4.95
C GLU B 123 -51.57 39.66 5.86
N LYS B 124 -51.88 40.36 6.94
CA LYS B 124 -50.86 40.91 7.85
C LYS B 124 -50.64 39.90 8.96
N PHE B 125 -49.43 39.92 9.55
CA PHE B 125 -48.94 38.74 10.24
C PHE B 125 -47.50 38.96 10.73
N SER B 126 -47.29 38.84 12.05
CA SER B 126 -46.08 39.39 12.68
C SER B 126 -45.11 38.36 13.27
N VAL B 127 -43.82 38.72 13.31
CA VAL B 127 -42.75 37.86 13.85
C VAL B 127 -41.98 38.57 14.97
N THR B 128 -41.41 37.78 15.89
CA THR B 128 -40.72 38.33 17.06
C THR B 128 -39.33 38.89 16.73
N TYR B 129 -38.67 38.26 15.75
CA TYR B 129 -37.38 38.73 15.27
C TYR B 129 -37.58 39.96 14.39
N GLU B 130 -37.62 41.13 15.01
CA GLU B 130 -37.94 42.35 14.28
C GLU B 130 -36.87 42.71 13.26
N ASN B 131 -35.75 42.01 13.29
CA ASN B 131 -34.69 42.25 12.35
C ASN B 131 -34.67 41.28 11.14
N LEU B 132 -35.77 40.56 10.95
CA LEU B 132 -35.90 39.59 9.84
C LEU B 132 -35.73 40.27 8.47
N ILE B 133 -36.37 41.43 8.31
CA ILE B 133 -36.37 42.17 7.07
C ILE B 133 -34.96 42.47 6.54
N ASN B 134 -33.98 42.61 7.43
CA ASN B 134 -32.59 42.90 7.03
C ASN B 134 -31.72 41.69 6.67
N ASP B 135 -32.21 40.50 6.99
CA ASP B 135 -31.50 39.29 6.62
C ASP B 135 -31.98 38.68 5.30
N VAL B 136 -33.27 38.84 4.98
CA VAL B 136 -33.83 38.26 3.75
C VAL B 136 -33.64 39.22 2.57
N GLN B 137 -33.92 38.74 1.37
CA GLN B 137 -33.97 39.58 0.17
C GLN B 137 -35.11 39.08 -0.72
N VAL B 138 -35.36 39.76 -1.84
CA VAL B 138 -36.41 39.30 -2.76
C VAL B 138 -36.06 37.89 -3.22
N GLY B 139 -37.00 36.97 -3.06
CA GLY B 139 -36.83 35.59 -3.50
C GLY B 139 -36.32 34.63 -2.44
N SER B 140 -35.95 35.15 -1.27
CA SER B 140 -35.61 34.30 -0.11
C SER B 140 -36.85 33.59 0.39
N TYR B 141 -36.70 32.33 0.78
CA TYR B 141 -37.82 31.56 1.30
C TYR B 141 -37.97 31.81 2.80
N ILE B 142 -39.20 31.70 3.29
CA ILE B 142 -39.49 31.83 4.71
C ILE B 142 -40.43 30.71 5.12
N LEU B 143 -39.96 29.81 5.95
CA LEU B 143 -40.75 28.65 6.35
C LEU B 143 -41.46 28.91 7.68
N LEU B 144 -42.76 28.64 7.73
CA LEU B 144 -43.55 28.82 8.94
C LEU B 144 -43.90 27.48 9.61
N ASP B 145 -43.75 27.44 10.94
CA ASP B 145 -44.15 26.28 11.76
C ASP B 145 -43.46 24.99 11.26
N ASP B 146 -42.15 24.95 11.44
CA ASP B 146 -41.32 23.79 11.06
C ASP B 146 -41.59 23.40 9.60
N GLY B 147 -41.63 24.41 8.74
CA GLY B 147 -41.80 24.19 7.30
C GLY B 147 -43.16 23.68 6.86
N LEU B 148 -44.17 23.83 7.71
CA LEU B 148 -45.53 23.34 7.39
C LEU B 148 -46.04 24.01 6.11
N ILE B 149 -45.85 25.32 6.03
CA ILE B 149 -46.23 26.09 4.85
C ILE B 149 -45.11 27.07 4.54
N GLU B 150 -44.66 27.08 3.30
CA GLU B 150 -43.49 27.90 2.93
C GLU B 150 -43.90 29.13 2.11
N LEU B 151 -43.44 30.30 2.54
CA LEU B 151 -43.64 31.54 1.81
C LEU B 151 -42.43 31.81 0.91
N GLN B 152 -42.44 32.97 0.25
CA GLN B 152 -41.29 33.45 -0.54
C GLN B 152 -41.40 34.96 -0.73
N VAL B 153 -40.30 35.66 -0.48
CA VAL B 153 -40.30 37.12 -0.44
C VAL B 153 -40.50 37.71 -1.82
N LYS B 154 -41.53 38.54 -1.96
CA LYS B 154 -41.95 39.12 -3.25
C LYS B 154 -41.31 40.51 -3.44
N ASP B 155 -41.72 41.47 -2.60
CA ASP B 155 -41.09 42.80 -2.52
C ASP B 155 -40.76 43.08 -1.06
N ILE B 156 -39.78 43.95 -0.84
CA ILE B 156 -39.43 44.44 0.50
C ILE B 156 -39.47 45.96 0.51
N ASP B 157 -40.39 46.51 1.30
CA ASP B 157 -40.42 47.95 1.56
C ASP B 157 -40.16 48.16 3.04
N HIS B 158 -38.98 48.69 3.35
CA HIS B 158 -38.61 49.09 4.69
C HIS B 158 -39.35 50.31 5.14
N ALA B 159 -39.95 51.02 4.17
CA ALA B 159 -40.85 52.12 4.47
C ALA B 159 -41.77 51.66 5.61
N LYS B 160 -42.68 50.75 5.26
CA LYS B 160 -43.66 50.26 6.22
C LYS B 160 -43.07 49.13 7.09
N LYS B 161 -41.81 48.76 6.83
CA LYS B 161 -41.15 47.60 7.46
C LYS B 161 -41.99 46.32 7.35
N GLU B 162 -42.28 45.98 6.11
CA GLU B 162 -43.08 44.82 5.76
C GLU B 162 -42.37 44.04 4.66
N VAL B 163 -42.68 42.74 4.60
CA VAL B 163 -42.18 41.85 3.57
C VAL B 163 -43.36 41.17 2.88
N LYS B 164 -43.65 41.58 1.64
CA LYS B 164 -44.73 40.99 0.84
C LYS B 164 -44.23 39.62 0.41
N CYS B 165 -45.09 38.60 0.54
CA CYS B 165 -44.68 37.22 0.26
C CYS B 165 -45.75 36.40 -0.45
N ASP B 166 -45.34 35.70 -1.50
CA ASP B 166 -46.22 34.75 -2.19
C ASP B 166 -46.30 33.44 -1.43
N ILE B 167 -47.49 33.13 -0.94
CA ILE B 167 -47.72 31.90 -0.18
C ILE B 167 -47.72 30.69 -1.14
N LEU B 168 -46.65 29.90 -1.09
CA LEU B 168 -46.40 28.79 -2.03
C LEU B 168 -47.22 27.50 -1.77
N ASN B 169 -47.07 26.93 -0.58
CA ASN B 169 -47.93 25.82 -0.15
C ASN B 169 -48.97 26.39 0.80
N SER B 170 -50.12 25.74 0.91
CA SER B 170 -51.18 26.27 1.76
C SER B 170 -51.29 25.49 3.06
N GLY B 171 -52.03 26.05 4.01
CA GLY B 171 -52.23 25.40 5.30
C GLY B 171 -52.63 26.40 6.38
N GLU B 172 -52.68 25.91 7.61
CA GLU B 172 -53.14 26.70 8.74
C GLU B 172 -51.95 27.28 9.51
N LEU B 173 -52.24 28.10 10.51
CA LEU B 173 -51.21 28.77 11.28
C LEU B 173 -51.70 29.13 12.68
N LYS B 174 -51.18 28.43 13.69
CA LYS B 174 -51.50 28.70 15.09
C LYS B 174 -50.74 29.94 15.59
N ASN B 175 -50.83 30.23 16.88
CA ASN B 175 -50.26 31.45 17.46
C ASN B 175 -48.72 31.49 17.48
N LYS B 176 -48.12 31.10 18.60
CA LYS B 176 -46.69 31.27 18.84
C LYS B 176 -45.86 30.18 18.13
N LYS B 177 -45.99 30.12 16.81
CA LYS B 177 -45.33 29.09 16.00
C LYS B 177 -44.06 29.62 15.34
N GLY B 178 -43.14 28.71 15.04
CA GLY B 178 -41.78 29.07 14.64
C GLY B 178 -41.63 29.51 13.19
N VAL B 179 -40.49 30.14 12.91
CA VAL B 179 -40.15 30.65 11.59
C VAL B 179 -38.68 30.31 11.29
N ASN B 180 -38.37 29.93 10.05
CA ASN B 180 -36.97 29.61 9.64
C ASN B 180 -36.61 30.24 8.30
N LEU B 181 -35.39 30.77 8.19
CA LEU B 181 -34.91 31.44 6.98
C LEU B 181 -33.71 30.67 6.40
N PRO B 182 -33.96 29.76 5.43
CA PRO B 182 -32.86 29.00 4.80
C PRO B 182 -31.69 29.88 4.36
N GLY B 183 -30.51 29.57 4.87
CA GLY B 183 -29.39 30.52 5.02
C GLY B 183 -29.03 31.33 3.80
N VAL B 184 -29.05 32.66 3.85
CA VAL B 184 -29.44 33.54 5.00
C VAL B 184 -28.63 33.44 6.31
N ARG B 185 -27.70 34.38 6.48
CA ARG B 185 -27.04 34.58 7.75
C ARG B 185 -28.11 35.05 8.70
N VAL B 186 -28.68 34.14 9.49
CA VAL B 186 -29.63 34.55 10.52
C VAL B 186 -28.88 35.33 11.60
N SER B 187 -29.32 36.54 11.88
CA SER B 187 -28.54 37.50 12.65
C SER B 187 -29.01 37.62 14.10
N LEU B 188 -29.60 36.55 14.63
CA LEU B 188 -29.86 36.43 16.06
C LEU B 188 -28.54 36.42 16.84
N PRO B 189 -28.60 36.63 18.16
CA PRO B 189 -27.39 36.53 18.97
C PRO B 189 -27.04 35.08 19.18
N GLY B 190 -25.84 34.81 19.72
CA GLY B 190 -25.41 33.45 20.05
C GLY B 190 -26.29 32.76 21.08
N ILE B 191 -26.71 33.51 22.11
CA ILE B 191 -27.49 32.95 23.24
C ILE B 191 -28.57 33.90 23.76
N THR B 192 -29.72 33.33 24.16
CA THR B 192 -30.79 34.11 24.80
C THR B 192 -30.29 34.63 26.13
N GLU B 193 -31.01 35.59 26.71
CA GLU B 193 -30.76 35.97 28.09
C GLU B 193 -31.08 34.77 28.98
N LYS B 194 -32.12 34.02 28.62
CA LYS B 194 -32.47 32.77 29.30
C LYS B 194 -31.35 31.76 29.21
N ASP B 195 -30.74 31.65 28.04
CA ASP B 195 -29.63 30.73 27.83
C ASP B 195 -28.45 31.05 28.76
N ALA B 196 -28.22 32.34 29.01
CA ALA B 196 -27.24 32.77 30.00
C ALA B 196 -27.67 32.24 31.38
N GLU B 197 -28.87 32.62 31.82
CA GLU B 197 -29.45 32.09 33.06
C GLU B 197 -29.33 30.57 33.14
N ASP B 198 -29.64 29.89 32.03
CA ASP B 198 -29.63 28.44 31.98
C ASP B 198 -28.23 27.85 32.09
N ILE B 199 -27.23 28.46 31.46
CA ILE B 199 -25.88 27.90 31.54
C ILE B 199 -25.21 28.24 32.85
N ARG B 200 -25.67 29.28 33.55
CA ARG B 200 -25.13 29.58 34.89
C ARG B 200 -25.63 28.54 35.89
N PHE B 201 -26.89 28.17 35.76
CA PHE B 201 -27.45 27.05 36.52
C PHE B 201 -26.60 25.79 36.30
N GLY B 202 -26.18 25.56 35.07
CA GLY B 202 -25.35 24.39 34.76
C GLY B 202 -24.02 24.46 35.46
N ILE B 203 -23.45 25.66 35.54
CA ILE B 203 -22.14 25.84 36.19
C ILE B 203 -22.29 25.49 37.67
N LYS B 204 -23.42 25.90 38.23
CA LYS B 204 -23.70 25.69 39.64
C LYS B 204 -23.86 24.21 39.95
N GLU B 205 -24.32 23.41 38.99
CA GLU B 205 -24.54 21.97 39.24
C GLU B 205 -23.45 21.04 38.65
N ASN B 206 -22.27 21.59 38.36
CA ASN B 206 -21.12 20.82 37.80
C ASN B 206 -21.55 19.92 36.67
N VAL B 207 -22.48 20.42 35.87
CA VAL B 207 -22.96 19.70 34.72
C VAL B 207 -21.76 19.51 33.78
N ASP B 208 -21.78 18.44 32.99
CA ASP B 208 -20.59 18.00 32.24
C ASP B 208 -20.52 18.50 30.80
N PHE B 209 -21.68 18.67 30.16
CA PHE B 209 -21.79 19.08 28.76
C PHE B 209 -22.85 20.16 28.56
N ILE B 210 -22.53 21.13 27.71
CA ILE B 210 -23.51 22.10 27.23
C ILE B 210 -23.68 21.94 25.69
N ALA B 211 -24.89 21.55 25.28
CA ALA B 211 -25.24 21.47 23.88
C ALA B 211 -25.91 22.79 23.49
N ALA B 212 -25.15 23.63 22.78
CA ALA B 212 -25.59 24.98 22.40
C ALA B 212 -26.37 24.97 21.09
N SER B 213 -27.61 25.43 21.13
CA SER B 213 -28.49 25.36 19.98
C SER B 213 -28.21 26.45 18.96
N PHE B 214 -28.57 26.15 17.70
CA PHE B 214 -28.54 27.11 16.58
C PHE B 214 -27.19 27.78 16.41
N VAL B 215 -26.11 27.04 16.67
CA VAL B 215 -24.79 27.60 16.51
C VAL B 215 -24.52 27.76 15.05
N ARG B 216 -23.91 28.87 14.67
CA ARG B 216 -23.58 29.07 13.27
C ARG B 216 -22.26 29.81 13.01
N ARG B 217 -21.77 30.55 13.99
CA ARG B 217 -20.42 31.07 13.92
C ARG B 217 -19.63 30.66 15.16
N PRO B 218 -18.31 30.72 15.09
CA PRO B 218 -17.51 30.56 16.30
C PRO B 218 -17.91 31.55 17.42
N SER B 219 -18.23 32.81 17.07
CA SER B 219 -18.74 33.82 18.03
C SER B 219 -19.76 33.24 18.98
N ASP B 220 -20.69 32.49 18.42
CA ASP B 220 -21.81 31.91 19.15
C ASP B 220 -21.37 30.85 20.18
N VAL B 221 -20.21 30.23 19.97
CA VAL B 221 -19.68 29.29 20.95
C VAL B 221 -18.89 30.05 21.99
N LEU B 222 -18.01 30.94 21.54
CA LEU B 222 -17.20 31.74 22.47
C LEU B 222 -18.04 32.53 23.50
N GLU B 223 -19.27 32.89 23.12
CA GLU B 223 -20.20 33.55 24.05
C GLU B 223 -20.52 32.68 25.26
N ILE B 224 -20.55 31.37 25.06
CA ILE B 224 -20.71 30.43 26.16
C ILE B 224 -19.41 30.26 26.89
N ARG B 225 -18.33 30.01 26.15
CA ARG B 225 -17.04 29.75 26.77
C ARG B 225 -16.51 30.93 27.62
N GLU B 226 -16.90 32.16 27.29
CA GLU B 226 -16.49 33.29 28.12
C GLU B 226 -17.26 33.34 29.43
N ILE B 227 -18.51 32.88 29.44
CA ILE B 227 -19.26 32.69 30.69
C ILE B 227 -18.60 31.58 31.52
N LEU B 228 -18.17 30.51 30.87
CA LEU B 228 -17.51 29.42 31.58
C LEU B 228 -16.17 29.88 32.15
N GLU B 229 -15.42 30.70 31.42
CA GLU B 229 -14.10 31.10 31.90
C GLU B 229 -14.18 32.09 33.08
N GLU B 230 -15.29 32.84 33.19
CA GLU B 230 -15.52 33.69 34.37
C GLU B 230 -15.55 32.84 35.62
N GLN B 231 -16.24 31.71 35.54
CA GLN B 231 -16.35 30.78 36.66
C GLN B 231 -15.22 29.77 36.72
N LYS B 232 -14.34 29.76 35.72
CA LYS B 232 -13.37 28.68 35.57
C LYS B 232 -14.12 27.36 35.69
N ALA B 233 -15.09 27.18 34.80
CA ALA B 233 -16.07 26.12 34.93
C ALA B 233 -15.52 24.76 34.56
N ASN B 234 -14.96 24.63 33.35
CA ASN B 234 -14.59 23.34 32.79
C ASN B 234 -15.82 22.49 32.51
N ILE B 235 -16.64 22.97 31.57
CA ILE B 235 -17.68 22.19 30.97
C ILE B 235 -17.40 22.12 29.47
N SER B 236 -17.63 20.97 28.85
CA SER B 236 -17.45 20.82 27.41
C SER B 236 -18.64 21.40 26.66
N VAL B 237 -18.35 22.17 25.61
CA VAL B 237 -19.37 22.84 24.79
C VAL B 237 -19.52 22.16 23.42
N PHE B 238 -20.73 21.69 23.13
CA PHE B 238 -21.05 20.94 21.90
C PHE B 238 -22.10 21.72 21.09
N PRO B 239 -21.66 22.39 20.02
CA PRO B 239 -22.62 23.16 19.23
C PRO B 239 -23.58 22.24 18.46
N LYS B 240 -24.76 22.76 18.09
CA LYS B 240 -25.80 21.94 17.46
C LYS B 240 -25.86 21.97 15.91
N ILE B 241 -25.40 23.03 15.24
CA ILE B 241 -25.40 23.04 13.75
C ILE B 241 -26.75 22.62 13.14
N GLU B 242 -27.57 23.62 12.79
CA GLU B 242 -28.95 23.40 12.33
C GLU B 242 -29.28 24.13 11.02
N ASN B 243 -28.27 24.71 10.36
CA ASN B 243 -28.52 25.50 9.16
C ASN B 243 -27.29 25.59 8.28
N GLN B 244 -27.43 26.20 7.11
CA GLN B 244 -26.34 26.27 6.14
C GLN B 244 -25.10 27.01 6.67
N GLU B 245 -25.31 28.15 7.31
CA GLU B 245 -24.21 28.89 7.90
C GLU B 245 -23.40 28.00 8.83
N GLY B 246 -24.11 27.17 9.60
CA GLY B 246 -23.46 26.21 10.51
C GLY B 246 -22.58 25.24 9.73
N ILE B 247 -23.20 24.55 8.77
CA ILE B 247 -22.49 23.61 7.92
C ILE B 247 -21.25 24.28 7.35
N ASP B 248 -21.43 25.46 6.77
CA ASP B 248 -20.35 26.15 6.08
C ASP B 248 -19.18 26.45 6.99
N ASN B 249 -19.49 26.77 8.25
CA ASN B 249 -18.45 27.16 9.20
C ASN B 249 -17.97 26.02 10.11
N ILE B 250 -18.20 24.77 9.68
CA ILE B 250 -17.92 23.63 10.57
C ILE B 250 -16.47 23.59 11.06
N GLU B 251 -15.52 23.84 10.19
CA GLU B 251 -14.14 23.77 10.61
C GLU B 251 -13.82 24.83 11.65
N GLU B 252 -14.29 26.04 11.42
CA GLU B 252 -13.98 27.18 12.28
C GLU B 252 -14.63 27.04 13.65
N ILE B 253 -15.75 26.33 13.69
CA ILE B 253 -16.53 26.11 14.91
C ILE B 253 -15.86 25.05 15.79
N LEU B 254 -15.46 23.95 15.19
CA LEU B 254 -14.83 22.89 15.95
C LEU B 254 -13.49 23.37 16.53
N GLU B 255 -12.82 24.28 15.83
CA GLU B 255 -11.56 24.91 16.30
C GLU B 255 -11.73 25.47 17.70
N VAL B 256 -12.97 25.84 18.01
CA VAL B 256 -13.36 26.56 19.20
C VAL B 256 -14.35 25.73 20.03
N SER B 257 -14.47 24.44 19.76
CA SER B 257 -15.47 23.63 20.45
C SER B 257 -14.90 22.33 20.94
N ASP B 258 -15.60 21.69 21.87
CA ASP B 258 -15.12 20.47 22.50
C ASP B 258 -15.65 19.23 21.79
N GLY B 259 -16.84 19.35 21.21
CA GLY B 259 -17.44 18.28 20.43
C GLY B 259 -18.53 18.87 19.58
N LEU B 260 -19.47 18.05 19.12
CA LEU B 260 -20.51 18.48 18.20
C LEU B 260 -21.73 17.60 18.25
N MET B 261 -22.90 18.21 18.15
CA MET B 261 -24.16 17.48 18.00
C MET B 261 -24.68 17.70 16.57
N VAL B 262 -25.25 16.67 15.96
CA VAL B 262 -25.83 16.79 14.63
C VAL B 262 -27.33 16.52 14.73
N ALA B 263 -28.11 17.60 14.78
CA ALA B 263 -29.56 17.50 14.95
C ALA B 263 -30.23 17.44 13.59
N ARG B 264 -30.57 16.24 13.14
CA ARG B 264 -31.08 16.05 11.78
C ARG B 264 -32.43 16.73 11.56
N GLY B 265 -33.32 16.62 12.53
CA GLY B 265 -34.68 17.15 12.40
C GLY B 265 -34.74 18.65 12.30
N ASP B 266 -33.96 19.30 13.17
CA ASP B 266 -33.84 20.75 13.21
C ASP B 266 -33.20 21.21 11.90
N MET B 267 -32.21 20.44 11.45
CA MET B 267 -31.48 20.70 10.20
C MET B 267 -32.38 20.50 8.99
N GLY B 268 -33.21 19.47 9.07
CA GLY B 268 -34.11 19.11 7.97
C GLY B 268 -35.08 20.20 7.59
N VAL B 269 -35.49 21.00 8.58
CA VAL B 269 -36.41 22.10 8.33
C VAL B 269 -35.80 23.14 7.38
N GLU B 270 -34.51 23.44 7.57
CA GLU B 270 -33.83 24.53 6.81
C GLU B 270 -33.17 24.05 5.52
N ILE B 271 -32.79 22.77 5.43
CA ILE B 271 -32.15 22.27 4.20
C ILE B 271 -32.82 20.99 3.71
N PRO B 272 -32.83 20.76 2.38
CA PRO B 272 -33.60 19.66 1.80
C PRO B 272 -33.20 18.33 2.40
N PRO B 273 -34.18 17.50 2.79
CA PRO B 273 -33.87 16.18 3.34
C PRO B 273 -33.21 15.19 2.36
N GLU B 274 -33.18 15.53 1.08
CA GLU B 274 -32.39 14.77 0.10
C GLU B 274 -30.89 14.95 0.36
N LYS B 275 -30.55 16.07 1.01
CA LYS B 275 -29.18 16.55 1.15
C LYS B 275 -28.61 16.34 2.57
N VAL B 276 -29.47 16.06 3.54
CA VAL B 276 -29.06 15.95 4.94
C VAL B 276 -28.04 14.84 5.20
N PRO B 277 -28.28 13.62 4.68
CA PRO B 277 -27.38 12.52 5.02
C PRO B 277 -25.97 12.66 4.44
N MET B 278 -25.82 13.43 3.38
CA MET B 278 -24.47 13.76 2.90
C MET B 278 -23.79 14.72 3.89
N VAL B 279 -24.57 15.63 4.46
CA VAL B 279 -24.05 16.59 5.42
C VAL B 279 -23.73 15.87 6.73
N GLN B 280 -24.63 15.03 7.21
CA GLN B 280 -24.34 14.26 8.40
C GLN B 280 -23.02 13.51 8.25
N LYS B 281 -22.89 12.77 7.16
CA LYS B 281 -21.68 11.98 6.91
C LYS B 281 -20.44 12.86 6.90
N ASP B 282 -20.57 14.09 6.41
CA ASP B 282 -19.43 14.99 6.31
C ASP B 282 -19.03 15.63 7.64
N LEU B 283 -20.02 16.09 8.41
CA LEU B 283 -19.77 16.69 9.72
C LEU B 283 -19.17 15.66 10.68
N ILE B 284 -19.75 14.46 10.72
CA ILE B 284 -19.21 13.39 11.55
C ILE B 284 -17.76 13.11 11.18
N ARG B 285 -17.49 13.07 9.87
CA ARG B 285 -16.13 12.83 9.40
C ARG B 285 -15.23 13.99 9.78
N GLN B 286 -15.76 15.21 9.74
CA GLN B 286 -14.96 16.40 10.08
C GLN B 286 -14.62 16.44 11.59
N CYS B 287 -15.47 15.82 12.40
CA CYS B 287 -15.24 15.71 13.84
C CYS B 287 -14.21 14.63 14.12
N ASN B 288 -14.33 13.52 13.39
CA ASN B 288 -13.37 12.44 13.51
C ASN B 288 -11.96 12.92 13.19
N LYS B 289 -11.86 13.86 12.26
CA LYS B 289 -10.58 14.34 11.83
C LYS B 289 -9.85 15.00 12.97
N LEU B 290 -10.61 15.65 13.85
CA LEU B 290 -10.02 16.45 14.92
C LEU B 290 -10.16 15.79 16.30
N GLY B 291 -10.54 14.52 16.35
CA GLY B 291 -10.70 13.80 17.62
C GLY B 291 -11.83 14.32 18.54
N LYS B 292 -12.63 15.25 18.02
CA LYS B 292 -13.73 15.82 18.77
C LYS B 292 -14.88 14.82 18.73
N PRO B 293 -15.49 14.54 19.87
CA PRO B 293 -16.63 13.64 19.87
C PRO B 293 -17.83 14.23 19.17
N VAL B 294 -18.62 13.37 18.54
CA VAL B 294 -19.83 13.84 17.88
C VAL B 294 -21.03 12.97 18.25
N ILE B 295 -22.15 13.63 18.49
CA ILE B 295 -23.40 12.97 18.80
C ILE B 295 -24.30 13.12 17.59
N THR B 296 -24.92 12.02 17.17
CA THR B 296 -25.95 12.07 16.14
C THR B 296 -27.32 12.08 16.85
N ALA B 297 -28.14 13.08 16.55
CA ALA B 297 -29.33 13.39 17.35
C ALA B 297 -30.63 13.51 16.57
N THR B 298 -31.74 13.20 17.25
CA THR B 298 -33.09 13.38 16.73
C THR B 298 -33.49 12.34 15.69
N GLN B 299 -34.80 12.07 15.62
CA GLN B 299 -35.38 11.17 14.64
C GLN B 299 -34.75 9.79 14.64
N MET B 300 -34.22 9.35 15.77
CA MET B 300 -33.50 8.09 15.78
C MET B 300 -34.48 6.91 15.81
N LEU B 301 -35.10 6.69 16.96
CA LEU B 301 -36.05 5.60 17.10
C LEU B 301 -37.41 6.16 17.50
N ASP B 302 -37.85 7.21 16.81
CA ASP B 302 -39.08 7.91 17.15
C ASP B 302 -40.33 7.02 17.23
N SER B 303 -40.36 5.91 16.51
CA SER B 303 -41.53 5.01 16.56
C SER B 303 -41.70 4.34 17.94
N MET B 304 -40.63 4.29 18.73
CA MET B 304 -40.66 3.63 20.03
C MET B 304 -41.32 4.50 21.11
N GLN B 305 -41.80 5.68 20.72
CA GLN B 305 -42.64 6.47 21.60
C GLN B 305 -44.01 5.83 21.73
N ARG B 306 -44.42 5.06 20.72
CA ARG B 306 -45.71 4.38 20.72
C ARG B 306 -45.60 2.85 20.65
N ASN B 307 -44.49 2.34 20.11
CA ASN B 307 -44.31 0.90 19.94
C ASN B 307 -43.14 0.35 20.73
N PRO B 308 -43.22 -0.92 21.12
CA PRO B 308 -42.16 -1.53 21.88
C PRO B 308 -41.01 -2.05 21.03
N ARG B 309 -41.04 -1.83 19.71
CA ARG B 309 -39.92 -2.22 18.87
C ARG B 309 -39.79 -1.23 17.70
N ALA B 310 -38.55 -0.92 17.34
CA ALA B 310 -38.28 0.04 16.29
C ALA B 310 -38.45 -0.59 14.90
N THR B 311 -38.60 0.27 13.89
CA THR B 311 -38.78 -0.16 12.52
C THR B 311 -37.43 -0.37 11.84
N ARG B 312 -37.43 -1.20 10.80
CA ARG B 312 -36.24 -1.48 10.00
C ARG B 312 -35.57 -0.17 9.60
N ALA B 313 -36.36 0.78 9.10
CA ALA B 313 -35.84 2.06 8.61
C ALA B 313 -35.02 2.76 9.69
N GLU B 314 -35.56 2.74 10.91
CA GLU B 314 -34.91 3.40 12.03
C GLU B 314 -33.63 2.70 12.49
N ALA B 315 -33.66 1.36 12.47
CA ALA B 315 -32.48 0.57 12.79
C ALA B 315 -31.36 0.90 11.79
N SER B 316 -31.70 0.84 10.51
CA SER B 316 -30.78 1.20 9.44
C SER B 316 -30.23 2.59 9.66
N ASP B 317 -31.12 3.51 10.04
CA ASP B 317 -30.73 4.90 10.24
C ASP B 317 -29.67 5.04 11.35
N VAL B 318 -29.94 4.41 12.49
CA VAL B 318 -29.00 4.40 13.62
C VAL B 318 -27.68 3.75 13.22
N ALA B 319 -27.76 2.52 12.73
CA ALA B 319 -26.58 1.77 12.30
C ALA B 319 -25.69 2.60 11.37
N ASN B 320 -26.32 3.35 10.47
CA ASN B 320 -25.55 4.16 9.53
C ASN B 320 -24.85 5.33 10.22
N ALA B 321 -25.45 5.87 11.27
CA ALA B 321 -24.75 6.87 12.04
C ALA B 321 -23.46 6.28 12.61
N ILE B 322 -23.55 5.06 13.13
CA ILE B 322 -22.41 4.38 13.68
C ILE B 322 -21.35 4.19 12.60
N TYR B 323 -21.77 3.75 11.41
CA TYR B 323 -20.83 3.54 10.33
C TYR B 323 -20.22 4.83 9.81
N ASP B 324 -20.95 5.94 9.88
CA ASP B 324 -20.43 7.25 9.47
C ASP B 324 -19.24 7.68 10.34
N GLY B 325 -19.22 7.14 11.56
CA GLY B 325 -18.13 7.35 12.52
C GLY B 325 -18.52 8.11 13.78
N THR B 326 -19.78 7.99 14.19
CA THR B 326 -20.31 8.78 15.30
C THR B 326 -19.76 8.28 16.61
N ASP B 327 -19.49 9.18 17.57
CA ASP B 327 -19.05 8.77 18.90
C ASP B 327 -20.27 8.32 19.69
N ALA B 328 -21.32 9.14 19.67
CA ALA B 328 -22.54 8.81 20.41
C ALA B 328 -23.84 8.98 19.63
N VAL B 329 -24.91 8.45 20.20
CA VAL B 329 -26.20 8.33 19.54
C VAL B 329 -27.29 8.74 20.52
N MET B 330 -28.13 9.72 20.16
CA MET B 330 -29.09 10.30 21.13
C MET B 330 -30.53 9.81 21.01
N LEU B 331 -31.23 9.78 22.13
CA LEU B 331 -32.67 9.50 22.17
C LEU B 331 -33.38 10.74 22.73
N SER B 332 -34.53 11.07 22.19
CA SER B 332 -35.29 12.23 22.65
C SER B 332 -36.58 11.80 23.33
N GLY B 333 -37.71 11.92 22.64
CA GLY B 333 -38.99 11.56 23.20
C GLY B 333 -39.08 10.09 23.56
N GLU B 334 -38.32 9.25 22.84
CA GLU B 334 -38.29 7.80 23.09
C GLU B 334 -38.17 7.53 24.60
N THR B 335 -37.18 8.17 25.22
CA THR B 335 -36.91 8.05 26.65
C THR B 335 -37.57 9.14 27.48
N ALA B 336 -37.79 10.32 26.92
CA ALA B 336 -38.30 11.44 27.72
C ALA B 336 -39.81 11.35 28.02
N ALA B 337 -40.64 11.24 26.99
CA ALA B 337 -42.09 11.20 27.17
C ALA B 337 -42.72 9.89 26.69
N GLY B 338 -41.93 9.00 26.11
CA GLY B 338 -42.46 7.82 25.44
C GLY B 338 -43.01 6.77 26.37
N LEU B 339 -43.87 5.90 25.82
CA LEU B 339 -44.43 4.78 26.56
C LEU B 339 -43.41 3.67 26.82
N TYR B 340 -42.25 3.69 26.14
CA TYR B 340 -41.28 2.59 26.21
C TYR B 340 -39.84 3.09 26.29
N PRO B 341 -39.47 3.70 27.42
CA PRO B 341 -38.14 4.30 27.59
C PRO B 341 -37.01 3.29 27.73
N GLU B 342 -37.24 2.22 28.49
CA GLU B 342 -36.22 1.19 28.71
C GLU B 342 -35.96 0.45 27.40
N GLU B 343 -37.06 0.12 26.70
CA GLU B 343 -37.01 -0.70 25.50
C GLU B 343 -36.33 0.06 24.38
N ALA B 344 -36.46 1.38 24.40
CA ALA B 344 -35.74 2.22 23.47
C ALA B 344 -34.23 2.15 23.69
N VAL B 345 -33.81 2.21 24.95
CA VAL B 345 -32.37 2.20 25.25
C VAL B 345 -31.80 0.80 25.05
N LYS B 346 -32.54 -0.23 25.45
CA LYS B 346 -32.09 -1.61 25.23
C LYS B 346 -31.90 -1.80 23.73
N THR B 347 -32.88 -1.35 22.94
CA THR B 347 -32.90 -1.56 21.48
C THR B 347 -31.82 -0.73 20.76
N MET B 348 -31.44 0.38 21.37
CA MET B 348 -30.40 1.23 20.83
C MET B 348 -29.05 0.57 21.00
N ARG B 349 -28.78 0.04 22.19
CA ARG B 349 -27.54 -0.68 22.45
C ARG B 349 -27.41 -1.86 21.48
N ASN B 350 -28.49 -2.61 21.34
CA ASN B 350 -28.49 -3.78 20.47
C ASN B 350 -28.09 -3.48 19.03
N ILE B 351 -28.65 -2.40 18.47
CA ILE B 351 -28.28 -1.95 17.13
C ILE B 351 -26.79 -1.61 17.12
N ALA B 352 -26.38 -0.86 18.16
CA ALA B 352 -25.01 -0.43 18.32
C ALA B 352 -24.07 -1.64 18.31
N VAL B 353 -24.36 -2.62 19.14
CA VAL B 353 -23.51 -3.80 19.20
C VAL B 353 -23.48 -4.56 17.87
N SER B 354 -24.65 -4.80 17.28
CA SER B 354 -24.74 -5.45 15.97
C SER B 354 -23.88 -4.74 14.93
N ALA B 355 -24.10 -3.44 14.81
CA ALA B 355 -23.45 -2.66 13.77
C ALA B 355 -21.94 -2.68 13.88
N GLU B 356 -21.44 -2.64 15.12
CA GLU B 356 -20.01 -2.66 15.34
C GLU B 356 -19.46 -4.05 15.12
N ALA B 357 -20.21 -5.05 15.60
CA ALA B 357 -19.86 -6.47 15.42
C ALA B 357 -19.43 -6.77 14.00
N ALA B 358 -20.19 -6.25 13.06
CA ALA B 358 -19.94 -6.49 11.67
C ALA B 358 -19.26 -5.29 11.03
N GLN B 359 -18.09 -4.88 11.53
CA GLN B 359 -17.32 -3.86 10.83
C GLN B 359 -15.83 -4.09 10.90
N ASP B 360 -15.13 -3.68 9.83
CA ASP B 360 -13.75 -4.07 9.60
C ASP B 360 -12.83 -3.03 10.21
N TYR B 361 -12.19 -3.40 11.32
CA TYR B 361 -11.33 -2.46 12.04
C TYR B 361 -10.01 -2.23 11.34
N LYS B 362 -9.62 -3.10 10.41
CA LYS B 362 -8.42 -2.90 9.60
C LYS B 362 -8.67 -1.72 8.62
N LYS B 363 -9.80 -1.78 7.92
CA LYS B 363 -10.22 -0.71 7.04
C LYS B 363 -10.33 0.55 7.89
N LEU B 364 -11.05 0.44 8.99
CA LEU B 364 -11.34 1.58 9.86
C LEU B 364 -10.07 2.32 10.32
N LEU B 365 -9.04 1.57 10.72
CA LEU B 365 -7.77 2.17 11.11
C LEU B 365 -7.11 2.82 9.90
N SER B 366 -6.96 2.03 8.83
CA SER B 366 -6.36 2.52 7.59
C SER B 366 -7.02 3.81 7.14
N ASP B 367 -8.33 3.87 7.31
CA ASP B 367 -9.08 5.05 6.98
C ASP B 367 -8.63 6.24 7.83
N ARG B 368 -8.67 6.07 9.15
CA ARG B 368 -8.31 7.16 10.05
C ARG B 368 -6.86 7.58 9.90
N THR B 369 -5.98 6.61 9.68
CA THR B 369 -4.56 6.89 9.48
C THR B 369 -4.36 7.88 8.33
N LYS B 370 -5.19 7.78 7.29
CA LYS B 370 -5.15 8.75 6.20
C LYS B 370 -5.89 10.05 6.57
N LEU B 371 -7.04 9.90 7.25
CA LEU B 371 -7.97 11.01 7.54
C LEU B 371 -7.40 12.05 8.52
N VAL B 372 -6.99 11.59 9.70
CA VAL B 372 -6.43 12.47 10.73
C VAL B 372 -4.98 12.84 10.37
N GLU B 373 -4.59 14.04 10.76
CA GLU B 373 -3.27 14.59 10.49
C GLU B 373 -2.17 13.74 11.12
N THR B 374 -0.99 13.79 10.53
CA THR B 374 0.15 13.08 11.07
C THR B 374 1.09 14.10 11.68
N SER B 375 1.15 14.09 13.01
CA SER B 375 1.83 15.14 13.78
C SER B 375 2.45 14.59 15.06
N LEU B 376 3.31 15.39 15.68
CA LEU B 376 3.92 15.06 16.97
C LEU B 376 2.80 14.73 17.95
N VAL B 377 1.75 15.53 17.90
CA VAL B 377 0.63 15.42 18.82
C VAL B 377 -0.11 14.08 18.67
N ASN B 378 -0.14 13.54 17.46
CA ASN B 378 -0.91 12.33 17.17
C ASN B 378 -0.07 11.06 17.04
N ALA B 379 1.25 11.21 17.09
CA ALA B 379 2.21 10.14 16.79
C ALA B 379 1.96 8.84 17.55
N ILE B 380 1.39 8.94 18.75
CA ILE B 380 1.23 7.77 19.56
C ILE B 380 -0.15 7.19 19.47
N GLY B 381 -1.08 7.95 18.92
CA GLY B 381 -2.39 7.37 18.57
C GLY B 381 -2.20 6.36 17.45
N ILE B 382 -1.39 6.77 16.47
CA ILE B 382 -1.15 5.99 15.26
C ILE B 382 -0.50 4.68 15.62
N SER B 383 0.61 4.76 16.36
CA SER B 383 1.42 3.59 16.71
C SER B 383 0.68 2.62 17.59
N VAL B 384 -0.10 3.15 18.54
CA VAL B 384 -0.89 2.32 19.43
C VAL B 384 -1.94 1.55 18.62
N ALA B 385 -2.66 2.27 17.77
CA ALA B 385 -3.72 1.69 16.94
C ALA B 385 -3.22 0.50 16.13
N HIS B 386 -2.08 0.71 15.46
CA HIS B 386 -1.46 -0.33 14.65
C HIS B 386 -0.98 -1.46 15.49
N THR B 387 -0.20 -1.16 16.52
CA THR B 387 0.27 -2.19 17.44
C THR B 387 -0.90 -3.01 17.97
N ALA B 388 -1.97 -2.34 18.39
CA ALA B 388 -3.15 -3.00 18.97
C ALA B 388 -3.82 -3.96 18.01
N LEU B 389 -3.99 -3.51 16.75
CA LEU B 389 -4.61 -4.34 15.71
C LEU B 389 -3.76 -5.53 15.37
N ASN B 390 -2.47 -5.27 15.12
CA ASN B 390 -1.53 -6.29 14.70
C ASN B 390 -1.21 -7.38 15.71
N LEU B 391 -1.06 -7.01 16.99
CA LEU B 391 -0.72 -7.98 18.03
C LEU B 391 -1.97 -8.51 18.73
N ASN B 392 -3.13 -7.95 18.41
CA ASN B 392 -4.40 -8.36 19.00
C ASN B 392 -4.41 -8.11 20.51
N VAL B 393 -4.23 -6.85 20.90
CA VAL B 393 -4.13 -6.48 22.30
C VAL B 393 -5.53 -6.37 22.89
N LYS B 394 -5.74 -6.94 24.07
CA LYS B 394 -7.07 -7.04 24.66
C LYS B 394 -7.60 -5.67 25.03
N ALA B 395 -6.72 -4.83 25.56
CA ALA B 395 -7.12 -3.51 26.03
C ALA B 395 -6.00 -2.49 25.94
N ILE B 396 -6.37 -1.25 25.62
CA ILE B 396 -5.46 -0.12 25.67
C ILE B 396 -5.86 0.65 26.91
N VAL B 397 -4.95 0.77 27.88
CA VAL B 397 -5.26 1.57 29.06
C VAL B 397 -4.62 2.95 28.86
N ALA B 398 -5.45 3.98 28.87
CA ALA B 398 -5.02 5.34 28.59
C ALA B 398 -5.09 6.20 29.84
N ALA B 399 -3.94 6.55 30.40
CA ALA B 399 -3.91 7.42 31.59
C ALA B 399 -4.08 8.89 31.22
N THR B 400 -5.16 9.50 31.70
CA THR B 400 -5.41 10.93 31.48
C THR B 400 -5.80 11.75 32.70
N GLU B 401 -5.31 12.97 32.76
CA GLU B 401 -5.84 13.97 33.66
C GLU B 401 -7.07 14.60 33.00
N SER B 402 -6.89 15.10 31.77
CA SER B 402 -7.89 15.92 31.09
C SER B 402 -8.85 15.16 30.23
N GLY B 403 -8.36 14.05 29.66
CA GLY B 403 -9.12 13.26 28.68
C GLY B 403 -8.43 13.20 27.32
N SER B 404 -7.53 14.15 27.05
CA SER B 404 -6.97 14.28 25.71
C SER B 404 -6.26 13.01 25.20
N THR B 405 -5.66 12.24 26.10
CA THR B 405 -5.08 10.97 25.70
C THR B 405 -6.14 9.96 25.35
N ALA B 406 -7.25 9.95 26.10
CA ALA B 406 -8.33 9.00 25.76
C ALA B 406 -8.94 9.35 24.41
N ARG B 407 -9.03 10.64 24.11
CA ARG B 407 -9.60 11.07 22.84
C ARG B 407 -8.63 10.73 21.72
N THR B 408 -7.34 10.99 21.93
CA THR B 408 -6.34 10.73 20.92
C THR B 408 -6.34 9.27 20.53
N ILE B 409 -6.44 8.37 21.51
CA ILE B 409 -6.47 6.94 21.20
C ILE B 409 -7.78 6.56 20.51
N SER B 410 -8.89 7.18 20.93
CA SER B 410 -10.21 6.86 20.41
C SER B 410 -10.34 7.21 18.94
N LYS B 411 -9.79 8.35 18.52
CA LYS B 411 -10.01 8.83 17.15
C LYS B 411 -9.50 7.84 16.09
N TYR B 412 -8.50 7.04 16.42
CA TYR B 412 -7.96 6.02 15.52
C TYR B 412 -8.71 4.69 15.56
N ARG B 413 -9.82 4.66 16.28
CA ARG B 413 -10.80 3.58 16.23
C ARG B 413 -10.20 2.17 16.25
N PRO B 414 -9.64 1.74 17.40
CA PRO B 414 -9.08 0.39 17.44
C PRO B 414 -10.09 -0.61 18.01
N HIS B 415 -9.96 -1.89 17.63
CA HIS B 415 -10.85 -2.95 18.14
C HIS B 415 -10.77 -3.00 19.64
N SER B 416 -9.55 -2.90 20.15
CA SER B 416 -9.26 -2.99 21.58
C SER B 416 -10.08 -2.00 22.40
N ASP B 417 -10.50 -2.47 23.58
CA ASP B 417 -11.26 -1.62 24.47
C ASP B 417 -10.28 -0.58 24.96
N ILE B 418 -10.71 0.66 24.98
CA ILE B 418 -9.91 1.71 25.59
C ILE B 418 -10.40 1.87 27.04
N ILE B 419 -9.48 1.75 27.99
CA ILE B 419 -9.78 2.01 29.40
C ILE B 419 -9.12 3.34 29.80
N ALA B 420 -9.93 4.30 30.25
CA ALA B 420 -9.40 5.60 30.64
C ALA B 420 -9.25 5.64 32.15
N VAL B 421 -8.02 5.47 32.63
CA VAL B 421 -7.71 5.64 34.03
C VAL B 421 -7.44 7.11 34.27
N THR B 422 -8.24 7.72 35.16
CA THR B 422 -8.17 9.15 35.45
C THR B 422 -8.34 9.42 36.94
N PRO B 423 -7.59 10.41 37.48
CA PRO B 423 -7.83 10.87 38.85
C PRO B 423 -9.06 11.73 38.98
N SER B 424 -9.41 12.44 37.92
CA SER B 424 -10.54 13.36 37.93
C SER B 424 -11.85 12.60 37.71
N GLU B 425 -12.71 12.66 38.69
CA GLU B 425 -14.06 12.16 38.56
C GLU B 425 -14.79 12.87 37.42
N GLU B 426 -14.50 14.15 37.22
CA GLU B 426 -15.24 14.94 36.25
C GLU B 426 -14.70 14.81 34.82
N THR B 427 -13.40 14.55 34.67
CA THR B 427 -12.86 14.23 33.35
C THR B 427 -12.98 12.73 33.11
N ALA B 428 -13.79 12.07 33.92
CA ALA B 428 -14.14 10.70 33.65
C ALA B 428 -15.53 10.66 33.13
N ARG B 429 -16.37 11.59 33.57
CA ARG B 429 -17.71 11.76 32.98
C ARG B 429 -17.62 12.35 31.56
N GLN B 430 -16.54 13.09 31.30
CA GLN B 430 -16.35 13.61 29.96
C GLN B 430 -15.89 12.54 29.02
N CYS B 431 -15.26 11.51 29.58
CA CYS B 431 -14.90 10.35 28.78
C CYS B 431 -16.07 9.44 28.47
N SER B 432 -17.18 9.60 29.19
CA SER B 432 -18.30 8.70 29.01
C SER B 432 -18.94 8.82 27.64
N ILE B 433 -18.74 9.97 26.98
CA ILE B 433 -19.27 10.24 25.64
C ILE B 433 -18.35 9.85 24.50
N VAL B 434 -17.04 9.79 24.74
CA VAL B 434 -16.12 9.53 23.63
C VAL B 434 -16.08 8.05 23.28
N TRP B 435 -15.86 7.80 21.99
CA TRP B 435 -16.06 6.49 21.38
C TRP B 435 -15.13 5.48 21.94
N GLY B 436 -15.70 4.38 22.40
CA GLY B 436 -14.92 3.21 22.82
C GLY B 436 -14.18 3.30 24.14
N VAL B 437 -14.33 4.45 24.83
CA VAL B 437 -13.64 4.66 26.12
C VAL B 437 -14.53 4.30 27.30
N GLN B 438 -14.05 3.36 28.11
CA GLN B 438 -14.71 2.98 29.36
C GLN B 438 -13.83 3.56 30.45
N PRO B 439 -14.29 4.64 31.10
CA PRO B 439 -13.44 5.34 32.08
C PRO B 439 -13.53 4.74 33.50
N VAL B 440 -12.44 4.79 34.24
CA VAL B 440 -12.43 4.45 35.66
C VAL B 440 -11.62 5.46 36.46
N VAL B 441 -12.07 5.74 37.69
CA VAL B 441 -11.41 6.73 38.52
C VAL B 441 -10.47 6.05 39.51
N LYS B 442 -9.17 6.16 39.27
CA LYS B 442 -8.13 5.71 40.21
C LYS B 442 -7.26 6.88 40.62
N LYS B 443 -6.74 6.83 41.84
CA LYS B 443 -6.18 8.01 42.49
C LYS B 443 -4.76 8.32 42.03
N GLY B 444 -4.50 9.60 41.81
CA GLY B 444 -3.31 10.09 41.11
C GLY B 444 -1.96 9.55 41.54
N ARG B 445 -1.23 8.99 40.57
CA ARG B 445 0.16 8.55 40.74
C ARG B 445 1.05 9.63 40.15
N LYS B 446 2.14 9.95 40.81
CA LYS B 446 2.98 11.02 40.32
C LYS B 446 4.02 10.50 39.34
N SER B 447 4.78 9.50 39.76
CA SER B 447 5.86 8.95 38.94
C SER B 447 5.32 8.07 37.84
N THR B 448 6.10 7.95 36.77
CA THR B 448 5.77 7.09 35.64
C THR B 448 5.61 5.64 36.08
N ASP B 449 6.56 5.14 36.85
CA ASP B 449 6.50 3.76 37.35
C ASP B 449 5.17 3.46 38.02
N ALA B 450 4.75 4.36 38.89
CA ALA B 450 3.47 4.23 39.58
C ALA B 450 2.31 4.11 38.60
N LEU B 451 2.33 5.00 37.59
CA LEU B 451 1.30 5.09 36.57
C LEU B 451 1.19 3.80 35.76
N LEU B 452 2.32 3.30 35.30
CA LEU B 452 2.36 2.03 34.57
C LEU B 452 1.81 0.91 35.42
N ASN B 453 2.31 0.77 36.64
CA ASN B 453 1.88 -0.32 37.52
C ASN B 453 0.42 -0.23 37.88
N ASN B 454 -0.04 0.98 38.22
CA ASN B 454 -1.44 1.16 38.49
C ASN B 454 -2.24 0.75 37.25
N ALA B 455 -1.86 1.28 36.08
CA ALA B 455 -2.53 0.92 34.83
C ALA B 455 -2.80 -0.58 34.74
N VAL B 456 -1.73 -1.38 34.81
CA VAL B 456 -1.84 -2.84 34.70
C VAL B 456 -2.81 -3.40 35.74
N ALA B 457 -2.78 -2.83 36.94
CA ALA B 457 -3.67 -3.28 38.03
C ALA B 457 -5.12 -2.85 37.79
N THR B 458 -5.30 -1.64 37.30
CA THR B 458 -6.63 -1.11 37.00
C THR B 458 -7.29 -1.92 35.90
N ALA B 459 -6.50 -2.29 34.90
CA ALA B 459 -7.00 -3.09 33.81
C ALA B 459 -7.51 -4.44 34.31
N VAL B 460 -6.70 -5.11 35.12
CA VAL B 460 -7.07 -6.44 35.61
C VAL B 460 -8.32 -6.37 36.45
N GLU B 461 -8.46 -5.30 37.23
CA GLU B 461 -9.57 -5.20 38.16
C GLU B 461 -10.89 -4.85 37.47
N THR B 462 -10.84 -4.39 36.23
CA THR B 462 -12.05 -4.19 35.43
C THR B 462 -12.65 -5.52 34.99
N GLY B 463 -11.84 -6.58 35.05
CA GLY B 463 -12.31 -7.91 34.73
C GLY B 463 -12.21 -8.23 33.25
N ARG B 464 -11.94 -7.21 32.44
CA ARG B 464 -11.87 -7.38 31.00
C ARG B 464 -10.56 -8.10 30.61
N VAL B 465 -9.42 -7.68 31.18
CA VAL B 465 -8.16 -8.37 30.92
C VAL B 465 -7.83 -9.35 32.06
N THR B 466 -7.23 -10.48 31.69
CA THR B 466 -6.75 -11.48 32.66
C THR B 466 -5.33 -11.89 32.26
N ASN B 467 -4.88 -13.07 32.67
CA ASN B 467 -3.44 -13.36 32.64
C ASN B 467 -2.75 -13.56 31.29
N GLY B 468 -3.36 -14.26 30.36
CA GLY B 468 -2.76 -14.37 29.02
C GLY B 468 -2.63 -13.07 28.22
N ASP B 469 -3.52 -12.11 28.51
CA ASP B 469 -3.82 -11.02 27.60
C ASP B 469 -2.68 -10.03 27.46
N LEU B 470 -2.61 -9.36 26.31
CA LEU B 470 -1.69 -8.24 26.08
C LEU B 470 -2.39 -6.92 26.33
N ILE B 471 -1.60 -5.93 26.70
CA ILE B 471 -2.12 -4.62 27.07
C ILE B 471 -1.15 -3.56 26.54
N ILE B 472 -1.68 -2.44 26.06
CA ILE B 472 -0.86 -1.28 25.75
C ILE B 472 -1.21 -0.23 26.78
N ILE B 473 -0.22 0.23 27.53
CA ILE B 473 -0.39 1.34 28.48
C ILE B 473 0.09 2.59 27.78
N THR B 474 -0.71 3.66 27.84
CA THR B 474 -0.33 4.91 27.20
C THR B 474 -0.78 6.14 28.00
N ALA B 475 0.05 7.18 27.96
CA ALA B 475 -0.20 8.42 28.67
C ALA B 475 0.81 9.49 28.25
N GLY B 476 0.59 10.71 28.74
CA GLY B 476 1.53 11.79 28.53
C GLY B 476 2.39 11.89 29.76
N VAL B 477 3.71 11.76 29.61
CA VAL B 477 4.60 11.74 30.76
C VAL B 477 5.79 12.67 30.56
N PRO B 478 6.30 13.27 31.64
CA PRO B 478 5.84 13.17 33.03
C PRO B 478 4.43 13.71 33.19
N THR B 479 3.66 13.17 34.14
CA THR B 479 2.25 13.55 34.32
C THR B 479 2.01 15.07 34.47
N GLY B 480 3.03 15.77 35.01
CA GLY B 480 3.06 17.23 35.09
C GLY B 480 3.02 17.90 33.72
N GLU B 481 4.19 18.08 33.10
CA GLU B 481 4.32 18.82 31.83
C GLU B 481 3.51 18.23 30.67
N THR B 482 2.74 17.16 30.95
CA THR B 482 1.88 16.52 29.95
C THR B 482 1.01 17.56 29.26
N GLY B 483 1.30 17.80 28.00
CA GLY B 483 0.35 18.47 27.14
C GLY B 483 -0.33 17.40 26.32
N THR B 484 0.50 16.58 25.69
CA THR B 484 0.07 15.65 24.66
C THR B 484 0.34 14.28 25.19
N THR B 485 -0.22 13.27 24.54
CA THR B 485 0.12 11.88 24.88
C THR B 485 1.36 11.44 24.08
N ASN B 486 2.35 10.84 24.76
CA ASN B 486 3.71 10.73 24.22
C ASN B 486 4.51 9.50 24.60
N MET B 487 3.85 8.49 25.17
CA MET B 487 4.51 7.20 25.36
C MET B 487 3.54 6.02 25.43
N MET B 488 4.05 4.85 25.03
CA MET B 488 3.31 3.61 25.13
C MET B 488 4.23 2.51 25.62
N LYS B 489 3.66 1.58 26.36
CA LYS B 489 4.36 0.37 26.79
C LYS B 489 3.44 -0.79 26.42
N ILE B 490 4.02 -1.84 25.85
CA ILE B 490 3.29 -3.08 25.58
C ILE B 490 3.63 -3.99 26.73
N HIS B 491 2.60 -4.52 27.40
CA HIS B 491 2.79 -5.32 28.61
C HIS B 491 1.99 -6.59 28.54
N LEU B 492 2.61 -7.73 28.86
CA LEU B 492 1.89 -9.00 28.97
C LEU B 492 1.40 -9.11 30.41
N VAL B 493 0.12 -9.39 30.62
CA VAL B 493 -0.47 -9.32 31.96
C VAL B 493 0.00 -10.46 32.86
N GLY B 494 1.23 -10.34 33.35
CA GLY B 494 1.88 -11.37 34.18
C GLY B 494 1.99 -12.70 33.46
N ASP B 495 2.60 -13.73 34.05
CA ASP B 495 3.57 -13.67 35.15
C ASP B 495 4.14 -15.08 35.22
N GLU B 496 4.94 -15.43 34.22
CA GLU B 496 5.68 -16.70 34.11
C GLU B 496 5.64 -17.63 35.33
N ILE B 497 5.02 -18.81 35.21
CA ILE B 497 4.97 -19.76 36.34
C ILE B 497 6.32 -20.43 36.61
N ALA B 498 7.05 -20.77 35.55
CA ALA B 498 8.40 -21.30 35.68
C ALA B 498 9.25 -20.69 34.59
N ASN B 499 10.57 -20.80 34.72
CA ASN B 499 11.48 -20.33 33.67
C ASN B 499 12.86 -20.98 33.71
N GLY B 500 13.63 -20.76 32.64
CA GLY B 500 14.97 -21.35 32.53
C GLY B 500 15.74 -20.86 31.31
N GLN B 501 16.54 -21.75 30.74
CA GLN B 501 17.36 -21.47 29.56
C GLN B 501 16.64 -21.91 28.30
N GLY B 502 16.15 -20.93 27.54
CA GLY B 502 15.37 -21.20 26.34
C GLY B 502 16.25 -21.64 25.19
N ILE B 503 15.84 -22.71 24.51
CA ILE B 503 16.53 -23.21 23.34
C ILE B 503 15.57 -23.12 22.16
N GLY B 504 16.05 -22.60 21.04
CA GLY B 504 15.17 -22.22 19.96
C GLY B 504 14.59 -20.86 20.27
N ARG B 505 13.73 -20.37 19.38
CA ARG B 505 13.18 -19.02 19.47
C ARG B 505 11.65 -18.99 19.35
N GLY B 506 11.03 -20.16 19.34
CA GLY B 506 9.60 -20.29 19.01
C GLY B 506 8.69 -20.24 20.22
N SER B 507 7.51 -20.84 20.07
CA SER B 507 6.55 -20.94 21.15
C SER B 507 5.34 -21.76 20.74
N VAL B 508 4.66 -22.35 21.70
CA VAL B 508 3.43 -23.12 21.45
C VAL B 508 2.57 -23.16 22.70
N VAL B 509 1.26 -23.21 22.51
CA VAL B 509 0.33 -23.55 23.58
C VAL B 509 0.09 -25.05 23.52
N GLY B 510 0.15 -25.71 24.68
CA GLY B 510 -0.09 -27.15 24.75
C GLY B 510 -0.33 -27.58 26.18
N THR B 511 -0.92 -28.77 26.35
CA THR B 511 -1.19 -29.30 27.68
C THR B 511 -0.01 -30.15 28.16
N THR B 512 0.35 -30.03 29.43
CA THR B 512 1.54 -30.68 29.98
C THR B 512 1.37 -32.19 30.16
N LEU B 513 2.50 -32.90 30.15
CA LEU B 513 2.55 -34.32 30.49
C LEU B 513 3.90 -34.61 31.18
N VAL B 514 3.91 -34.49 32.50
CA VAL B 514 5.13 -34.71 33.30
C VAL B 514 5.51 -36.20 33.23
N ALA B 515 6.75 -36.48 32.84
CA ALA B 515 7.23 -37.86 32.65
C ALA B 515 8.42 -38.15 33.56
N GLU B 516 8.26 -39.17 34.40
CA GLU B 516 9.32 -39.64 35.28
C GLU B 516 10.13 -40.73 34.57
N THR B 517 9.44 -41.53 33.76
CA THR B 517 10.04 -42.62 33.01
C THR B 517 9.78 -42.44 31.51
N VAL B 518 10.53 -43.16 30.69
CA VAL B 518 10.26 -43.27 29.25
C VAL B 518 8.92 -43.98 28.97
N LYS B 519 8.58 -44.93 29.85
CA LYS B 519 7.32 -45.68 29.77
C LYS B 519 6.17 -44.87 30.35
N ASP B 520 6.49 -43.75 31.02
CA ASP B 520 5.49 -42.82 31.54
C ASP B 520 4.94 -41.93 30.40
N LEU B 521 5.14 -42.34 29.16
CA LEU B 521 4.57 -41.69 27.99
C LEU B 521 4.59 -42.59 26.75
N GLU B 522 4.42 -43.89 26.96
CA GLU B 522 4.57 -44.87 25.88
C GLU B 522 3.26 -45.09 25.12
N GLY B 523 2.41 -45.97 25.62
CA GLY B 523 1.15 -46.30 24.93
C GLY B 523 0.03 -45.38 25.37
N LYS B 524 0.27 -44.08 25.28
CA LYS B 524 -0.71 -43.06 25.70
C LYS B 524 -0.38 -41.65 25.18
N ASP B 525 0.00 -41.56 23.91
CA ASP B 525 0.51 -40.30 23.35
C ASP B 525 -0.10 -39.90 22.01
N LEU B 526 -0.88 -38.82 22.03
CA LEU B 526 -1.08 -38.00 20.84
C LEU B 526 0.08 -37.00 20.84
N SER B 527 0.09 -36.11 19.85
CA SER B 527 1.00 -34.99 19.84
C SER B 527 0.49 -33.95 20.85
N ASP B 528 0.33 -32.70 20.41
CA ASP B 528 -0.39 -31.63 21.16
C ASP B 528 -0.07 -31.47 22.67
N LYS B 529 1.08 -31.97 23.12
CA LYS B 529 1.44 -31.93 24.54
C LYS B 529 2.89 -31.54 24.75
N VAL B 530 3.16 -30.77 25.81
CA VAL B 530 4.53 -30.38 26.17
C VAL B 530 5.03 -31.28 27.29
N ILE B 531 6.08 -32.07 27.00
CA ILE B 531 6.59 -33.05 27.95
C ILE B 531 7.56 -32.41 28.95
N VAL B 532 7.52 -32.88 30.19
CA VAL B 532 8.35 -32.33 31.26
C VAL B 532 9.10 -33.46 31.97
N THR B 533 10.36 -33.71 31.59
CA THR B 533 11.20 -34.74 32.25
C THR B 533 12.47 -34.12 32.83
N ASN B 534 13.29 -34.93 33.50
CA ASN B 534 14.54 -34.43 34.08
C ASN B 534 15.55 -34.09 32.98
N SER B 535 16.03 -35.13 32.29
CA SER B 535 16.88 -34.96 31.13
C SER B 535 16.50 -35.99 30.07
N ILE B 536 17.11 -35.88 28.89
CA ILE B 536 16.77 -36.74 27.75
C ILE B 536 17.86 -37.80 27.51
N ASP B 537 17.44 -39.06 27.51
CA ASP B 537 18.29 -40.20 27.17
C ASP B 537 18.16 -40.47 25.69
N GLU B 538 18.79 -41.56 25.26
CA GLU B 538 18.47 -42.15 23.97
C GLU B 538 17.03 -42.68 23.95
N THR B 539 16.55 -43.18 25.09
CA THR B 539 15.20 -43.75 25.18
C THR B 539 14.11 -42.69 25.08
N PHE B 540 14.46 -41.43 25.36
CA PHE B 540 13.49 -40.33 25.27
C PHE B 540 13.39 -39.69 23.88
N VAL B 541 14.49 -39.69 23.13
CA VAL B 541 14.54 -39.00 21.82
C VAL B 541 13.43 -39.41 20.83
N PRO B 542 13.05 -40.71 20.79
CA PRO B 542 11.97 -41.08 19.86
C PRO B 542 10.61 -40.43 20.18
N TYR B 543 10.37 -40.10 21.45
CA TYR B 543 9.09 -39.53 21.88
C TYR B 543 9.05 -38.01 21.79
N VAL B 544 10.19 -37.35 21.99
CA VAL B 544 10.27 -35.88 21.94
C VAL B 544 9.89 -35.30 20.57
N GLU B 545 10.27 -36.00 19.50
CA GLU B 545 9.93 -35.58 18.14
C GLU B 545 8.43 -35.56 17.89
N LYS B 546 7.70 -36.48 18.53
CA LYS B 546 6.24 -36.59 18.38
C LYS B 546 5.47 -35.54 19.19
N ALA B 547 6.19 -34.69 19.94
CA ALA B 547 5.58 -33.74 20.89
C ALA B 547 5.52 -32.31 20.36
N LEU B 548 4.85 -31.44 21.12
CA LEU B 548 4.71 -30.01 20.79
C LEU B 548 5.84 -29.16 21.35
N GLY B 549 6.22 -29.44 22.59
CA GLY B 549 7.24 -28.68 23.31
C GLY B 549 7.93 -29.50 24.39
N LEU B 550 9.00 -28.98 24.97
CA LEU B 550 9.81 -29.71 25.96
C LEU B 550 10.36 -28.81 27.08
N ILE B 551 10.07 -29.19 28.32
CA ILE B 551 10.61 -28.52 29.50
C ILE B 551 11.44 -29.55 30.29
N THR B 552 12.76 -29.50 30.15
CA THR B 552 13.64 -30.39 30.90
C THR B 552 14.14 -29.68 32.13
N GLU B 553 14.48 -30.45 33.16
CA GLU B 553 14.75 -29.90 34.49
C GLU B 553 16.02 -29.10 34.47
N GLU B 554 17.15 -29.80 34.53
CA GLU B 554 18.45 -29.17 34.62
C GLU B 554 19.15 -29.51 33.32
N ASN B 555 20.09 -28.67 32.91
CA ASN B 555 20.93 -28.95 31.75
C ASN B 555 21.60 -27.65 31.25
N GLY B 556 22.52 -27.77 30.29
CA GLY B 556 23.14 -26.63 29.62
C GLY B 556 22.65 -26.48 28.18
N ILE B 557 23.32 -25.62 27.40
CA ILE B 557 22.90 -25.30 26.02
C ILE B 557 23.19 -26.42 25.02
N THR B 558 24.25 -27.19 25.26
CA THR B 558 24.59 -28.36 24.41
C THR B 558 24.33 -29.66 25.17
N SER B 559 23.29 -29.66 26.00
CA SER B 559 22.82 -30.87 26.66
C SER B 559 22.12 -31.76 25.67
N PRO B 560 21.91 -33.05 26.00
CA PRO B 560 21.11 -33.88 25.11
C PRO B 560 19.68 -33.36 24.93
N SER B 561 19.14 -32.70 25.96
CA SER B 561 17.77 -32.14 25.94
C SER B 561 17.66 -30.91 25.04
N ALA B 562 18.71 -30.08 25.06
CA ALA B 562 18.77 -28.88 24.24
C ALA B 562 18.98 -29.21 22.77
N ILE B 563 19.92 -30.12 22.50
CA ILE B 563 20.30 -30.45 21.13
C ILE B 563 19.18 -31.17 20.37
N VAL B 564 18.35 -31.95 21.07
CA VAL B 564 17.22 -32.64 20.42
C VAL B 564 16.04 -31.71 20.17
N GLY B 565 15.88 -30.71 21.02
CA GLY B 565 14.83 -29.71 20.84
C GLY B 565 15.11 -28.80 19.66
N LEU B 566 16.38 -28.37 19.55
CA LEU B 566 16.81 -27.49 18.47
C LEU B 566 16.76 -28.22 17.14
N GLU B 567 17.32 -29.43 17.08
CA GLU B 567 17.38 -30.21 15.85
C GLU B 567 15.99 -30.57 15.30
N LYS B 568 15.06 -30.86 16.20
CA LYS B 568 13.70 -31.26 15.79
C LYS B 568 12.71 -30.10 15.70
N GLY B 569 13.20 -28.87 15.89
CA GLY B 569 12.39 -27.67 15.70
C GLY B 569 11.29 -27.53 16.72
N ILE B 570 11.49 -28.13 17.89
CA ILE B 570 10.52 -28.09 18.98
C ILE B 570 11.01 -27.06 20.00
N PRO B 571 10.20 -26.03 20.27
CA PRO B 571 10.63 -25.02 21.22
C PRO B 571 10.72 -25.61 22.61
N THR B 572 11.86 -25.40 23.27
CA THR B 572 12.14 -26.04 24.55
C THR B 572 12.75 -25.06 25.53
N VAL B 573 12.70 -25.40 26.82
CA VAL B 573 13.42 -24.66 27.85
C VAL B 573 14.10 -25.67 28.76
N VAL B 574 15.44 -25.62 28.81
CA VAL B 574 16.22 -26.42 29.75
C VAL B 574 16.60 -25.57 30.97
N GLY B 575 17.12 -26.22 32.00
CA GLY B 575 17.53 -25.52 33.23
C GLY B 575 16.39 -24.95 34.05
N VAL B 576 15.25 -25.65 34.08
CA VAL B 576 14.05 -25.22 34.81
C VAL B 576 13.98 -25.87 36.21
N GLU B 577 14.16 -25.06 37.25
CA GLU B 577 14.09 -25.50 38.66
C GLU B 577 13.00 -26.53 38.94
N LYS B 578 13.41 -27.74 39.33
CA LYS B 578 12.48 -28.75 39.82
C LYS B 578 11.23 -28.91 38.96
N ALA B 579 11.40 -28.76 37.64
CA ALA B 579 10.27 -28.76 36.71
C ALA B 579 9.32 -29.95 36.92
N VAL B 580 9.88 -31.13 37.19
CA VAL B 580 9.08 -32.35 37.38
C VAL B 580 8.09 -32.22 38.55
N LYS B 581 8.57 -31.67 39.68
CA LYS B 581 7.76 -31.54 40.89
C LYS B 581 6.86 -30.30 40.85
N ASN B 582 7.42 -29.19 40.38
CA ASN B 582 6.76 -27.89 40.44
C ASN B 582 5.62 -27.71 39.43
N ILE B 583 5.93 -27.73 38.14
CA ILE B 583 4.90 -27.47 37.12
C ILE B 583 3.96 -28.68 37.04
N SER B 584 2.65 -28.43 37.01
CA SER B 584 1.64 -29.49 37.13
C SER B 584 1.46 -30.30 35.85
N ASN B 585 0.93 -31.51 36.02
CA ASN B 585 0.61 -32.40 34.90
C ASN B 585 -0.76 -32.06 34.32
N ASN B 586 -0.90 -32.21 33.00
CA ASN B 586 -2.19 -32.03 32.30
C ASN B 586 -2.66 -30.59 32.10
N VAL B 587 -2.24 -29.67 32.99
CA VAL B 587 -2.68 -28.26 32.91
C VAL B 587 -2.05 -27.58 31.69
N LEU B 588 -2.86 -26.81 30.97
CA LEU B 588 -2.44 -26.16 29.71
C LEU B 588 -1.40 -25.08 29.96
N VAL B 589 -0.44 -24.96 29.04
CA VAL B 589 0.74 -24.10 29.25
C VAL B 589 1.25 -23.51 27.94
N THR B 590 1.83 -22.32 28.02
CA THR B 590 2.49 -21.67 26.89
C THR B 590 3.99 -21.48 27.17
N ILE B 591 4.84 -21.98 26.29
CA ILE B 591 6.29 -21.82 26.46
C ILE B 591 6.82 -20.86 25.42
N ASP B 592 7.67 -19.94 25.86
CA ASP B 592 8.30 -18.96 25.00
C ASP B 592 9.79 -19.28 24.97
N ALA B 593 10.26 -19.85 23.86
CA ALA B 593 11.66 -20.27 23.75
C ALA B 593 12.64 -19.11 23.83
N ALA B 594 12.42 -18.05 23.04
CA ALA B 594 13.08 -16.77 23.33
C ALA B 594 12.52 -16.39 24.68
N GLN B 595 13.27 -15.64 25.50
CA GLN B 595 12.87 -15.34 26.90
C GLN B 595 13.15 -16.47 27.88
N GLY B 596 12.86 -17.70 27.47
CA GLY B 596 13.06 -18.86 28.34
C GLY B 596 12.06 -18.87 29.47
N LYS B 597 10.87 -18.34 29.21
CA LYS B 597 9.80 -18.29 30.19
C LYS B 597 8.73 -19.32 29.82
N ILE B 598 7.97 -19.74 30.84
CA ILE B 598 6.84 -20.68 30.67
C ILE B 598 5.62 -20.10 31.43
N PHE B 599 4.45 -20.09 30.78
CA PHE B 599 3.29 -19.34 31.27
C PHE B 599 2.11 -20.23 31.65
N GLU B 600 1.19 -19.65 32.44
CA GLU B 600 0.06 -20.39 33.01
C GLU B 600 -0.83 -21.00 31.93
N GLY B 601 -1.57 -20.18 31.20
CA GLY B 601 -2.49 -20.68 30.17
C GLY B 601 -2.03 -20.28 28.78
N TYR B 602 -2.87 -19.53 28.07
CA TYR B 602 -2.51 -18.91 26.79
C TYR B 602 -1.66 -17.66 27.01
N ALA B 603 -0.71 -17.36 26.12
CA ALA B 603 0.21 -16.23 26.34
C ALA B 603 0.29 -15.24 25.14
N ASN B 604 1.42 -15.20 24.42
CA ASN B 604 1.71 -14.24 23.31
C ASN B 604 3.22 -14.03 23.20
N MET C 22 -23.05 9.50 -15.98
CA MET C 22 -23.65 10.18 -14.82
C MET C 22 -25.14 9.84 -14.73
N ARG C 23 -25.44 8.70 -14.11
CA ARG C 23 -26.80 8.32 -13.66
C ARG C 23 -26.80 7.03 -12.83
N LYS C 24 -26.01 6.05 -13.29
CA LYS C 24 -25.41 4.97 -12.45
C LYS C 24 -26.28 3.90 -11.78
N THR C 25 -27.03 4.26 -10.75
CA THR C 25 -27.83 3.28 -10.00
C THR C 25 -29.24 3.17 -10.63
N LYS C 26 -29.67 1.95 -10.94
CA LYS C 26 -30.86 1.75 -11.77
C LYS C 26 -32.14 1.70 -10.94
N ILE C 27 -33.27 2.01 -11.59
CA ILE C 27 -34.56 2.11 -10.90
C ILE C 27 -35.59 1.11 -11.40
N VAL C 28 -36.02 0.17 -10.55
CA VAL C 28 -37.13 -0.71 -10.88
C VAL C 28 -38.46 -0.12 -10.38
N CYS C 29 -39.53 -0.21 -11.16
CA CYS C 29 -40.85 0.32 -10.75
C CYS C 29 -41.94 -0.74 -10.83
N THR C 30 -42.86 -0.72 -9.89
CA THR C 30 -43.94 -1.69 -9.89
C THR C 30 -45.15 -1.07 -10.57
N ILE C 31 -45.63 -1.75 -11.61
CA ILE C 31 -46.79 -1.30 -12.37
C ILE C 31 -48.09 -1.76 -11.73
N GLY C 32 -49.09 -0.89 -11.76
CA GLY C 32 -50.39 -1.20 -11.19
C GLY C 32 -51.38 -0.12 -11.56
N PRO C 33 -52.59 -0.20 -11.01
CA PRO C 33 -53.68 0.73 -11.30
C PRO C 33 -53.24 2.17 -11.60
N ALA C 34 -52.36 2.73 -10.76
CA ALA C 34 -51.99 4.15 -10.89
C ALA C 34 -50.87 4.39 -11.92
N SER C 35 -50.44 3.34 -12.60
CA SER C 35 -49.39 3.46 -13.62
C SER C 35 -49.56 2.54 -14.85
N GLU C 36 -50.78 2.05 -15.10
CA GLU C 36 -51.06 1.19 -16.26
C GLU C 36 -51.05 2.01 -17.53
N SER C 37 -51.60 3.20 -17.45
CA SER C 37 -51.86 4.02 -18.62
C SER C 37 -50.60 4.28 -19.43
N GLU C 38 -50.78 4.28 -20.75
CA GLU C 38 -49.77 4.68 -21.71
C GLU C 38 -49.19 6.03 -21.31
N GLU C 39 -50.08 6.94 -20.89
CA GLU C 39 -49.69 8.29 -20.48
C GLU C 39 -48.68 8.29 -19.34
N MET C 40 -48.95 7.48 -18.31
CA MET C 40 -48.11 7.42 -17.11
C MET C 40 -46.81 6.70 -17.35
N ILE C 41 -46.87 5.55 -18.01
CA ILE C 41 -45.66 4.77 -18.30
C ILE C 41 -44.65 5.59 -19.07
N GLU C 42 -45.11 6.47 -19.93
CA GLU C 42 -44.22 7.42 -20.58
C GLU C 42 -43.56 8.33 -19.54
N LYS C 43 -44.37 8.85 -18.63
CA LYS C 43 -43.90 9.77 -17.60
C LYS C 43 -42.89 9.09 -16.67
N LEU C 44 -43.11 7.79 -16.42
CA LEU C 44 -42.20 6.99 -15.60
C LEU C 44 -40.88 6.73 -16.31
N ILE C 45 -40.94 6.35 -17.59
CA ILE C 45 -39.72 6.11 -18.37
C ILE C 45 -38.90 7.39 -18.48
N ASN C 46 -39.59 8.51 -18.71
CA ASN C 46 -38.94 9.81 -18.69
C ASN C 46 -38.40 10.16 -17.31
N ALA C 47 -39.13 9.80 -16.27
CA ALA C 47 -38.67 10.03 -14.90
C ALA C 47 -37.40 9.23 -14.58
N GLY C 48 -37.15 8.18 -15.35
CA GLY C 48 -35.90 7.42 -15.24
C GLY C 48 -36.07 5.94 -14.98
N MET C 49 -37.26 5.38 -15.22
CA MET C 49 -37.49 3.94 -15.03
C MET C 49 -36.58 3.13 -15.95
N ASN C 50 -35.97 2.08 -15.42
CA ASN C 50 -35.15 1.18 -16.20
C ASN C 50 -35.71 -0.23 -16.29
N VAL C 51 -36.53 -0.63 -15.32
CA VAL C 51 -37.14 -1.94 -15.35
C VAL C 51 -38.55 -1.80 -14.78
N ALA C 52 -39.53 -2.36 -15.47
CA ALA C 52 -40.86 -2.42 -14.94
C ALA C 52 -41.03 -3.77 -14.26
N ARG C 53 -41.65 -3.76 -13.07
CA ARG C 53 -41.90 -4.96 -12.29
C ARG C 53 -43.39 -5.26 -12.37
N LEU C 54 -43.70 -6.53 -12.56
CA LEU C 54 -45.08 -7.00 -12.56
C LEU C 54 -45.18 -7.95 -11.40
N ASN C 55 -46.09 -7.65 -10.48
CA ASN C 55 -46.22 -8.44 -9.26
C ASN C 55 -47.31 -9.50 -9.37
N PHE C 56 -46.90 -10.75 -9.51
CA PHE C 56 -47.82 -11.85 -9.75
C PHE C 56 -48.44 -12.40 -8.47
N SER C 57 -48.09 -11.79 -7.34
CA SER C 57 -48.81 -12.02 -6.09
C SER C 57 -50.27 -11.63 -6.24
N HIS C 58 -50.57 -10.71 -7.15
CA HIS C 58 -51.93 -10.29 -7.48
C HIS C 58 -52.15 -10.20 -8.97
N GLY C 59 -53.40 -9.98 -9.37
CA GLY C 59 -53.73 -9.73 -10.77
C GLY C 59 -53.75 -10.96 -11.65
N SER C 60 -54.58 -10.94 -12.69
CA SER C 60 -54.69 -12.05 -13.63
C SER C 60 -53.67 -11.92 -14.75
N HIS C 61 -53.42 -13.04 -15.44
CA HIS C 61 -52.55 -13.08 -16.61
C HIS C 61 -52.99 -12.04 -17.60
N GLU C 62 -54.30 -11.93 -17.79
CA GLU C 62 -54.88 -10.92 -18.68
C GLU C 62 -54.28 -9.55 -18.38
N GLU C 63 -54.46 -9.11 -17.13
CA GLU C 63 -54.06 -7.78 -16.69
C GLU C 63 -52.61 -7.52 -17.02
N HIS C 64 -51.76 -8.50 -16.73
CA HIS C 64 -50.32 -8.34 -16.92
C HIS C 64 -49.92 -8.25 -18.36
N LYS C 65 -50.48 -9.11 -19.21
CA LYS C 65 -50.25 -9.04 -20.65
C LYS C 65 -50.59 -7.64 -21.18
N GLY C 66 -51.68 -7.06 -20.68
CA GLY C 66 -52.08 -5.72 -21.07
C GLY C 66 -50.97 -4.72 -20.79
N ARG C 67 -50.38 -4.84 -19.61
CA ARG C 67 -49.32 -3.94 -19.17
C ARG C 67 -48.01 -4.19 -19.89
N ILE C 68 -47.74 -5.45 -20.22
CA ILE C 68 -46.54 -5.80 -20.99
C ILE C 68 -46.58 -5.15 -22.38
N ASP C 69 -47.74 -5.16 -23.03
CA ASP C 69 -47.89 -4.50 -24.33
C ASP C 69 -47.69 -2.99 -24.18
N THR C 70 -48.46 -2.38 -23.29
CA THR C 70 -48.37 -0.95 -23.04
C THR C 70 -46.92 -0.53 -22.88
N ILE C 71 -46.19 -1.29 -22.04
CA ILE C 71 -44.79 -1.00 -21.77
C ILE C 71 -43.99 -1.07 -23.04
N ARG C 72 -43.92 -2.26 -23.64
CA ARG C 72 -43.08 -2.46 -24.84
C ARG C 72 -43.28 -1.35 -25.86
N LYS C 73 -44.54 -1.03 -26.13
CA LYS C 73 -44.88 -0.08 -27.18
C LYS C 73 -44.43 1.33 -26.82
N VAL C 74 -44.74 1.77 -25.60
CA VAL C 74 -44.28 3.08 -25.14
C VAL C 74 -42.75 3.11 -25.11
N ALA C 75 -42.15 2.02 -24.65
CA ALA C 75 -40.70 1.90 -24.54
C ALA C 75 -40.03 2.10 -25.90
N LYS C 76 -40.58 1.48 -26.93
CA LYS C 76 -39.98 1.62 -28.26
C LYS C 76 -40.34 2.93 -28.92
N ARG C 77 -41.51 3.47 -28.61
CA ARG C 77 -41.86 4.79 -29.11
C ARG C 77 -40.88 5.84 -28.60
N LEU C 78 -40.48 5.74 -27.34
CA LEU C 78 -39.50 6.66 -26.75
C LEU C 78 -38.06 6.23 -27.08
N ASP C 79 -37.91 5.09 -27.72
CA ASP C 79 -36.62 4.55 -28.14
C ASP C 79 -35.69 4.34 -26.95
N LYS C 80 -36.21 3.68 -25.93
CA LYS C 80 -35.48 3.44 -24.69
C LYS C 80 -35.56 1.99 -24.29
N ILE C 81 -34.48 1.49 -23.70
CA ILE C 81 -34.43 0.11 -23.26
C ILE C 81 -34.98 -0.03 -21.83
N VAL C 82 -36.15 -0.63 -21.68
CA VAL C 82 -36.65 -0.94 -20.35
C VAL C 82 -36.99 -2.42 -20.27
N ALA C 83 -36.46 -3.11 -19.27
CA ALA C 83 -36.69 -4.53 -19.10
C ALA C 83 -38.02 -4.75 -18.39
N ILE C 84 -38.47 -5.99 -18.34
CA ILE C 84 -39.70 -6.38 -17.65
C ILE C 84 -39.34 -7.44 -16.62
N LEU C 85 -39.65 -7.19 -15.35
CA LEU C 85 -39.40 -8.15 -14.29
C LEU C 85 -40.71 -8.72 -13.77
N LEU C 86 -40.75 -10.05 -13.66
CA LEU C 86 -41.93 -10.76 -13.16
C LEU C 86 -41.60 -11.30 -11.78
N ASP C 87 -42.41 -10.94 -10.79
CA ASP C 87 -42.18 -11.30 -9.38
C ASP C 87 -43.18 -12.36 -8.94
N THR C 88 -42.71 -13.59 -8.78
CA THR C 88 -43.57 -14.72 -8.43
C THR C 88 -44.19 -14.51 -7.06
N LYS C 89 -45.37 -15.07 -6.81
CA LYS C 89 -45.96 -14.93 -5.48
C LYS C 89 -45.21 -15.82 -4.49
N GLY C 90 -44.83 -17.01 -4.96
CA GLY C 90 -44.07 -17.95 -4.15
C GLY C 90 -44.96 -18.81 -3.29
N PRO C 91 -44.36 -19.75 -2.53
CA PRO C 91 -45.14 -20.52 -1.59
C PRO C 91 -45.49 -19.66 -0.39
N GLU C 92 -46.46 -20.07 0.39
CA GLU C 92 -46.74 -19.40 1.66
C GLU C 92 -47.59 -20.23 2.59
N ILE C 93 -47.51 -19.90 3.87
CA ILE C 93 -48.35 -20.51 4.89
C ILE C 93 -49.43 -19.51 5.23
N ARG C 94 -50.67 -20.00 5.36
CA ARG C 94 -51.80 -19.12 5.64
C ARG C 94 -52.78 -19.77 6.59
N THR C 95 -53.49 -18.92 7.33
CA THR C 95 -54.56 -19.35 8.20
C THR C 95 -55.76 -19.69 7.34
N HIS C 96 -56.45 -20.77 7.69
CA HIS C 96 -57.78 -21.05 7.12
C HIS C 96 -58.74 -20.06 7.69
N ASN C 97 -59.99 -20.11 7.25
CA ASN C 97 -60.98 -19.13 7.69
C ASN C 97 -61.27 -19.21 9.18
N MET C 98 -61.82 -18.12 9.70
CA MET C 98 -62.02 -17.90 11.14
C MET C 98 -63.51 -17.78 11.48
N LYS C 99 -63.91 -18.26 12.66
CA LYS C 99 -65.33 -18.21 13.05
C LYS C 99 -65.77 -16.76 13.29
N ASP C 100 -66.82 -16.35 12.57
CA ASP C 100 -67.28 -14.95 12.48
C ASP C 100 -66.37 -14.07 11.61
N GLY C 101 -65.33 -14.65 11.04
CA GLY C 101 -64.37 -13.89 10.22
C GLY C 101 -63.30 -13.16 11.02
N ILE C 102 -63.62 -12.80 12.26
CA ILE C 102 -62.69 -12.11 13.15
C ILE C 102 -62.63 -12.85 14.48
N ILE C 103 -61.43 -12.93 15.05
CA ILE C 103 -61.21 -13.63 16.31
C ILE C 103 -60.06 -12.98 17.09
N GLU C 104 -60.08 -13.13 18.41
CA GLU C 104 -59.19 -12.42 19.33
C GLU C 104 -58.34 -13.39 20.16
N LEU C 105 -57.18 -12.93 20.61
CA LEU C 105 -56.24 -13.77 21.39
C LEU C 105 -55.64 -13.06 22.61
N GLU C 106 -55.97 -13.56 23.80
CA GLU C 106 -55.51 -12.97 25.07
C GLU C 106 -53.99 -13.11 25.22
N ARG C 107 -53.39 -12.17 25.94
CA ARG C 107 -51.93 -11.97 25.94
C ARG C 107 -51.14 -12.93 26.82
N GLY C 108 -51.81 -13.76 27.61
CA GLY C 108 -51.10 -14.74 28.45
C GLY C 108 -51.70 -16.13 28.31
N ASN C 109 -52.45 -16.33 27.22
CA ASN C 109 -53.30 -17.50 27.08
C ASN C 109 -52.62 -18.59 26.26
N GLU C 110 -53.40 -19.57 25.83
CA GLU C 110 -52.93 -20.62 24.92
C GLU C 110 -53.81 -20.70 23.66
N VAL C 111 -53.19 -21.07 22.54
CA VAL C 111 -53.89 -21.36 21.30
C VAL C 111 -53.31 -22.63 20.67
N ILE C 112 -54.20 -23.50 20.19
CA ILE C 112 -53.80 -24.73 19.53
C ILE C 112 -53.79 -24.50 18.03
N VAL C 113 -52.61 -24.66 17.41
CA VAL C 113 -52.46 -24.52 15.96
C VAL C 113 -52.60 -25.90 15.30
N SER C 114 -53.74 -26.10 14.65
CA SER C 114 -54.15 -27.41 14.14
C SER C 114 -53.79 -27.62 12.67
N MET C 115 -53.18 -28.76 12.37
CA MET C 115 -52.83 -29.10 11.00
C MET C 115 -54.07 -29.47 10.19
N ASN C 116 -55.06 -30.08 10.85
CA ASN C 116 -56.36 -30.33 10.24
C ASN C 116 -57.18 -29.04 10.18
N GLU C 117 -57.88 -28.82 9.07
CA GLU C 117 -58.63 -27.58 8.90
C GLU C 117 -59.80 -27.52 9.88
N VAL C 118 -59.96 -26.35 10.49
CA VAL C 118 -61.02 -26.10 11.44
C VAL C 118 -61.45 -24.65 11.33
N GLU C 119 -62.64 -24.36 11.83
CA GLU C 119 -63.08 -22.97 12.02
C GLU C 119 -62.25 -22.33 13.11
N GLY C 120 -62.01 -21.04 12.97
CA GLY C 120 -61.18 -20.31 13.92
C GLY C 120 -61.84 -20.15 15.28
N THR C 121 -60.99 -20.04 16.30
CA THR C 121 -61.42 -19.78 17.66
C THR C 121 -60.20 -19.30 18.46
N PRO C 122 -60.43 -18.67 19.64
CA PRO C 122 -59.30 -18.35 20.52
C PRO C 122 -58.51 -19.58 21.02
N GLU C 123 -59.01 -20.79 20.77
CA GLU C 123 -58.31 -22.02 21.13
C GLU C 123 -57.81 -22.76 19.88
N LYS C 124 -58.72 -23.33 19.11
CA LYS C 124 -58.35 -24.13 17.93
C LYS C 124 -58.37 -23.22 16.71
N PHE C 125 -57.58 -23.56 15.71
CA PHE C 125 -57.14 -22.56 14.74
C PHE C 125 -56.18 -23.23 13.75
N SER C 126 -56.49 -23.13 12.45
CA SER C 126 -55.84 -23.99 11.43
C SER C 126 -54.97 -23.26 10.39
N VAL C 127 -53.95 -23.97 9.87
CA VAL C 127 -53.03 -23.44 8.85
C VAL C 127 -53.01 -24.32 7.61
N THR C 128 -52.70 -23.72 6.46
CA THR C 128 -52.74 -24.42 5.16
C THR C 128 -51.53 -25.34 4.98
N TYR C 129 -50.40 -24.94 5.52
CA TYR C 129 -49.20 -25.76 5.47
C TYR C 129 -49.31 -26.87 6.49
N GLU C 130 -49.90 -27.99 6.07
CA GLU C 130 -50.19 -29.07 6.99
C GLU C 130 -48.93 -29.74 7.55
N ASN C 131 -47.78 -29.38 6.97
CA ASN C 131 -46.53 -29.92 7.44
C ASN C 131 -45.77 -29.02 8.44
N LEU C 132 -46.45 -28.00 8.96
CA LEU C 132 -45.85 -27.05 9.91
C LEU C 132 -45.30 -27.74 11.15
N ILE C 133 -46.08 -28.68 11.68
CA ILE C 133 -45.74 -29.43 12.89
C ILE C 133 -44.36 -30.13 12.84
N ASN C 134 -43.92 -30.52 11.65
CA ASN C 134 -42.62 -31.19 11.50
C ASN C 134 -41.42 -30.26 11.36
N ASP C 135 -41.67 -28.98 11.11
CA ASP C 135 -40.59 -28.01 11.00
C ASP C 135 -40.30 -27.29 12.32
N VAL C 136 -41.32 -27.10 13.16
CA VAL C 136 -41.14 -26.42 14.44
C VAL C 136 -40.70 -27.41 15.53
N GLN C 137 -40.33 -26.87 16.68
CA GLN C 137 -40.09 -27.66 17.89
C GLN C 137 -40.58 -26.86 19.11
N VAL C 138 -40.51 -27.46 20.30
CA VAL C 138 -40.91 -26.73 21.49
C VAL C 138 -40.05 -25.48 21.61
N GLY C 139 -40.69 -24.33 21.75
CA GLY C 139 -39.99 -23.06 21.93
C GLY C 139 -39.75 -22.27 20.65
N SER C 140 -40.06 -22.87 19.50
CA SER C 140 -40.04 -22.14 18.24
C SER C 140 -41.15 -21.09 18.23
N TYR C 141 -40.86 -19.93 17.67
CA TYR C 141 -41.86 -18.88 17.56
C TYR C 141 -42.68 -19.08 16.30
N ILE C 142 -43.93 -18.62 16.33
CA ILE C 142 -44.82 -18.66 15.16
C ILE C 142 -45.53 -17.31 15.03
N LEU C 143 -45.23 -16.57 13.98
CA LEU C 143 -45.78 -15.22 13.82
C LEU C 143 -47.04 -15.27 12.95
N LEU C 144 -48.11 -14.61 13.40
CA LEU C 144 -49.35 -14.56 12.64
C LEU C 144 -49.59 -13.18 12.03
N ASP C 145 -50.02 -13.16 10.77
CA ASP C 145 -50.39 -11.93 10.04
C ASP C 145 -49.25 -10.89 10.05
N ASP C 146 -48.16 -11.22 9.35
CA ASP C 146 -47.00 -10.34 9.25
C ASP C 146 -46.52 -9.89 10.63
N GLY C 147 -46.45 -10.86 11.56
CA GLY C 147 -45.92 -10.61 12.89
C GLY C 147 -46.79 -9.75 13.79
N LEU C 148 -48.08 -9.61 13.44
CA LEU C 148 -49.01 -8.77 14.24
C LEU C 148 -49.08 -9.29 15.68
N ILE C 149 -49.23 -10.59 15.82
CA ILE C 149 -49.26 -11.25 17.12
C ILE C 149 -48.39 -12.49 17.05
N GLU C 150 -47.48 -12.65 18.00
CA GLU C 150 -46.53 -13.76 17.97
C GLU C 150 -46.86 -14.81 19.01
N LEU C 151 -46.90 -16.07 18.57
CA LEU C 151 -47.11 -17.22 19.45
C LEU C 151 -45.75 -17.83 19.81
N GLN C 152 -45.78 -18.94 20.53
CA GLN C 152 -44.58 -19.72 20.83
C GLN C 152 -44.98 -21.14 21.19
N VAL C 153 -44.31 -22.12 20.61
CA VAL C 153 -44.70 -23.53 20.75
C VAL C 153 -44.44 -24.05 22.15
N LYS C 154 -45.50 -24.56 22.79
CA LYS C 154 -45.47 -25.01 24.19
C LYS C 154 -45.20 -26.52 24.25
N ASP C 155 -46.16 -27.32 23.77
CA ASP C 155 -45.98 -28.77 23.59
C ASP C 155 -46.38 -29.12 22.15
N ILE C 156 -45.83 -30.24 21.65
CA ILE C 156 -46.23 -30.79 20.36
C ILE C 156 -46.66 -32.24 20.53
N ASP C 157 -47.93 -32.51 20.25
CA ASP C 157 -48.44 -33.88 20.17
C ASP C 157 -48.88 -34.13 18.73
N HIS C 158 -48.12 -34.98 18.05
CA HIS C 158 -48.47 -35.45 16.71
C HIS C 158 -49.62 -36.40 16.74
N ALA C 159 -49.92 -36.93 17.94
CA ALA C 159 -51.12 -37.73 18.16
C ALA C 159 -52.28 -37.03 17.47
N LYS C 160 -52.70 -35.90 18.04
CA LYS C 160 -53.82 -35.13 17.51
C LYS C 160 -53.38 -34.20 16.37
N LYS C 161 -52.08 -34.20 16.06
CA LYS C 161 -51.47 -33.28 15.08
C LYS C 161 -51.83 -31.83 15.37
N GLU C 162 -51.47 -31.42 16.59
CA GLU C 162 -51.72 -30.09 17.10
C GLU C 162 -50.44 -29.53 17.73
N VAL C 163 -50.37 -28.20 17.76
CA VAL C 163 -49.26 -27.50 18.40
C VAL C 163 -49.84 -26.54 19.44
N LYS C 164 -49.66 -26.86 20.71
CA LYS C 164 -50.10 -25.99 21.80
C LYS C 164 -49.12 -24.81 21.84
N CYS C 165 -49.66 -23.60 21.96
CA CYS C 165 -48.83 -22.40 21.89
C CYS C 165 -49.26 -21.33 22.89
N ASP C 166 -48.28 -20.77 23.60
CA ASP C 166 -48.48 -19.61 24.47
C ASP C 166 -48.55 -18.32 23.66
N ILE C 167 -49.72 -17.68 23.66
CA ILE C 167 -49.93 -16.43 22.93
C ILE C 167 -49.21 -15.27 23.67
N LEU C 168 -48.09 -14.82 23.10
CA LEU C 168 -47.18 -13.84 23.74
C LEU C 168 -47.70 -12.40 23.69
N ASN C 169 -47.92 -11.86 22.49
CA ASN C 169 -48.54 -10.55 22.33
C ASN C 169 -49.99 -10.80 21.95
N SER C 170 -50.88 -9.86 22.25
CA SER C 170 -52.31 -10.06 21.97
C SER C 170 -52.74 -9.27 20.74
N GLY C 171 -53.93 -9.57 20.25
CA GLY C 171 -54.48 -8.88 19.09
C GLY C 171 -55.52 -9.72 18.38
N GLU C 172 -55.96 -9.22 17.24
CA GLU C 172 -57.03 -9.83 16.48
C GLU C 172 -56.48 -10.72 15.37
N LEU C 173 -57.37 -11.42 14.67
CA LEU C 173 -56.97 -12.35 13.62
C LEU C 173 -58.08 -12.55 12.59
N LYS C 174 -57.87 -12.02 11.39
CA LYS C 174 -58.81 -12.17 10.27
C LYS C 174 -58.68 -13.57 9.65
N ASN C 175 -59.38 -13.81 8.53
CA ASN C 175 -59.44 -15.13 7.91
C ASN C 175 -58.11 -15.57 7.27
N LYS C 176 -57.96 -15.37 5.96
CA LYS C 176 -56.86 -15.95 5.19
C LYS C 176 -55.54 -15.16 5.37
N LYS C 177 -55.09 -15.07 6.63
CA LYS C 177 -53.91 -14.27 6.96
C LYS C 177 -52.67 -15.14 7.08
N GLY C 178 -51.50 -14.53 6.90
CA GLY C 178 -50.24 -15.25 6.76
C GLY C 178 -49.62 -15.74 8.07
N VAL C 179 -48.69 -16.67 7.93
CA VAL C 179 -47.97 -17.26 9.05
C VAL C 179 -46.48 -17.37 8.68
N ASN C 180 -45.58 -17.09 9.64
CA ASN C 180 -44.13 -17.18 9.41
C ASN C 180 -43.40 -17.90 10.54
N LEU C 181 -42.42 -18.73 10.20
CA LEU C 181 -41.66 -19.51 11.18
C LEU C 181 -40.18 -19.10 11.14
N PRO C 182 -39.75 -18.18 12.02
CA PRO C 182 -38.34 -17.77 12.07
C PRO C 182 -37.38 -18.95 12.08
N GLY C 183 -36.48 -18.98 11.09
CA GLY C 183 -35.81 -20.21 10.64
C GLY C 183 -35.17 -21.11 11.67
N VAL C 184 -35.54 -22.40 11.78
CA VAL C 184 -36.60 -23.10 11.00
C VAL C 184 -36.40 -23.20 9.49
N ARG C 185 -35.94 -24.37 9.05
CA ARG C 185 -35.95 -24.73 7.65
C ARG C 185 -37.40 -24.89 7.24
N VAL C 186 -38.01 -23.85 6.68
CA VAL C 186 -39.38 -23.98 6.19
C VAL C 186 -39.34 -24.92 5.01
N SER C 187 -40.18 -25.96 5.06
CA SER C 187 -40.08 -27.08 4.14
C SER C 187 -41.10 -27.05 2.99
N LEU C 188 -41.58 -25.86 2.65
CA LEU C 188 -42.39 -25.64 1.44
C LEU C 188 -41.58 -26.02 0.22
N PRO C 189 -42.23 -26.16 -0.95
CA PRO C 189 -41.49 -26.39 -2.19
C PRO C 189 -40.88 -25.09 -2.69
N GLY C 190 -40.02 -25.17 -3.70
CA GLY C 190 -39.44 -23.99 -4.31
C GLY C 190 -40.45 -23.06 -4.95
N ILE C 191 -41.44 -23.65 -5.63
CA ILE C 191 -42.44 -22.89 -6.42
C ILE C 191 -43.85 -23.50 -6.34
N THR C 192 -44.87 -22.63 -6.28
CA THR C 192 -46.28 -23.07 -6.35
C THR C 192 -46.53 -23.68 -7.71
N GLU C 193 -47.65 -24.39 -7.83
CA GLU C 193 -48.12 -24.82 -9.14
C GLU C 193 -48.48 -23.58 -9.96
N LYS C 194 -49.03 -22.57 -9.28
CA LYS C 194 -49.29 -21.26 -9.90
C LYS C 194 -48.00 -20.62 -10.38
N ASP C 195 -46.96 -20.68 -9.57
CA ASP C 195 -45.69 -20.11 -9.95
C ASP C 195 -45.19 -20.75 -11.25
N ALA C 196 -45.38 -22.06 -11.40
CA ALA C 196 -45.03 -22.73 -12.64
C ALA C 196 -45.85 -22.09 -13.77
N GLU C 197 -47.18 -22.10 -13.63
CA GLU C 197 -48.06 -21.42 -14.58
C GLU C 197 -47.60 -19.99 -14.87
N ASP C 198 -47.21 -19.27 -13.83
CA ASP C 198 -46.80 -17.86 -13.95
C ASP C 198 -45.48 -17.67 -14.68
N ILE C 199 -44.50 -18.55 -14.46
CA ILE C 199 -43.22 -18.39 -15.14
C ILE C 199 -43.28 -18.91 -16.59
N ARG C 200 -44.25 -19.77 -16.92
CA ARG C 200 -44.41 -20.21 -18.30
C ARG C 200 -44.99 -19.05 -19.12
N PHE C 201 -45.93 -18.34 -18.53
CA PHE C 201 -46.44 -17.10 -19.10
C PHE C 201 -45.30 -16.13 -19.40
N GLY C 202 -44.36 -16.04 -18.48
CA GLY C 202 -43.22 -15.17 -18.66
C GLY C 202 -42.34 -15.61 -19.82
N ILE C 203 -42.19 -16.92 -19.99
CA ILE C 203 -41.39 -17.45 -21.09
C ILE C 203 -42.05 -17.07 -22.41
N LYS C 204 -43.39 -17.15 -22.43
CA LYS C 204 -44.17 -16.85 -23.63
C LYS C 204 -44.05 -15.38 -24.03
N GLU C 205 -43.87 -14.48 -23.07
CA GLU C 205 -43.77 -13.04 -23.38
C GLU C 205 -42.34 -12.46 -23.40
N ASN C 206 -41.33 -13.34 -23.52
CA ASN C 206 -39.91 -12.94 -23.52
C ASN C 206 -39.57 -11.95 -22.43
N VAL C 207 -40.16 -12.16 -21.27
CA VAL C 207 -39.90 -11.34 -20.10
C VAL C 207 -38.39 -11.49 -19.77
N ASP C 208 -37.81 -10.47 -19.15
CA ASP C 208 -36.36 -10.38 -18.98
C ASP C 208 -35.81 -10.88 -17.65
N PHE C 209 -36.62 -10.75 -16.60
CA PHE C 209 -36.24 -11.12 -15.25
C PHE C 209 -37.37 -11.87 -14.51
N ILE C 210 -36.97 -12.89 -13.76
CA ILE C 210 -37.88 -13.56 -12.82
C ILE C 210 -37.36 -13.41 -11.38
N ALA C 211 -38.11 -12.69 -10.56
CA ALA C 211 -37.79 -12.51 -9.16
C ALA C 211 -38.53 -13.57 -8.36
N ALA C 212 -37.81 -14.62 -7.96
CA ALA C 212 -38.40 -15.80 -7.29
C ALA C 212 -38.52 -15.57 -5.79
N SER C 213 -39.73 -15.69 -5.26
CA SER C 213 -40.00 -15.38 -3.85
C SER C 213 -39.61 -16.52 -2.91
N PHE C 214 -39.30 -16.13 -1.67
CA PHE C 214 -39.05 -17.05 -0.56
C PHE C 214 -37.97 -18.07 -0.87
N VAL C 215 -36.96 -17.67 -1.65
CA VAL C 215 -35.90 -18.58 -2.00
C VAL C 215 -35.08 -18.82 -0.75
N ARG C 216 -34.69 -20.07 -0.53
CA ARG C 216 -33.86 -20.36 0.62
C ARG C 216 -32.79 -21.44 0.42
N ARG C 217 -32.96 -22.27 -0.60
CA ARG C 217 -31.89 -23.16 -1.03
C ARG C 217 -31.64 -23.01 -2.51
N PRO C 218 -30.47 -23.45 -2.98
CA PRO C 218 -30.24 -23.51 -4.41
C PRO C 218 -31.30 -24.33 -5.15
N SER C 219 -31.75 -25.44 -4.57
CA SER C 219 -32.85 -26.24 -5.13
C SER C 219 -33.96 -25.36 -5.66
N ASP C 220 -34.36 -24.39 -4.83
CA ASP C 220 -35.50 -23.51 -5.11
C ASP C 220 -35.29 -22.60 -6.32
N VAL C 221 -34.03 -22.34 -6.68
CA VAL C 221 -33.76 -21.57 -7.89
C VAL C 221 -33.69 -22.54 -9.08
N LEU C 222 -32.95 -23.63 -8.95
CA LEU C 222 -32.84 -24.61 -10.02
C LEU C 222 -34.20 -25.12 -10.51
N GLU C 223 -35.21 -25.14 -9.62
CA GLU C 223 -36.59 -25.50 -10.01
C GLU C 223 -37.14 -24.57 -11.09
N ILE C 224 -36.75 -23.30 -11.03
CA ILE C 224 -37.12 -22.35 -12.06
C ILE C 224 -36.24 -22.56 -13.30
N ARG C 225 -34.94 -22.65 -13.09
CA ARG C 225 -34.02 -22.71 -14.21
C ARG C 225 -34.23 -23.97 -15.06
N GLU C 226 -34.73 -25.05 -14.47
CA GLU C 226 -35.01 -26.25 -15.26
C GLU C 226 -36.26 -26.09 -16.14
N ILE C 227 -37.21 -25.27 -15.68
CA ILE C 227 -38.34 -24.87 -16.52
C ILE C 227 -37.84 -23.99 -17.66
N LEU C 228 -36.92 -23.09 -17.37
CA LEU C 228 -36.35 -22.22 -18.39
C LEU C 228 -35.55 -23.01 -19.41
N GLU C 229 -34.80 -24.02 -18.97
CA GLU C 229 -33.96 -24.79 -19.90
C GLU C 229 -34.79 -25.70 -20.84
N GLU C 230 -35.97 -26.11 -20.40
CA GLU C 230 -36.89 -26.84 -21.28
C GLU C 230 -37.21 -26.01 -22.50
N GLN C 231 -37.50 -24.73 -22.28
CA GLN C 231 -37.83 -23.81 -23.34
C GLN C 231 -36.62 -23.14 -23.97
N LYS C 232 -35.43 -23.40 -23.43
CA LYS C 232 -34.23 -22.63 -23.79
C LYS C 232 -34.62 -21.16 -23.75
N ALA C 233 -35.04 -20.72 -22.58
CA ALA C 233 -35.68 -19.43 -22.41
C ALA C 233 -34.69 -18.25 -22.42
N ASN C 234 -33.66 -18.31 -21.59
CA ASN C 234 -32.77 -17.16 -21.38
C ASN C 234 -33.53 -16.00 -20.73
N ILE C 235 -33.94 -16.24 -19.49
CA ILE C 235 -34.41 -15.22 -18.57
C ILE C 235 -33.51 -15.27 -17.33
N SER C 236 -33.15 -14.10 -16.81
CA SER C 236 -32.35 -14.02 -15.58
C SER C 236 -33.25 -14.29 -14.36
N VAL C 237 -32.74 -15.11 -13.43
CA VAL C 237 -33.43 -15.47 -12.20
C VAL C 237 -32.82 -14.80 -10.96
N PHE C 238 -33.61 -13.98 -10.29
CA PHE C 238 -33.18 -13.18 -9.12
C PHE C 238 -33.96 -13.63 -7.89
N PRO C 239 -33.33 -14.43 -7.02
CA PRO C 239 -34.00 -14.92 -5.82
C PRO C 239 -34.29 -13.78 -4.82
N LYS C 240 -35.30 -13.96 -3.96
CA LYS C 240 -35.73 -12.89 -3.05
C LYS C 240 -35.16 -12.90 -1.62
N ILE C 241 -34.72 -14.03 -1.08
CA ILE C 241 -34.09 -14.06 0.27
C ILE C 241 -34.89 -13.28 1.35
N GLU C 242 -35.71 -14.01 2.10
CA GLU C 242 -36.65 -13.41 3.05
C GLU C 242 -36.57 -14.05 4.44
N ASN C 243 -35.57 -14.90 4.67
CA ASN C 243 -35.47 -15.61 5.95
C ASN C 243 -34.06 -16.08 6.26
N GLN C 244 -33.85 -16.61 7.46
CA GLN C 244 -32.50 -16.98 7.91
C GLN C 244 -31.84 -18.03 7.01
N GLU C 245 -32.58 -19.05 6.63
CA GLU C 245 -32.07 -20.07 5.74
C GLU C 245 -31.55 -19.44 4.46
N GLY C 246 -32.28 -18.44 3.96
CA GLY C 246 -31.85 -17.69 2.79
C GLY C 246 -30.52 -17.00 3.02
N ILE C 247 -30.48 -16.19 4.09
CA ILE C 247 -29.26 -15.48 4.47
C ILE C 247 -28.12 -16.48 4.56
N ASP C 248 -28.34 -17.56 5.28
CA ASP C 248 -27.29 -18.55 5.53
C ASP C 248 -26.74 -19.16 4.25
N ASN C 249 -27.60 -19.35 3.27
CA ASN C 249 -27.18 -19.99 2.02
C ASN C 249 -26.87 -19.01 0.88
N ILE C 250 -26.57 -17.76 1.22
CA ILE C 250 -26.40 -16.74 0.19
C ILE C 250 -25.31 -17.05 -0.86
N GLU C 251 -24.19 -17.61 -0.43
CA GLU C 251 -23.14 -17.95 -1.39
C GLU C 251 -23.57 -19.07 -2.35
N GLU C 252 -24.21 -20.10 -1.82
CA GLU C 252 -24.59 -21.27 -2.60
C GLU C 252 -25.71 -20.92 -3.57
N ILE C 253 -26.50 -19.92 -3.23
CA ILE C 253 -27.63 -19.49 -4.05
C ILE C 253 -27.15 -18.66 -5.23
N LEU C 254 -26.26 -17.72 -4.97
CA LEU C 254 -25.74 -16.86 -6.03
C LEU C 254 -24.93 -17.70 -7.05
N GLU C 255 -24.31 -18.77 -6.59
CA GLU C 255 -23.59 -19.71 -7.45
C GLU C 255 -24.47 -20.17 -8.59
N VAL C 256 -25.78 -20.18 -8.32
CA VAL C 256 -26.81 -20.76 -9.16
C VAL C 256 -27.81 -19.68 -9.63
N SER C 257 -27.47 -18.41 -9.48
CA SER C 257 -28.42 -17.33 -9.77
C SER C 257 -27.78 -16.21 -10.58
N ASP C 258 -28.62 -15.41 -11.21
CA ASP C 258 -28.15 -14.37 -12.13
C ASP C 258 -28.01 -13.04 -11.39
N GLY C 259 -28.83 -12.85 -10.37
CA GLY C 259 -28.75 -11.66 -9.54
C GLY C 259 -29.49 -11.92 -8.26
N LEU C 260 -29.89 -10.86 -7.57
CA LEU C 260 -30.52 -11.00 -6.24
C LEU C 260 -31.38 -9.80 -5.89
N MET C 261 -32.51 -10.06 -5.24
CA MET C 261 -33.36 -9.01 -4.70
C MET C 261 -33.32 -9.09 -3.18
N VAL C 262 -33.28 -7.95 -2.51
CA VAL C 262 -33.24 -7.93 -1.05
C VAL C 262 -34.52 -7.25 -0.56
N ALA C 263 -35.49 -8.08 -0.18
CA ALA C 263 -36.79 -7.57 0.25
C ALA C 263 -36.77 -7.32 1.75
N ARG C 264 -36.56 -6.07 2.16
CA ARG C 264 -36.40 -5.76 3.58
C ARG C 264 -37.65 -6.03 4.41
N GLY C 265 -38.81 -5.67 3.87
CA GLY C 265 -40.08 -5.79 4.58
C GLY C 265 -40.44 -7.24 4.85
N ASP C 266 -40.29 -8.06 3.82
CA ASP C 266 -40.58 -9.48 3.93
C ASP C 266 -39.60 -10.12 4.91
N MET C 267 -38.35 -9.67 4.82
CA MET C 267 -37.27 -10.14 5.68
C MET C 267 -37.49 -9.71 7.12
N GLY C 268 -37.99 -8.49 7.29
CA GLY C 268 -38.21 -7.90 8.61
C GLY C 268 -39.20 -8.65 9.47
N VAL C 269 -40.16 -9.32 8.84
CA VAL C 269 -41.14 -10.13 9.56
C VAL C 269 -40.49 -11.32 10.27
N GLU C 270 -39.52 -11.95 9.61
CA GLU C 270 -38.88 -13.18 10.13
C GLU C 270 -37.64 -12.91 10.98
N ILE C 271 -36.95 -11.79 10.77
CA ILE C 271 -35.74 -11.50 11.57
C ILE C 271 -35.78 -10.09 12.17
N PRO C 272 -35.18 -9.91 13.36
CA PRO C 272 -35.31 -8.64 14.04
C PRO C 272 -34.87 -7.48 13.15
N PRO C 273 -35.68 -6.40 13.09
CA PRO C 273 -35.29 -5.20 12.33
C PRO C 273 -34.05 -4.45 12.86
N GLU C 274 -33.58 -4.78 14.06
CA GLU C 274 -32.28 -4.30 14.56
C GLU C 274 -31.13 -4.92 13.75
N LYS C 275 -31.40 -6.07 13.14
CA LYS C 275 -30.39 -6.90 12.51
C LYS C 275 -30.43 -6.84 10.98
N VAL C 276 -31.52 -6.32 10.42
CA VAL C 276 -31.73 -6.32 8.98
C VAL C 276 -30.68 -5.53 8.18
N PRO C 277 -30.35 -4.30 8.61
CA PRO C 277 -29.41 -3.49 7.81
C PRO C 277 -27.97 -4.01 7.79
N MET C 278 -27.58 -4.82 8.78
CA MET C 278 -26.30 -5.53 8.72
C MET C 278 -26.37 -6.62 7.67
N VAL C 279 -27.53 -7.27 7.59
CA VAL C 279 -27.72 -8.32 6.60
C VAL C 279 -27.83 -7.74 5.18
N GLN C 280 -28.61 -6.67 5.00
CA GLN C 280 -28.63 -5.98 3.70
C GLN C 280 -27.21 -5.63 3.25
N LYS C 281 -26.46 -4.97 4.12
CA LYS C 281 -25.13 -4.57 3.76
C LYS C 281 -24.29 -5.77 3.35
N ASP C 282 -24.51 -6.91 3.99
CA ASP C 282 -23.69 -8.09 3.72
C ASP C 282 -24.07 -8.80 2.43
N LEU C 283 -25.38 -8.94 2.19
CA LEU C 283 -25.85 -9.57 0.95
C LEU C 283 -25.44 -8.75 -0.27
N ILE C 284 -25.67 -7.44 -0.22
CA ILE C 284 -25.28 -6.55 -1.30
C ILE C 284 -23.80 -6.68 -1.58
N ARG C 285 -23.00 -6.73 -0.53
CA ARG C 285 -21.55 -6.90 -0.68
C ARG C 285 -21.22 -8.28 -1.27
N GLN C 286 -22.00 -9.29 -0.88
CA GLN C 286 -21.74 -10.64 -1.36
C GLN C 286 -22.07 -10.77 -2.87
N CYS C 287 -23.00 -9.94 -3.33
CA CYS C 287 -23.37 -9.87 -4.75
C CYS C 287 -22.32 -9.12 -5.53
N ASN C 288 -21.84 -8.02 -4.96
CA ASN C 288 -20.76 -7.24 -5.58
C ASN C 288 -19.52 -8.10 -5.80
N LYS C 289 -19.29 -9.03 -4.88
CA LYS C 289 -18.12 -9.87 -4.96
C LYS C 289 -18.14 -10.69 -6.25
N LEU C 290 -19.33 -11.11 -6.65
CA LEU C 290 -19.48 -12.03 -7.77
C LEU C 290 -19.99 -11.33 -9.05
N GLY C 291 -20.04 -10.01 -9.05
CA GLY C 291 -20.53 -9.28 -10.22
C GLY C 291 -22.02 -9.45 -10.52
N LYS C 292 -22.74 -10.11 -9.63
CA LYS C 292 -24.17 -10.36 -9.80
C LYS C 292 -24.91 -9.09 -9.40
N PRO C 293 -25.85 -8.64 -10.23
CA PRO C 293 -26.59 -7.45 -9.86
C PRO C 293 -27.49 -7.70 -8.68
N VAL C 294 -27.71 -6.66 -7.87
CA VAL C 294 -28.60 -6.75 -6.73
C VAL C 294 -29.56 -5.58 -6.66
N ILE C 295 -30.81 -5.88 -6.36
CA ILE C 295 -31.86 -4.90 -6.23
C ILE C 295 -32.20 -4.78 -4.76
N THR C 296 -32.26 -3.55 -4.26
CA THR C 296 -32.73 -3.33 -2.90
C THR C 296 -34.22 -2.94 -2.98
N ALA C 297 -35.07 -3.67 -2.25
CA ALA C 297 -36.51 -3.60 -2.47
C ALA C 297 -37.32 -3.39 -1.22
N THR C 298 -38.49 -2.79 -1.41
CA THR C 298 -39.50 -2.59 -0.37
C THR C 298 -39.14 -1.46 0.59
N GLN C 299 -40.19 -0.86 1.17
CA GLN C 299 -40.04 0.15 2.22
C GLN C 299 -39.11 1.32 1.82
N MET C 300 -39.02 1.60 0.52
CA MET C 300 -38.07 2.61 0.07
C MET C 300 -38.62 4.02 0.29
N LEU C 301 -39.61 4.42 -0.50
CA LEU C 301 -40.23 5.73 -0.37
C LEU C 301 -41.74 5.61 -0.09
N ASP C 302 -42.08 4.70 0.83
CA ASP C 302 -43.48 4.35 1.08
C ASP C 302 -44.36 5.56 1.38
N SER C 303 -43.80 6.63 1.93
CA SER C 303 -44.61 7.81 2.26
C SER C 303 -45.12 8.56 1.03
N MET C 304 -44.54 8.29 -0.14
CA MET C 304 -44.98 8.94 -1.37
C MET C 304 -46.23 8.32 -1.99
N GLN C 305 -46.78 7.31 -1.32
CA GLN C 305 -48.08 6.78 -1.70
C GLN C 305 -49.16 7.79 -1.35
N ARG C 306 -48.89 8.61 -0.33
CA ARG C 306 -49.83 9.61 0.13
C ARG C 306 -49.30 11.04 -0.01
N ASN C 307 -47.98 11.21 -0.01
CA ASN C 307 -47.38 12.55 -0.08
C ASN C 307 -46.55 12.76 -1.34
N PRO C 308 -46.46 14.02 -1.80
CA PRO C 308 -45.71 14.32 -3.01
C PRO C 308 -44.22 14.51 -2.76
N ARG C 309 -43.74 14.28 -1.54
CA ARG C 309 -42.30 14.32 -1.26
C ARG C 309 -41.94 13.34 -0.15
N ALA C 310 -40.79 12.70 -0.28
CA ALA C 310 -40.34 11.68 0.67
C ALA C 310 -39.77 12.30 1.93
N THR C 311 -39.72 11.52 2.99
CA THR C 311 -39.19 11.97 4.27
C THR C 311 -37.68 11.79 4.30
N ARG C 312 -37.02 12.56 5.16
CA ARG C 312 -35.58 12.48 5.38
C ARG C 312 -35.13 11.04 5.66
N ALA C 313 -35.85 10.35 6.53
CA ALA C 313 -35.54 8.96 6.89
C ALA C 313 -35.49 8.08 5.66
N GLU C 314 -36.45 8.27 4.76
CA GLU C 314 -36.54 7.47 3.55
C GLU C 314 -35.41 7.80 2.58
N ALA C 315 -35.09 9.09 2.44
CA ALA C 315 -34.00 9.53 1.57
C ALA C 315 -32.70 8.90 2.04
N SER C 316 -32.43 9.02 3.33
CA SER C 316 -31.27 8.39 3.96
C SER C 316 -31.26 6.90 3.68
N ASP C 317 -32.40 6.27 3.81
CA ASP C 317 -32.52 4.83 3.64
C ASP C 317 -32.11 4.42 2.22
N VAL C 318 -32.63 5.14 1.23
CA VAL C 318 -32.30 4.89 -0.18
C VAL C 318 -30.81 5.15 -0.42
N ALA C 319 -30.37 6.35 -0.08
CA ALA C 319 -28.97 6.73 -0.25
C ALA C 319 -28.03 5.69 0.34
N ASN C 320 -28.40 5.11 1.48
CA ASN C 320 -27.52 4.09 2.09
C ASN C 320 -27.51 2.78 1.32
N ALA C 321 -28.61 2.43 0.67
CA ALA C 321 -28.60 1.27 -0.20
C ALA C 321 -27.58 1.48 -1.31
N ILE C 322 -27.59 2.68 -1.90
CA ILE C 322 -26.62 3.03 -2.93
C ILE C 322 -25.19 2.89 -2.39
N TYR C 323 -24.95 3.40 -1.19
CA TYR C 323 -23.62 3.33 -0.59
C TYR C 323 -23.21 1.90 -0.25
N ASP C 324 -24.17 1.06 0.11
CA ASP C 324 -23.87 -0.35 0.41
C ASP C 324 -23.36 -1.08 -0.83
N GLY C 325 -23.67 -0.53 -2.00
CA GLY C 325 -23.17 -1.03 -3.29
C GLY C 325 -24.23 -1.64 -4.19
N THR C 326 -25.47 -1.18 -4.07
CA THR C 326 -26.61 -1.78 -4.77
C THR C 326 -26.55 -1.42 -6.25
N ASP C 327 -26.92 -2.36 -7.12
CA ASP C 327 -27.00 -2.07 -8.55
C ASP C 327 -28.29 -1.28 -8.81
N ALA C 328 -29.40 -1.76 -8.27
CA ALA C 328 -30.69 -1.12 -8.50
C ALA C 328 -31.54 -0.91 -7.24
N VAL C 329 -32.58 -0.10 -7.40
CA VAL C 329 -33.41 0.37 -6.30
C VAL C 329 -34.89 0.30 -6.71
N MET C 330 -35.72 -0.41 -5.94
CA MET C 330 -37.09 -0.71 -6.36
C MET C 330 -38.16 0.18 -5.74
N LEU C 331 -39.24 0.40 -6.48
CA LEU C 331 -40.42 1.06 -5.93
C LEU C 331 -41.60 0.07 -6.01
N SER C 332 -42.46 0.08 -4.99
CA SER C 332 -43.61 -0.82 -4.96
C SER C 332 -44.90 -0.03 -5.12
N GLY C 333 -45.62 0.17 -4.01
CA GLY C 333 -46.88 0.90 -4.03
C GLY C 333 -46.72 2.34 -4.49
N GLU C 334 -45.54 2.90 -4.25
CA GLU C 334 -45.25 4.29 -4.64
C GLU C 334 -45.68 4.57 -6.07
N THR C 335 -45.28 3.67 -6.98
CA THR C 335 -45.63 3.71 -8.40
C THR C 335 -46.86 2.85 -8.78
N ALA C 336 -47.11 1.77 -8.05
CA ALA C 336 -48.17 0.84 -8.44
C ALA C 336 -49.57 1.38 -8.15
N ALA C 337 -49.84 1.68 -6.88
CA ALA C 337 -51.15 2.13 -6.46
C ALA C 337 -51.16 3.56 -5.90
N GLY C 338 -49.99 4.17 -5.76
CA GLY C 338 -49.86 5.46 -5.08
C GLY C 338 -50.47 6.64 -5.80
N LEU C 339 -50.74 7.70 -5.05
CA LEU C 339 -51.28 8.94 -5.62
C LEU C 339 -50.22 9.72 -6.41
N TYR C 340 -48.94 9.38 -6.25
CA TYR C 340 -47.85 10.16 -6.85
C TYR C 340 -46.77 9.29 -7.45
N PRO C 341 -47.08 8.63 -8.58
CA PRO C 341 -46.15 7.68 -9.18
C PRO C 341 -44.94 8.33 -9.86
N GLU C 342 -45.19 9.42 -10.58
CA GLU C 342 -44.12 10.12 -11.30
C GLU C 342 -43.16 10.74 -10.30
N GLU C 343 -43.73 11.37 -9.28
CA GLU C 343 -42.96 12.13 -8.31
C GLU C 343 -42.07 11.18 -7.51
N ALA C 344 -42.54 9.97 -7.30
CA ALA C 344 -41.75 8.95 -6.63
C ALA C 344 -40.53 8.60 -7.46
N VAL C 345 -40.71 8.42 -8.77
CA VAL C 345 -39.58 8.04 -9.63
C VAL C 345 -38.63 9.22 -9.84
N LYS C 346 -39.18 10.40 -10.03
CA LYS C 346 -38.33 11.59 -10.14
C LYS C 346 -37.48 11.69 -8.88
N THR C 347 -38.13 11.58 -7.72
CA THR C 347 -37.47 11.78 -6.44
C THR C 347 -36.44 10.69 -6.14
N MET C 348 -36.65 9.50 -6.69
CA MET C 348 -35.74 8.37 -6.52
C MET C 348 -34.46 8.62 -7.27
N ARG C 349 -34.60 9.06 -8.52
CA ARG C 349 -33.45 9.40 -9.36
C ARG C 349 -32.63 10.49 -8.69
N ASN C 350 -33.32 11.52 -8.19
CA ASN C 350 -32.65 12.63 -7.53
C ASN C 350 -31.78 12.22 -6.35
N ILE C 351 -32.30 11.34 -5.49
CA ILE C 351 -31.53 10.81 -4.36
C ILE C 351 -30.33 10.03 -4.91
N ALA C 352 -30.60 9.21 -5.91
CA ALA C 352 -29.58 8.41 -6.57
C ALA C 352 -28.43 9.27 -7.08
N VAL C 353 -28.76 10.32 -7.82
CA VAL C 353 -27.76 11.22 -8.38
C VAL C 353 -26.97 11.92 -7.27
N SER C 354 -27.68 12.51 -6.29
CA SER C 354 -27.04 13.16 -5.14
C SER C 354 -26.05 12.25 -4.44
N ALA C 355 -26.52 11.05 -4.08
CA ALA C 355 -25.72 10.09 -3.32
C ALA C 355 -24.43 9.70 -4.06
N GLU C 356 -24.53 9.50 -5.37
CA GLU C 356 -23.37 9.12 -6.17
C GLU C 356 -22.45 10.29 -6.38
N ALA C 357 -23.06 11.46 -6.62
CA ALA C 357 -22.32 12.72 -6.76
C ALA C 357 -21.26 12.86 -5.68
N ALA C 358 -21.67 12.59 -4.44
CA ALA C 358 -20.79 12.75 -3.30
C ALA C 358 -20.23 11.42 -2.84
N GLN C 359 -19.55 10.69 -3.72
CA GLN C 359 -18.85 9.49 -3.29
C GLN C 359 -17.53 9.28 -4.00
N ASP C 360 -16.59 8.69 -3.27
CA ASP C 360 -15.19 8.66 -3.67
C ASP C 360 -14.90 7.42 -4.49
N TYR C 361 -14.72 7.60 -5.80
CA TYR C 361 -14.52 6.46 -6.70
C TYR C 361 -13.13 5.84 -6.58
N LYS C 362 -12.19 6.57 -5.99
CA LYS C 362 -10.86 6.03 -5.70
C LYS C 362 -10.93 4.98 -4.57
N LYS C 363 -11.60 5.35 -3.49
CA LYS C 363 -11.88 4.41 -2.41
C LYS C 363 -12.67 3.24 -3.02
N LEU C 364 -13.74 3.59 -3.73
CA LEU C 364 -14.65 2.59 -4.27
C LEU C 364 -13.92 1.54 -5.10
N LEU C 365 -13.02 1.97 -5.97
CA LEU C 365 -12.24 1.02 -6.76
C LEU C 365 -11.32 0.19 -5.87
N SER C 366 -10.53 0.89 -5.05
CA SER C 366 -9.61 0.24 -4.13
C SER C 366 -10.34 -0.82 -3.33
N ASP C 367 -11.56 -0.50 -2.94
CA ASP C 367 -12.38 -1.42 -2.18
C ASP C 367 -12.66 -2.67 -3.00
N ARG C 368 -13.21 -2.50 -4.19
CA ARG C 368 -13.56 -3.63 -5.04
C ARG C 368 -12.33 -4.44 -5.43
N THR C 369 -11.22 -3.77 -5.71
CA THR C 369 -9.98 -4.44 -6.09
C THR C 369 -9.56 -5.46 -5.03
N LYS C 370 -9.84 -5.14 -3.76
CA LYS C 370 -9.60 -6.09 -2.68
C LYS C 370 -10.73 -7.11 -2.55
N LEU C 371 -11.98 -6.65 -2.74
CA LEU C 371 -13.18 -7.46 -2.49
C LEU C 371 -13.39 -8.58 -3.49
N VAL C 372 -13.41 -8.25 -4.77
CA VAL C 372 -13.57 -9.26 -5.84
C VAL C 372 -12.27 -10.03 -6.04
N GLU C 373 -12.41 -11.29 -6.43
CA GLU C 373 -11.27 -12.17 -6.66
C GLU C 373 -10.37 -11.65 -7.78
N THR C 374 -9.09 -12.04 -7.74
CA THR C 374 -8.14 -11.68 -8.78
C THR C 374 -7.83 -12.93 -9.60
N SER C 375 -8.32 -12.93 -10.84
CA SER C 375 -8.31 -14.12 -11.67
C SER C 375 -8.16 -13.74 -13.14
N LEU C 376 -7.89 -14.75 -13.97
CA LEU C 376 -7.84 -14.57 -15.43
C LEU C 376 -9.14 -13.92 -15.89
N VAL C 377 -10.24 -14.42 -15.34
CA VAL C 377 -11.57 -13.98 -15.72
C VAL C 377 -11.85 -12.50 -15.43
N ASN C 378 -11.21 -11.99 -14.38
CA ASN C 378 -11.43 -10.60 -13.95
C ASN C 378 -10.29 -9.63 -14.28
N ALA C 379 -9.21 -10.15 -14.87
CA ALA C 379 -7.99 -9.39 -15.10
C ALA C 379 -8.22 -8.06 -15.81
N ILE C 380 -9.20 -8.00 -16.68
CA ILE C 380 -9.37 -6.80 -17.49
C ILE C 380 -10.38 -5.86 -16.90
N GLY C 381 -11.17 -6.33 -15.95
CA GLY C 381 -12.03 -5.43 -15.17
C GLY C 381 -11.15 -4.51 -14.35
N ILE C 382 -10.15 -5.14 -13.74
CA ILE C 382 -9.22 -4.47 -12.83
C ILE C 382 -8.42 -3.39 -13.57
N SER C 383 -7.79 -3.78 -14.66
CA SER C 383 -6.94 -2.88 -15.44
C SER C 383 -7.72 -1.72 -16.04
N VAL C 384 -8.93 -2.02 -16.52
CA VAL C 384 -9.79 -1.00 -17.11
C VAL C 384 -10.16 0.02 -16.01
N ALA C 385 -10.61 -0.49 -14.87
CA ALA C 385 -11.05 0.37 -13.78
C ALA C 385 -9.97 1.36 -13.38
N HIS C 386 -8.74 0.86 -13.23
CA HIS C 386 -7.59 1.68 -12.84
C HIS C 386 -7.26 2.65 -13.92
N THR C 387 -7.09 2.14 -15.15
CA THR C 387 -6.80 3.00 -16.28
C THR C 387 -7.83 4.13 -16.38
N ALA C 388 -9.11 3.78 -16.24
CA ALA C 388 -10.21 4.72 -16.37
C ALA C 388 -10.13 5.82 -15.33
N LEU C 389 -9.86 5.44 -14.08
CA LEU C 389 -9.73 6.41 -12.98
C LEU C 389 -8.53 7.29 -13.17
N ASN C 390 -7.39 6.67 -13.43
CA ASN C 390 -6.12 7.39 -13.54
C ASN C 390 -6.01 8.36 -14.70
N LEU C 391 -6.53 7.99 -15.87
CA LEU C 391 -6.42 8.85 -17.05
C LEU C 391 -7.66 9.69 -17.26
N ASN C 392 -8.67 9.49 -16.43
CA ASN C 392 -9.91 10.25 -16.49
C ASN C 392 -10.62 10.04 -17.83
N VAL C 393 -10.94 8.78 -18.10
CA VAL C 393 -11.56 8.40 -19.37
C VAL C 393 -13.06 8.69 -19.31
N LYS C 394 -13.58 9.31 -20.36
CA LYS C 394 -14.97 9.79 -20.37
C LYS C 394 -15.95 8.63 -20.37
N ALA C 395 -15.64 7.58 -21.12
CA ALA C 395 -16.53 6.43 -21.23
C ALA C 395 -15.79 5.13 -21.50
N ILE C 396 -16.28 4.05 -20.90
CA ILE C 396 -15.79 2.71 -21.19
C ILE C 396 -16.85 2.09 -22.08
N VAL C 397 -16.49 1.70 -23.30
CA VAL C 397 -17.46 1.03 -24.17
C VAL C 397 -17.17 -0.49 -24.12
N ALA C 398 -18.16 -1.25 -23.65
CA ALA C 398 -18.01 -2.67 -23.40
C ALA C 398 -18.83 -3.48 -24.39
N ALA C 399 -18.16 -4.13 -25.34
CA ALA C 399 -18.83 -4.94 -26.35
C ALA C 399 -19.20 -6.32 -25.80
N THR C 400 -20.51 -6.60 -25.71
CA THR C 400 -21.01 -7.90 -25.24
C THR C 400 -22.09 -8.52 -26.08
N GLU C 401 -21.99 -9.85 -26.21
CA GLU C 401 -23.10 -10.66 -26.70
C GLU C 401 -24.03 -10.90 -25.52
N SER C 402 -23.49 -11.48 -24.45
CA SER C 402 -24.31 -11.98 -23.33
C SER C 402 -24.57 -10.98 -22.22
N GLY C 403 -23.63 -10.07 -22.02
CA GLY C 403 -23.66 -9.09 -20.94
C GLY C 403 -22.48 -9.24 -19.98
N SER C 404 -21.84 -10.41 -19.98
CA SER C 404 -20.81 -10.71 -18.98
C SER C 404 -19.65 -9.70 -18.94
N THR C 405 -19.28 -9.14 -20.08
CA THR C 405 -18.27 -8.08 -20.11
C THR C 405 -18.82 -6.81 -19.45
N ALA C 406 -20.07 -6.46 -19.72
CA ALA C 406 -20.65 -5.27 -19.08
C ALA C 406 -20.68 -5.45 -17.58
N ARG C 407 -20.96 -6.66 -17.12
CA ARG C 407 -21.06 -6.93 -15.69
C ARG C 407 -19.68 -6.90 -15.08
N THR C 408 -18.71 -7.47 -15.80
CA THR C 408 -17.32 -7.50 -15.31
C THR C 408 -16.78 -6.11 -15.12
N ILE C 409 -17.04 -5.22 -16.06
CA ILE C 409 -16.57 -3.84 -15.94
C ILE C 409 -17.31 -3.12 -14.80
N SER C 410 -18.61 -3.41 -14.67
CA SER C 410 -19.48 -2.75 -13.69
C SER C 410 -19.07 -3.05 -12.26
N LYS C 411 -18.67 -4.29 -12.00
CA LYS C 411 -18.42 -4.70 -10.62
C LYS C 411 -17.27 -3.91 -9.96
N TYR C 412 -16.34 -3.40 -10.77
CA TYR C 412 -15.23 -2.58 -10.27
C TYR C 412 -15.55 -1.10 -10.15
N ARG C 413 -16.81 -0.76 -10.37
CA ARG C 413 -17.36 0.55 -10.04
C ARG C 413 -16.47 1.73 -10.47
N PRO C 414 -16.36 2.00 -11.78
CA PRO C 414 -15.56 3.16 -12.20
C PRO C 414 -16.40 4.40 -12.44
N HIS C 415 -15.81 5.59 -12.27
CA HIS C 415 -16.54 6.84 -12.48
C HIS C 415 -17.09 6.87 -13.87
N SER C 416 -16.26 6.43 -14.82
CA SER C 416 -16.60 6.47 -16.25
C SER C 416 -17.92 5.77 -16.55
N ASP C 417 -18.68 6.34 -17.47
CA ASP C 417 -19.92 5.74 -17.89
C ASP C 417 -19.57 4.48 -18.62
N ILE C 418 -20.27 3.40 -18.33
CA ILE C 418 -20.11 2.17 -19.09
C ILE C 418 -21.16 2.16 -20.19
N ILE C 419 -20.73 2.03 -21.45
CA ILE C 419 -21.67 1.89 -22.57
C ILE C 419 -21.62 0.45 -23.03
N ALA C 420 -22.75 -0.24 -23.01
CA ALA C 420 -22.80 -1.64 -23.44
C ALA C 420 -23.31 -1.76 -24.89
N VAL C 421 -22.38 -1.94 -25.83
CA VAL C 421 -22.74 -2.16 -27.24
C VAL C 421 -22.97 -3.64 -27.42
N THR C 422 -24.21 -3.99 -27.81
CA THR C 422 -24.62 -5.38 -27.93
C THR C 422 -25.50 -5.59 -29.16
N PRO C 423 -25.31 -6.73 -29.87
CA PRO C 423 -26.20 -7.09 -30.97
C PRO C 423 -27.53 -7.63 -30.49
N SER C 424 -27.55 -8.16 -29.26
CA SER C 424 -28.79 -8.72 -28.69
C SER C 424 -29.66 -7.68 -28.01
N GLU C 425 -30.85 -7.48 -28.58
CA GLU C 425 -31.86 -6.61 -28.01
C GLU C 425 -32.18 -7.10 -26.59
N GLU C 426 -32.15 -8.40 -26.39
CA GLU C 426 -32.58 -8.97 -25.11
C GLU C 426 -31.49 -9.03 -24.06
N THR C 427 -30.23 -9.15 -24.46
CA THR C 427 -29.14 -8.99 -23.49
C THR C 427 -28.80 -7.52 -23.31
N ALA C 428 -29.61 -6.64 -23.88
CA ALA C 428 -29.47 -5.21 -23.69
C ALA C 428 -30.43 -4.79 -22.62
N ARG C 429 -31.62 -5.42 -22.61
CA ARG C 429 -32.58 -5.21 -21.51
C ARG C 429 -32.06 -5.80 -20.20
N GLN C 430 -31.23 -6.84 -20.30
CA GLN C 430 -30.63 -7.39 -19.10
C GLN C 430 -29.53 -6.48 -18.59
N CYS C 431 -28.96 -5.68 -19.46
CA CYS C 431 -28.00 -4.70 -19.01
C CYS C 431 -28.67 -3.50 -18.36
N SER C 432 -29.96 -3.33 -18.57
CA SER C 432 -30.63 -2.13 -18.04
C SER C 432 -30.63 -2.09 -16.52
N ILE C 433 -30.44 -3.25 -15.88
CA ILE C 433 -30.45 -3.35 -14.41
C ILE C 433 -29.06 -3.25 -13.80
N VAL C 434 -28.00 -3.57 -14.56
CA VAL C 434 -26.67 -3.60 -13.94
C VAL C 434 -26.13 -2.18 -13.80
N TRP C 435 -25.31 -2.01 -12.75
CA TRP C 435 -24.87 -0.71 -12.26
C TRP C 435 -24.04 0.02 -13.26
N GLY C 436 -24.45 1.25 -13.56
CA GLY C 436 -23.65 2.13 -14.40
C GLY C 436 -23.59 1.82 -15.89
N VAL C 437 -24.31 0.80 -16.35
CA VAL C 437 -24.30 0.41 -17.75
C VAL C 437 -25.47 1.00 -18.51
N GLN C 438 -25.16 1.78 -19.54
CA GLN C 438 -26.16 2.35 -20.45
C GLN C 438 -26.01 1.57 -21.74
N PRO C 439 -26.97 0.66 -22.02
CA PRO C 439 -26.81 -0.25 -23.15
C PRO C 439 -27.34 0.34 -24.45
N VAL C 440 -26.72 -0.02 -25.58
CA VAL C 440 -27.23 0.34 -26.90
C VAL C 440 -27.10 -0.86 -27.83
N VAL C 441 -28.07 -1.00 -28.75
CA VAL C 441 -28.11 -2.13 -29.67
C VAL C 441 -27.57 -1.75 -31.05
N LYS C 442 -26.35 -2.18 -31.35
CA LYS C 442 -25.74 -2.01 -32.67
C LYS C 442 -25.52 -3.40 -33.24
N LYS C 443 -25.51 -3.49 -34.56
CA LYS C 443 -25.58 -4.77 -35.24
C LYS C 443 -24.22 -5.45 -35.34
N GLY C 444 -24.23 -6.77 -35.13
CA GLY C 444 -23.03 -7.57 -34.94
C GLY C 444 -21.88 -7.46 -35.95
N ARG C 445 -20.71 -7.14 -35.42
CA ARG C 445 -19.47 -7.09 -36.17
C ARG C 445 -18.77 -8.40 -35.88
N LYS C 446 -18.14 -8.99 -36.87
CA LYS C 446 -17.48 -10.25 -36.63
C LYS C 446 -16.02 -10.05 -36.21
N SER C 447 -15.27 -9.30 -37.02
CA SER C 447 -13.85 -9.08 -36.78
C SER C 447 -13.64 -8.09 -35.66
N THR C 448 -12.48 -8.21 -35.02
CA THR C 448 -12.09 -7.31 -33.97
C THR C 448 -12.05 -5.87 -34.49
N ASP C 449 -11.40 -5.65 -35.64
CA ASP C 449 -11.29 -4.32 -36.24
C ASP C 449 -12.66 -3.65 -36.28
N ALA C 450 -13.63 -4.41 -36.76
CA ALA C 450 -15.00 -3.93 -36.87
C ALA C 450 -15.56 -3.49 -35.53
N LEU C 451 -15.33 -4.34 -34.55
CA LEU C 451 -15.83 -4.12 -33.21
C LEU C 451 -15.25 -2.86 -32.57
N LEU C 452 -13.93 -2.69 -32.70
CA LEU C 452 -13.27 -1.50 -32.21
C LEU C 452 -13.84 -0.25 -32.88
N ASN C 453 -13.84 -0.24 -34.21
CA ASN C 453 -14.32 0.93 -34.94
C ASN C 453 -15.77 1.25 -34.61
N ASN C 454 -16.61 0.23 -34.63
CA ASN C 454 -18.00 0.45 -34.30
C ASN C 454 -18.08 1.05 -32.90
N ALA C 455 -17.39 0.44 -31.93
CA ALA C 455 -17.35 0.95 -30.56
C ALA C 455 -17.16 2.47 -30.54
N VAL C 456 -16.06 2.94 -31.12
CA VAL C 456 -15.72 4.37 -31.14
C VAL C 456 -16.87 5.18 -31.75
N ALA C 457 -17.50 4.63 -32.79
CA ALA C 457 -18.61 5.32 -33.46
C ALA C 457 -19.87 5.29 -32.63
N THR C 458 -20.12 4.18 -31.95
CA THR C 458 -21.30 4.05 -31.10
C THR C 458 -21.21 5.01 -29.92
N ALA C 459 -20.02 5.14 -29.38
CA ALA C 459 -19.77 6.05 -28.27
C ALA C 459 -20.06 7.50 -28.65
N VAL C 460 -19.55 7.91 -29.82
CA VAL C 460 -19.72 9.30 -30.25
C VAL C 460 -21.17 9.59 -30.50
N GLU C 461 -21.89 8.60 -31.03
CA GLU C 461 -23.29 8.81 -31.39
C GLU C 461 -24.25 8.84 -30.20
N THR C 462 -23.79 8.37 -29.04
CA THR C 462 -24.57 8.51 -27.81
C THR C 462 -24.57 9.96 -27.32
N GLY C 463 -23.61 10.75 -27.80
CA GLY C 463 -23.53 12.17 -27.46
C GLY C 463 -22.76 12.45 -26.19
N ARG C 464 -22.42 11.38 -25.46
CA ARG C 464 -21.71 11.51 -24.21
C ARG C 464 -20.23 11.84 -24.48
N VAL C 465 -19.58 11.12 -25.41
CA VAL C 465 -18.19 11.41 -25.80
C VAL C 465 -18.12 12.27 -27.06
N THR C 466 -17.16 13.19 -27.09
CA THR C 466 -16.90 14.03 -28.26
C THR C 466 -15.39 14.04 -28.51
N ASN C 467 -14.86 15.05 -29.20
CA ASN C 467 -13.54 14.90 -29.79
C ASN C 467 -12.33 14.86 -28.87
N GLY C 468 -12.29 15.70 -27.85
CA GLY C 468 -11.16 15.63 -26.90
C GLY C 468 -11.04 14.33 -26.10
N ASP C 469 -12.18 13.68 -25.88
CA ASP C 469 -12.35 12.71 -24.81
C ASP C 469 -11.57 11.42 -25.05
N LEU C 470 -11.20 10.76 -23.95
CA LEU C 470 -10.59 9.43 -23.99
C LEU C 470 -11.65 8.37 -23.77
N ILE C 471 -11.38 7.20 -24.33
CA ILE C 471 -12.32 6.07 -24.31
C ILE C 471 -11.55 4.76 -24.14
N ILE C 472 -12.09 3.84 -23.34
CA ILE C 472 -11.52 2.51 -23.26
C ILE C 472 -12.52 1.59 -23.92
N ILE C 473 -12.09 0.88 -24.97
CA ILE C 473 -12.94 -0.10 -25.62
C ILE C 473 -12.55 -1.45 -25.06
N THR C 474 -13.53 -2.25 -24.67
CA THR C 474 -13.24 -3.55 -24.10
C THR C 474 -14.28 -4.61 -24.48
N ALA C 475 -13.81 -5.85 -24.65
CA ALA C 475 -14.65 -6.95 -25.05
C ALA C 475 -13.87 -8.25 -24.95
N GLY C 476 -14.57 -9.36 -25.20
CA GLY C 476 -13.94 -10.68 -25.27
C GLY C 476 -13.75 -11.02 -26.72
N VAL C 477 -12.50 -11.25 -27.13
CA VAL C 477 -12.20 -11.47 -28.54
C VAL C 477 -11.31 -12.70 -28.75
N PRO C 478 -11.50 -13.42 -29.88
CA PRO C 478 -12.47 -13.18 -30.97
C PRO C 478 -13.91 -13.31 -30.50
N THR C 479 -14.83 -12.54 -31.11
CA THR C 479 -16.22 -12.52 -30.66
C THR C 479 -16.86 -13.91 -30.56
N GLY C 480 -16.38 -14.85 -31.38
CA GLY C 480 -16.77 -16.25 -31.28
C GLY C 480 -16.41 -16.89 -29.94
N GLU C 481 -15.17 -17.39 -29.83
CA GLU C 481 -14.73 -18.15 -28.66
C GLU C 481 -14.77 -17.37 -27.34
N THR C 482 -15.30 -16.14 -27.40
CA THR C 482 -15.47 -15.30 -26.21
C THR C 482 -16.19 -16.03 -25.12
N GLY C 483 -15.46 -16.36 -24.06
CA GLY C 483 -16.11 -16.75 -22.83
C GLY C 483 -16.08 -15.55 -21.90
N THR C 484 -14.88 -15.01 -21.77
CA THR C 484 -14.57 -14.01 -20.77
C THR C 484 -14.16 -12.76 -21.49
N THR C 485 -14.14 -11.64 -20.80
CA THR C 485 -13.64 -10.41 -21.40
C THR C 485 -12.11 -10.38 -21.27
N ASN C 486 -11.41 -10.03 -22.35
CA ASN C 486 -9.97 -10.31 -22.41
C ASN C 486 -9.13 -9.35 -23.24
N MET C 487 -9.67 -8.18 -23.58
CA MET C 487 -8.83 -7.13 -24.15
C MET C 487 -9.39 -5.74 -23.92
N MET C 488 -8.49 -4.77 -23.89
CA MET C 488 -8.85 -3.36 -23.82
C MET C 488 -7.96 -2.54 -24.75
N LYS C 489 -8.54 -1.47 -25.31
CA LYS C 489 -7.81 -0.51 -26.11
C LYS C 489 -8.13 0.85 -25.55
N ILE C 490 -7.12 1.70 -25.40
CA ILE C 490 -7.34 3.08 -24.98
C ILE C 490 -7.31 3.87 -26.27
N HIS C 491 -8.37 4.65 -26.51
CA HIS C 491 -8.53 5.38 -27.78
C HIS C 491 -8.87 6.84 -27.57
N LEU C 492 -8.15 7.76 -28.22
CA LEU C 492 -8.50 9.19 -28.15
C LEU C 492 -9.49 9.45 -29.27
N VAL C 493 -10.61 10.08 -28.97
CA VAL C 493 -11.70 10.19 -29.93
C VAL C 493 -11.37 11.18 -31.04
N GLY C 494 -10.55 10.72 -32.00
CA GLY C 494 -10.07 11.53 -33.13
C GLY C 494 -9.30 12.76 -32.66
N ASP C 495 -8.76 13.58 -33.56
CA ASP C 495 -8.41 13.26 -34.94
C ASP C 495 -7.58 14.47 -35.40
N GLU C 496 -6.37 14.57 -34.87
CA GLU C 496 -5.35 15.59 -35.18
C GLU C 496 -5.66 16.49 -36.36
N ILE C 497 -5.83 17.80 -36.13
CA ILE C 497 -6.12 18.73 -37.25
C ILE C 497 -4.88 19.01 -38.11
N ALA C 498 -3.71 19.11 -37.48
CA ALA C 498 -2.46 19.25 -38.22
C ALA C 498 -1.41 18.42 -37.51
N ASN C 499 -0.30 18.14 -38.18
CA ASN C 499 0.81 17.42 -37.55
C ASN C 499 2.16 17.66 -38.22
N GLY C 500 3.24 17.25 -37.54
CA GLY C 500 4.59 17.43 -38.04
C GLY C 500 5.65 16.74 -37.19
N GLN C 501 6.83 17.36 -37.09
CA GLN C 501 7.95 16.84 -36.32
C GLN C 501 7.95 17.45 -34.92
N GLY C 502 7.58 16.65 -33.94
CA GLY C 502 7.48 17.12 -32.56
C GLY C 502 8.85 17.29 -31.94
N ILE C 503 9.05 18.43 -31.28
CA ILE C 503 10.28 18.70 -30.53
C ILE C 503 9.90 18.87 -29.07
N GLY C 504 10.66 18.21 -28.20
CA GLY C 504 10.26 18.08 -26.81
C GLY C 504 9.26 16.94 -26.72
N ARG C 505 8.77 16.71 -25.51
CA ARG C 505 7.93 15.56 -25.20
C ARG C 505 6.63 15.95 -24.49
N GLY C 506 6.39 17.26 -24.35
CA GLY C 506 5.35 17.77 -23.47
C GLY C 506 4.05 17.99 -24.18
N SER C 507 3.22 18.89 -23.65
CA SER C 507 1.94 19.27 -24.24
C SER C 507 1.28 20.39 -23.46
N VAL C 508 0.42 21.14 -24.13
CA VAL C 508 -0.33 22.22 -23.51
C VAL C 508 -1.61 22.49 -24.30
N VAL C 509 -2.65 22.93 -23.59
CA VAL C 509 -3.83 23.53 -24.23
C VAL C 509 -3.64 25.05 -24.22
N GLY C 510 -3.90 25.68 -25.35
CA GLY C 510 -3.76 27.13 -25.48
C GLY C 510 -4.47 27.62 -26.71
N THR C 511 -4.71 28.94 -26.78
CA THR C 511 -5.37 29.54 -27.95
C THR C 511 -4.33 30.06 -28.95
N THR C 512 -4.57 29.84 -30.23
CA THR C 512 -3.60 30.13 -31.28
C THR C 512 -3.44 31.62 -31.55
N LEU C 513 -2.27 31.98 -32.09
CA LEU C 513 -2.01 33.33 -32.56
C LEU C 513 -1.06 33.24 -33.75
N VAL C 514 -1.63 33.12 -34.95
CA VAL C 514 -0.85 33.03 -36.19
C VAL C 514 -0.11 34.35 -36.45
N ALA C 515 1.22 34.27 -36.63
CA ALA C 515 2.07 35.44 -36.82
C ALA C 515 2.80 35.41 -38.16
N GLU C 516 2.56 36.44 -38.96
CA GLU C 516 3.23 36.60 -40.24
C GLU C 516 4.52 37.40 -40.03
N THR C 517 4.46 38.35 -39.11
CA THR C 517 5.59 39.23 -38.79
C THR C 517 5.93 39.12 -37.31
N VAL C 518 7.13 39.58 -36.94
CA VAL C 518 7.53 39.74 -35.54
C VAL C 518 6.66 40.78 -34.84
N LYS C 519 6.24 41.80 -35.59
CA LYS C 519 5.36 42.88 -35.10
C LYS C 519 3.90 42.43 -35.07
N ASP C 520 3.63 41.29 -35.68
CA ASP C 520 2.30 40.67 -35.64
C ASP C 520 2.06 39.98 -34.29
N LEU C 521 2.88 40.30 -33.28
CA LEU C 521 2.68 39.81 -31.92
C LEU C 521 3.46 40.66 -30.90
N GLU C 522 3.57 41.97 -31.18
CA GLU C 522 4.41 42.84 -30.36
C GLU C 522 3.65 43.40 -29.16
N GLY C 523 2.93 44.51 -29.35
CA GLY C 523 2.21 45.16 -28.26
C GLY C 523 0.81 44.60 -28.09
N LYS C 524 0.73 43.27 -27.96
CA LYS C 524 -0.57 42.59 -27.84
C LYS C 524 -0.43 41.15 -27.35
N ASP C 525 0.41 40.94 -26.34
CA ASP C 525 0.77 39.58 -25.91
C ASP C 525 0.70 39.34 -24.40
N LEU C 526 -0.27 38.52 -23.98
CA LEU C 526 -0.15 37.79 -22.74
C LEU C 526 0.60 36.50 -23.09
N SER C 527 0.78 35.63 -22.10
CA SER C 527 1.30 34.29 -22.34
C SER C 527 0.16 33.45 -22.93
N ASP C 528 -0.12 32.29 -22.32
CA ASP C 528 -1.33 31.47 -22.59
C ASP C 528 -1.73 31.22 -24.07
N LYS C 529 -0.79 31.40 -25.02
CA LYS C 529 -1.10 31.28 -26.44
C LYS C 529 -0.02 30.47 -27.18
N VAL C 530 -0.43 29.69 -28.18
CA VAL C 530 0.51 28.95 -29.01
C VAL C 530 0.71 29.68 -30.32
N ILE C 531 1.94 30.14 -30.56
CA ILE C 531 2.23 30.95 -31.74
C ILE C 531 2.48 30.07 -32.97
N VAL C 532 2.06 30.55 -34.14
CA VAL C 532 2.20 29.82 -35.40
C VAL C 532 2.86 30.70 -36.47
N THR C 533 4.17 30.57 -36.67
CA THR C 533 4.89 31.33 -37.72
C THR C 533 5.59 30.38 -38.70
N ASN C 534 6.24 30.94 -39.72
CA ASN C 534 6.94 30.11 -40.69
C ASN C 534 8.20 29.49 -40.07
N SER C 535 9.17 30.34 -39.74
CA SER C 535 10.36 29.92 -39.02
C SER C 535 10.74 31.01 -38.01
N ILE C 536 11.73 30.73 -37.17
CA ILE C 536 12.14 31.64 -36.11
C ILE C 536 13.46 32.35 -36.45
N ASP C 537 13.43 33.67 -36.42
CA ASP C 537 14.61 34.51 -36.59
C ASP C 537 15.19 34.80 -35.22
N GLU C 538 16.19 35.67 -35.19
CA GLU C 538 16.61 36.32 -33.96
C GLU C 538 15.50 37.24 -33.41
N THR C 539 14.72 37.86 -34.30
CA THR C 539 13.66 38.79 -33.91
C THR C 539 12.48 38.08 -33.26
N PHE C 540 12.33 36.78 -33.50
CA PHE C 540 11.25 35.99 -32.92
C PHE C 540 11.59 35.39 -31.54
N VAL C 541 12.86 35.06 -31.32
CA VAL C 541 13.28 34.38 -30.07
C VAL C 541 12.84 35.07 -28.76
N PRO C 542 12.86 36.42 -28.72
CA PRO C 542 12.40 37.07 -27.48
C PRO C 542 10.93 36.82 -27.15
N TYR C 543 10.10 36.58 -28.16
CA TYR C 543 8.66 36.43 -27.96
C TYR C 543 8.26 34.97 -27.69
N VAL C 544 9.01 34.02 -28.27
CA VAL C 544 8.71 32.58 -28.10
C VAL C 544 8.79 32.13 -26.64
N GLU C 545 9.75 32.69 -25.90
CA GLU C 545 9.94 32.36 -24.48
C GLU C 545 8.74 32.77 -23.63
N LYS C 546 8.07 33.85 -24.04
CA LYS C 546 6.91 34.36 -23.31
C LYS C 546 5.61 33.57 -23.63
N ALA C 547 5.69 32.57 -24.50
CA ALA C 547 4.52 31.85 -25.00
C ALA C 547 4.31 30.48 -24.34
N LEU C 548 3.20 29.83 -24.68
CA LEU C 548 2.85 28.50 -24.16
C LEU C 548 3.36 27.37 -25.04
N GLY C 549 3.24 27.54 -26.35
CA GLY C 549 3.64 26.53 -27.34
C GLY C 549 3.98 27.15 -28.69
N LEU C 550 4.54 26.34 -29.58
CA LEU C 550 5.01 26.84 -30.89
C LEU C 550 4.77 25.83 -32.02
N ILE C 551 4.12 26.30 -33.08
CA ILE C 551 3.93 25.52 -34.30
C ILE C 551 4.59 26.29 -35.45
N THR C 552 5.79 25.86 -35.87
CA THR C 552 6.45 26.49 -37.00
C THR C 552 6.19 25.67 -38.25
N GLU C 553 6.26 26.33 -39.40
CA GLU C 553 5.80 25.72 -40.65
C GLU C 553 6.71 24.59 -41.07
N GLU C 554 7.84 24.95 -41.66
CA GLU C 554 8.76 23.97 -42.19
C GLU C 554 9.99 24.10 -41.31
N ASN C 555 10.77 23.02 -41.24
CA ASN C 555 12.07 23.04 -40.56
C ASN C 555 12.50 21.62 -40.22
N GLY C 556 13.75 21.47 -39.76
CA GLY C 556 14.28 20.19 -39.27
C GLY C 556 14.41 20.15 -37.75
N ILE C 557 15.12 19.14 -37.22
CA ILE C 557 15.26 18.94 -35.75
C ILE C 557 16.22 19.92 -35.08
N THR C 558 17.24 20.37 -35.82
CA THR C 558 18.18 21.38 -35.32
C THR C 558 17.98 22.70 -36.03
N SER C 559 16.73 22.99 -36.37
CA SER C 559 16.35 24.28 -36.92
C SER C 559 16.37 25.34 -35.83
N PRO C 560 16.38 26.63 -36.20
CA PRO C 560 16.29 27.66 -35.15
C PRO C 560 14.99 27.57 -34.36
N SER C 561 13.92 27.10 -35.00
CA SER C 561 12.60 26.95 -34.38
C SER C 561 12.57 25.80 -33.38
N ALA C 562 13.25 24.70 -33.73
CA ALA C 562 13.34 23.51 -32.88
C ALA C 562 14.21 23.77 -31.67
N ILE C 563 15.38 24.36 -31.90
CA ILE C 563 16.38 24.56 -30.85
C ILE C 563 15.90 25.55 -29.77
N VAL C 564 15.09 26.54 -30.15
CA VAL C 564 14.57 27.52 -29.18
C VAL C 564 13.38 26.96 -28.38
N GLY C 565 12.64 26.03 -28.97
CA GLY C 565 11.55 25.38 -28.25
C GLY C 565 12.08 24.42 -27.20
N LEU C 566 13.09 23.65 -27.57
CA LEU C 566 13.68 22.66 -26.67
C LEU C 566 14.38 23.37 -25.52
N GLU C 567 15.22 24.36 -25.85
CA GLU C 567 15.99 25.09 -24.83
C GLU C 567 15.10 25.81 -23.82
N LYS C 568 13.99 26.37 -24.28
CA LYS C 568 13.09 27.14 -23.41
C LYS C 568 11.98 26.29 -22.80
N GLY C 569 12.00 24.97 -23.03
CA GLY C 569 11.06 24.05 -22.40
C GLY C 569 9.62 24.21 -22.86
N ILE C 570 9.46 24.75 -24.07
CA ILE C 570 8.15 24.99 -24.66
C ILE C 570 7.89 23.88 -25.67
N PRO C 571 6.79 23.12 -25.48
CA PRO C 571 6.51 22.04 -26.42
C PRO C 571 6.15 22.61 -27.78
N THR C 572 6.80 22.10 -28.82
CA THR C 572 6.68 22.66 -30.16
C THR C 572 6.56 21.55 -31.20
N VAL C 573 6.04 21.91 -32.37
CA VAL C 573 6.06 21.01 -33.51
C VAL C 573 6.54 21.78 -34.74
N VAL C 574 7.67 21.37 -35.30
CA VAL C 574 8.16 21.94 -36.56
C VAL C 574 7.72 21.04 -37.71
N GLY C 575 7.94 21.50 -38.95
CA GLY C 575 7.60 20.72 -40.16
C GLY C 575 6.10 20.50 -40.40
N VAL C 576 5.30 21.50 -40.01
CA VAL C 576 3.83 21.44 -40.16
C VAL C 576 3.35 22.09 -41.46
N GLU C 577 2.87 21.26 -42.38
CA GLU C 577 2.33 21.71 -43.69
C GLU C 577 1.54 23.01 -43.62
N LYS C 578 2.04 24.06 -44.27
CA LYS C 578 1.29 25.30 -44.45
C LYS C 578 0.62 25.81 -43.17
N ALA C 579 1.27 25.59 -42.03
CA ALA C 579 0.67 25.89 -40.73
C ALA C 579 0.06 27.30 -40.66
N VAL C 580 0.74 28.27 -41.26
CA VAL C 580 0.27 29.66 -41.24
C VAL C 580 -1.11 29.82 -41.88
N LYS C 581 -1.32 29.18 -43.03
CA LYS C 581 -2.56 29.30 -43.80
C LYS C 581 -3.64 28.36 -43.26
N ASN C 582 -3.24 27.14 -42.94
CA ASN C 582 -4.18 26.07 -42.59
C ASN C 582 -4.78 26.21 -41.18
N ILE C 583 -3.97 26.13 -40.14
CA ILE C 583 -4.51 26.15 -38.77
C ILE C 583 -4.98 27.58 -38.44
N SER C 584 -6.17 27.70 -37.86
CA SER C 584 -6.84 29.01 -37.69
C SER C 584 -6.26 29.83 -36.54
N ASN C 585 -6.47 31.14 -36.61
CA ASN C 585 -6.05 32.06 -35.56
C ASN C 585 -7.09 32.10 -34.44
N ASN C 586 -6.62 32.28 -33.21
CA ASN C 586 -7.48 32.47 -32.03
C ASN C 586 -8.22 31.22 -31.52
N VAL C 587 -8.44 30.23 -32.37
CA VAL C 587 -9.14 29.01 -31.98
C VAL C 587 -8.25 28.17 -31.04
N LEU C 588 -8.85 27.64 -29.97
CA LEU C 588 -8.11 26.90 -28.92
C LEU C 588 -7.61 25.55 -29.43
N VAL C 589 -6.41 25.17 -29.00
CA VAL C 589 -5.69 24.02 -29.58
C VAL C 589 -4.85 23.29 -28.53
N THR C 590 -4.69 21.98 -28.71
CA THR C 590 -3.80 21.18 -27.88
C THR C 590 -2.68 20.59 -28.72
N ILE C 591 -1.43 20.82 -28.32
CA ILE C 591 -0.28 20.25 -29.03
C ILE C 591 0.37 19.16 -28.20
N ASP C 592 0.68 18.03 -28.84
CA ASP C 592 1.34 16.92 -28.21
C ASP C 592 2.73 16.81 -28.84
N ALA C 593 3.76 17.20 -28.08
CA ALA C 593 5.13 17.23 -28.58
C ALA C 593 5.64 15.82 -28.93
N ALA C 594 5.51 14.87 -28.01
CA ALA C 594 5.64 13.46 -28.39
C ALA C 594 4.49 13.29 -29.36
N GLN C 595 4.61 12.37 -30.33
CA GLN C 595 3.59 12.19 -31.40
C GLN C 595 3.72 13.21 -32.54
N GLY C 596 3.95 14.47 -32.19
CA GLY C 596 4.06 15.53 -33.17
C GLY C 596 2.71 15.81 -33.80
N LYS C 597 1.64 15.64 -33.01
CA LYS C 597 0.29 15.90 -33.47
C LYS C 597 -0.23 17.18 -32.83
N ILE C 598 -1.20 17.82 -33.49
CA ILE C 598 -1.86 19.03 -32.97
C ILE C 598 -3.38 18.83 -33.12
N PHE C 599 -4.12 19.15 -32.06
CA PHE C 599 -5.54 18.76 -31.94
C PHE C 599 -6.50 19.94 -31.93
N GLU C 600 -7.78 19.66 -32.20
CA GLU C 600 -8.82 20.68 -32.33
C GLU C 600 -8.99 21.51 -31.03
N GLY C 601 -9.54 20.92 -29.98
CA GLY C 601 -9.78 21.65 -28.72
C GLY C 601 -8.90 21.09 -27.62
N TYR C 602 -9.53 20.63 -26.54
CA TYR C 602 -8.84 19.92 -25.46
C TYR C 602 -8.51 18.48 -25.89
N ALA C 603 -7.39 17.91 -25.42
CA ALA C 603 -6.97 16.57 -25.86
C ALA C 603 -6.66 15.57 -24.71
N ASN C 604 -5.37 15.22 -24.51
CA ASN C 604 -4.90 14.23 -23.52
C ASN C 604 -3.59 13.62 -24.04
N MET D 22 13.83 -15.74 -20.28
CA MET D 22 14.94 -16.04 -19.37
C MET D 22 16.25 -15.84 -20.12
N ARG D 23 16.70 -14.57 -20.18
CA ARG D 23 18.08 -14.19 -20.56
C ARG D 23 18.34 -12.70 -20.37
N LYS D 24 17.35 -11.88 -20.71
CA LYS D 24 17.11 -10.53 -20.12
C LYS D 24 18.11 -9.36 -20.35
N THR D 25 19.27 -9.38 -19.70
CA THR D 25 20.22 -8.27 -19.80
C THR D 25 21.15 -8.52 -20.98
N LYS D 26 21.28 -7.53 -21.86
CA LYS D 26 21.95 -7.73 -23.16
C LYS D 26 23.47 -7.47 -23.11
N ILE D 27 24.21 -8.10 -24.03
CA ILE D 27 25.67 -8.09 -24.01
C ILE D 27 26.29 -7.43 -25.24
N VAL D 28 26.96 -6.30 -25.07
CA VAL D 28 27.71 -5.67 -26.17
C VAL D 28 29.16 -6.14 -26.14
N CYS D 29 29.74 -6.45 -27.31
CA CYS D 29 31.14 -6.91 -27.37
C CYS D 29 31.97 -6.07 -28.33
N THR D 30 33.23 -5.82 -27.96
CA THR D 30 34.09 -5.01 -28.80
C THR D 30 34.93 -5.92 -29.69
N ILE D 31 34.80 -5.71 -31.00
CA ILE D 31 35.52 -6.51 -31.98
C ILE D 31 36.91 -5.97 -32.21
N GLY D 32 37.86 -6.87 -32.38
CA GLY D 32 39.24 -6.48 -32.63
C GLY D 32 40.06 -7.70 -33.01
N PRO D 33 41.38 -7.54 -33.14
CA PRO D 33 42.30 -8.61 -33.54
C PRO D 33 41.92 -10.01 -33.05
N ALA D 34 41.55 -10.15 -31.78
CA ALA D 34 41.28 -11.47 -31.21
C ALA D 34 39.86 -11.99 -31.46
N SER D 35 39.04 -11.21 -32.19
CA SER D 35 37.66 -11.59 -32.52
C SER D 35 37.16 -11.16 -33.93
N GLU D 36 38.09 -10.94 -34.87
CA GLU D 36 37.74 -10.57 -36.25
C GLU D 36 37.26 -11.78 -37.03
N SER D 37 37.88 -12.92 -36.77
CA SER D 37 37.63 -14.11 -37.55
C SER D 37 36.17 -14.53 -37.54
N GLU D 38 35.74 -15.00 -38.69
CA GLU D 38 34.44 -15.63 -38.87
C GLU D 38 34.23 -16.71 -37.80
N GLU D 39 35.29 -17.46 -37.52
CA GLU D 39 35.27 -18.56 -36.54
C GLU D 39 34.89 -18.06 -35.15
N MET D 40 35.52 -16.95 -34.73
CA MET D 40 35.33 -16.41 -33.38
C MET D 40 33.99 -15.69 -33.24
N ILE D 41 33.64 -14.87 -34.24
CA ILE D 41 32.37 -14.15 -34.20
C ILE D 41 31.20 -15.10 -34.07
N GLU D 42 31.31 -16.28 -34.67
CA GLU D 42 30.31 -17.32 -34.45
C GLU D 42 30.29 -17.74 -32.99
N LYS D 43 31.47 -17.98 -32.42
CA LYS D 43 31.59 -18.42 -31.03
C LYS D 43 31.07 -17.37 -30.04
N LEU D 44 31.25 -16.09 -30.39
CA LEU D 44 30.73 -14.97 -29.60
C LEU D 44 29.21 -14.86 -29.69
N ILE D 45 28.66 -14.95 -30.90
CA ILE D 45 27.21 -14.88 -31.06
C ILE D 45 26.57 -16.04 -30.30
N ASN D 46 27.17 -17.22 -30.41
CA ASN D 46 26.71 -18.39 -29.64
C ASN D 46 26.88 -18.19 -28.15
N ALA D 47 27.97 -17.54 -27.76
CA ALA D 47 28.21 -17.24 -26.35
C ALA D 47 27.17 -16.27 -25.80
N GLY D 48 26.50 -15.54 -26.69
CA GLY D 48 25.39 -14.68 -26.30
C GLY D 48 25.52 -13.21 -26.68
N MET D 49 26.41 -12.89 -27.61
CA MET D 49 26.56 -11.49 -28.07
C MET D 49 25.27 -10.99 -28.69
N ASN D 50 24.87 -9.78 -28.34
CA ASN D 50 23.69 -9.15 -28.93
C ASN D 50 24.02 -7.92 -29.76
N VAL D 51 25.14 -7.29 -29.47
CA VAL D 51 25.56 -6.10 -30.21
C VAL D 51 27.07 -6.12 -30.33
N ALA D 52 27.58 -5.96 -31.55
CA ALA D 52 29.00 -5.83 -31.78
C ALA D 52 29.36 -4.33 -31.81
N ARG D 53 30.43 -3.99 -31.12
CA ARG D 53 30.89 -2.62 -31.01
C ARG D 53 32.14 -2.49 -31.82
N LEU D 54 32.21 -1.41 -32.59
CA LEU D 54 33.38 -1.10 -33.37
C LEU D 54 33.91 0.20 -32.80
N ASN D 55 35.16 0.16 -32.36
CA ASN D 55 35.77 1.31 -31.71
C ASN D 55 36.58 2.15 -32.68
N PHE D 56 36.04 3.31 -33.04
CA PHE D 56 36.66 4.17 -34.05
C PHE D 56 37.74 5.09 -33.49
N SER D 57 38.00 4.96 -32.19
CA SER D 57 39.19 5.55 -31.58
C SER D 57 40.47 5.01 -32.21
N HIS D 58 40.40 3.79 -32.77
CA HIS D 58 41.49 3.16 -33.52
C HIS D 58 41.01 2.55 -34.82
N GLY D 59 41.95 2.07 -35.63
CA GLY D 59 41.62 1.31 -36.83
C GLY D 59 41.11 2.15 -37.99
N SER D 60 41.37 1.69 -39.22
CA SER D 60 40.93 2.37 -40.44
C SER D 60 39.52 1.96 -40.82
N HIS D 61 38.90 2.76 -41.67
CA HIS D 61 37.59 2.45 -42.24
C HIS D 61 37.63 1.09 -42.90
N GLU D 62 38.72 0.81 -43.60
CA GLU D 62 38.92 -0.50 -44.23
C GLU D 62 38.65 -1.59 -43.21
N GLU D 63 39.42 -1.58 -42.14
CA GLU D 63 39.40 -2.64 -41.13
C GLU D 63 37.99 -2.87 -40.65
N HIS D 64 37.28 -1.78 -40.38
CA HIS D 64 35.93 -1.85 -39.83
C HIS D 64 34.93 -2.43 -40.80
N LYS D 65 34.97 -1.97 -42.05
CA LYS D 65 34.11 -2.53 -43.09
C LYS D 65 34.30 -4.04 -43.16
N GLY D 66 35.54 -4.50 -43.04
CA GLY D 66 35.81 -5.93 -43.05
C GLY D 66 35.03 -6.65 -41.97
N ARG D 67 35.06 -6.08 -40.77
CA ARG D 67 34.42 -6.69 -39.64
C ARG D 67 32.90 -6.59 -39.71
N ILE D 68 32.41 -5.50 -40.29
CA ILE D 68 30.97 -5.34 -40.50
C ILE D 68 30.44 -6.45 -41.42
N ASP D 69 31.16 -6.77 -42.49
CA ASP D 69 30.75 -7.85 -43.38
C ASP D 69 30.79 -9.17 -42.62
N THR D 70 31.93 -9.47 -42.03
CA THR D 70 32.09 -10.72 -41.29
C THR D 70 30.92 -10.93 -40.35
N ILE D 71 30.58 -9.88 -39.61
CA ILE D 71 29.49 -9.94 -38.65
C ILE D 71 28.17 -10.24 -39.33
N ARG D 72 27.72 -9.36 -40.23
CA ARG D 72 26.43 -9.53 -40.89
C ARG D 72 26.25 -10.95 -41.42
N LYS D 73 27.28 -11.45 -42.09
CA LYS D 73 27.20 -12.72 -42.77
C LYS D 73 27.08 -13.85 -41.78
N VAL D 74 27.96 -13.86 -40.77
CA VAL D 74 27.87 -14.87 -39.71
C VAL D 74 26.53 -14.74 -39.00
N ALA D 75 26.12 -13.51 -38.74
CA ALA D 75 24.87 -13.24 -38.04
C ALA D 75 23.67 -13.83 -38.76
N LYS D 76 23.64 -13.69 -40.08
CA LYS D 76 22.51 -14.24 -40.84
C LYS D 76 22.65 -15.74 -41.10
N ARG D 77 23.87 -16.25 -41.17
CA ARG D 77 24.07 -17.70 -41.28
C ARG D 77 23.54 -18.42 -40.04
N LEU D 78 23.74 -17.83 -38.86
CA LEU D 78 23.21 -18.40 -37.61
C LEU D 78 21.75 -18.02 -37.39
N ASP D 79 21.23 -17.13 -38.23
CA ASP D 79 19.84 -16.66 -38.17
C ASP D 79 19.52 -15.94 -36.86
N LYS D 80 20.41 -15.02 -36.49
CA LYS D 80 20.34 -14.31 -35.23
C LYS D 80 20.46 -12.80 -35.45
N ILE D 81 19.72 -12.04 -34.65
CA ILE D 81 19.74 -10.58 -34.75
C ILE D 81 20.86 -10.02 -33.88
N VAL D 82 21.90 -9.51 -34.51
CA VAL D 82 22.94 -8.79 -33.77
C VAL D 82 23.15 -7.40 -34.38
N ALA D 83 23.06 -6.37 -33.54
CA ALA D 83 23.21 -5.00 -33.99
C ALA D 83 24.70 -4.66 -34.14
N ILE D 84 24.98 -3.53 -34.78
CA ILE D 84 26.35 -3.01 -34.90
C ILE D 84 26.42 -1.62 -34.28
N LEU D 85 27.28 -1.45 -33.27
CA LEU D 85 27.45 -0.15 -32.63
C LEU D 85 28.80 0.44 -33.00
N LEU D 86 28.78 1.72 -33.39
CA LEU D 86 29.98 2.45 -33.78
C LEU D 86 30.28 3.49 -32.70
N ASP D 87 31.49 3.44 -32.14
CA ASP D 87 31.86 4.28 -30.99
C ASP D 87 32.86 5.33 -31.45
N THR D 88 32.42 6.58 -31.53
CA THR D 88 33.23 7.67 -32.08
C THR D 88 34.40 7.92 -31.17
N LYS D 89 35.52 8.42 -31.68
CA LYS D 89 36.66 8.71 -30.80
C LYS D 89 36.38 9.96 -29.98
N GLY D 90 35.73 10.94 -30.60
CA GLY D 90 35.32 12.14 -29.91
C GLY D 90 36.42 13.17 -29.92
N PRO D 91 36.15 14.36 -29.36
CA PRO D 91 37.20 15.34 -29.22
C PRO D 91 38.11 14.93 -28.09
N GLU D 92 39.29 15.52 -28.03
CA GLU D 92 40.19 15.32 -26.90
C GLU D 92 41.29 16.36 -26.83
N ILE D 93 41.85 16.51 -25.64
CA ILE D 93 42.99 17.36 -25.41
C ILE D 93 44.21 16.46 -25.30
N ARG D 94 45.30 16.85 -25.91
CA ARG D 94 46.51 16.05 -25.89
C ARG D 94 47.76 16.91 -25.78
N THR D 95 48.79 16.32 -25.20
CA THR D 95 50.10 16.92 -25.14
C THR D 95 50.74 16.84 -26.51
N HIS D 96 51.43 17.90 -26.92
CA HIS D 96 52.30 17.83 -28.09
C HIS D 96 53.50 17.02 -27.71
N ASN D 97 54.40 16.81 -28.67
CA ASN D 97 55.57 15.98 -28.41
C ASN D 97 56.52 16.56 -27.36
N MET D 98 57.35 15.67 -26.79
CA MET D 98 58.19 15.97 -25.63
C MET D 98 59.68 15.85 -26.00
N LYS D 99 60.54 16.67 -25.39
CA LYS D 99 61.96 16.63 -25.70
C LYS D 99 62.59 15.33 -25.19
N ASP D 100 63.23 14.61 -26.11
CA ASP D 100 63.72 13.24 -25.91
C ASP D 100 62.61 12.20 -25.88
N GLY D 101 61.36 12.62 -26.08
CA GLY D 101 60.22 11.72 -26.02
C GLY D 101 59.69 11.44 -24.62
N ILE D 102 60.58 11.49 -23.63
CA ILE D 102 60.21 11.23 -22.25
C ILE D 102 60.69 12.39 -21.39
N ILE D 103 59.87 12.76 -20.41
CA ILE D 103 60.19 13.88 -19.53
C ILE D 103 59.61 13.63 -18.13
N GLU D 104 60.23 14.26 -17.12
CA GLU D 104 59.91 14.00 -15.71
C GLU D 104 59.46 15.27 -14.98
N LEU D 105 58.66 15.11 -13.91
CA LEU D 105 58.11 16.24 -13.15
C LEU D 105 58.21 16.05 -11.62
N GLU D 106 59.01 16.91 -10.98
CA GLU D 106 59.23 16.87 -9.53
C GLU D 106 57.93 17.15 -8.76
N ARG D 107 57.82 16.61 -7.56
CA ARG D 107 56.55 16.54 -6.84
C ARG D 107 56.17 17.82 -6.08
N GLY D 108 57.04 18.82 -6.03
CA GLY D 108 56.71 20.09 -5.38
C GLY D 108 57.06 21.27 -6.26
N ASN D 109 57.19 21.01 -7.55
CA ASN D 109 57.75 21.97 -8.49
C ASN D 109 56.68 22.74 -9.27
N GLU D 110 57.09 23.44 -10.31
CA GLU D 110 56.19 24.15 -11.20
C GLU D 110 56.38 23.67 -12.63
N VAL D 111 55.30 23.70 -13.40
CA VAL D 111 55.33 23.46 -14.86
C VAL D 111 54.40 24.49 -15.53
N ILE D 112 54.88 25.06 -16.64
CA ILE D 112 54.11 26.01 -17.42
C ILE D 112 53.44 25.23 -18.56
N VAL D 113 52.10 25.28 -18.59
CA VAL D 113 51.33 24.66 -19.67
C VAL D 113 51.03 25.70 -20.74
N SER D 114 51.71 25.56 -21.88
CA SER D 114 51.72 26.56 -22.95
C SER D 114 50.70 26.25 -24.03
N MET D 115 49.92 27.27 -24.40
CA MET D 115 48.96 27.14 -25.49
C MET D 115 49.67 27.10 -26.85
N ASN D 116 50.79 27.82 -26.98
CA ASN D 116 51.65 27.71 -28.16
C ASN D 116 52.45 26.40 -28.12
N GLU D 117 52.59 25.75 -29.27
CA GLU D 117 53.28 24.46 -29.32
C GLU D 117 54.76 24.66 -29.03
N VAL D 118 55.29 23.77 -28.20
CA VAL D 118 56.69 23.78 -27.82
C VAL D 118 57.16 22.35 -27.62
N GLU D 119 58.48 22.16 -27.64
CA GLU D 119 59.07 20.90 -27.21
C GLU D 119 58.88 20.76 -25.70
N GLY D 120 58.72 19.53 -25.24
CA GLY D 120 58.48 19.27 -23.83
C GLY D 120 59.69 19.55 -22.96
N THR D 121 59.42 19.88 -21.71
CA THR D 121 60.45 20.07 -20.69
C THR D 121 59.78 20.03 -19.31
N PRO D 122 60.57 19.81 -18.24
CA PRO D 122 60.00 19.93 -16.89
C PRO D 122 59.40 21.31 -16.55
N GLU D 123 59.64 22.31 -17.40
CA GLU D 123 59.08 23.64 -17.22
C GLU D 123 57.99 23.93 -18.27
N LYS D 124 58.38 24.11 -19.53
CA LYS D 124 57.46 24.48 -20.60
C LYS D 124 57.01 23.19 -21.29
N PHE D 125 55.82 23.22 -21.89
CA PHE D 125 55.09 21.99 -22.11
C PHE D 125 53.71 22.31 -22.71
N SER D 126 53.41 21.75 -23.88
CA SER D 126 52.29 22.27 -24.71
C SER D 126 51.11 21.29 -24.91
N VAL D 127 49.91 21.87 -25.12
CA VAL D 127 48.69 21.08 -25.34
C VAL D 127 48.03 21.47 -26.67
N THR D 128 47.28 20.53 -27.25
CA THR D 128 46.64 20.72 -28.56
C THR D 128 45.41 21.62 -28.49
N TYR D 129 44.69 21.54 -27.37
CA TYR D 129 43.55 22.38 -27.14
C TYR D 129 44.02 23.77 -26.77
N GLU D 130 44.25 24.61 -27.77
CA GLU D 130 44.84 25.93 -27.52
C GLU D 130 43.90 26.85 -26.74
N ASN D 131 42.66 26.43 -26.55
CA ASN D 131 41.70 27.22 -25.80
C ASN D 131 41.57 26.80 -24.32
N LEU D 132 42.50 25.98 -23.84
CA LEU D 132 42.48 25.46 -22.46
C LEU D 132 42.50 26.58 -21.43
N ILE D 133 43.37 27.56 -21.66
CA ILE D 133 43.56 28.70 -20.78
C ILE D 133 42.25 29.45 -20.42
N ASN D 134 41.28 29.44 -21.33
CA ASN D 134 40.02 30.14 -21.11
C ASN D 134 39.01 29.36 -20.30
N ASP D 135 39.20 28.04 -20.21
CA ASP D 135 38.24 27.19 -19.50
C ASP D 135 38.65 27.00 -18.05
N VAL D 136 39.94 27.04 -17.77
CA VAL D 136 40.43 26.87 -16.39
C VAL D 136 40.47 28.21 -15.66
N GLN D 137 40.71 28.14 -14.35
CA GLN D 137 40.95 29.33 -13.54
C GLN D 137 42.00 28.98 -12.48
N VAL D 138 42.44 29.96 -11.69
CA VAL D 138 43.42 29.69 -10.63
C VAL D 138 42.84 28.65 -9.67
N GLY D 139 43.57 27.56 -9.48
CA GLY D 139 43.14 26.49 -8.57
C GLY D 139 42.43 25.32 -9.22
N SER D 140 42.12 25.45 -10.51
CA SER D 140 41.59 24.33 -11.28
C SER D 140 42.65 23.26 -11.40
N TYR D 141 42.25 21.99 -11.32
CA TYR D 141 43.17 20.89 -11.51
C TYR D 141 43.30 20.55 -13.00
N ILE D 142 44.46 20.03 -13.39
CA ILE D 142 44.71 19.57 -14.76
C ILE D 142 45.41 18.21 -14.71
N LEU D 143 44.73 17.17 -15.16
CA LEU D 143 45.27 15.82 -15.07
C LEU D 143 45.96 15.43 -16.38
N LEU D 144 47.19 14.90 -16.27
CA LEU D 144 47.94 14.48 -17.45
C LEU D 144 48.00 12.94 -17.57
N ASP D 145 47.78 12.45 -18.79
CA ASP D 145 47.90 11.02 -19.12
C ASP D 145 47.01 10.16 -18.23
N ASP D 146 45.70 10.33 -18.40
CA ASP D 146 44.70 9.58 -17.65
C ASP D 146 44.93 9.70 -16.15
N GLY D 147 45.23 10.92 -15.70
CA GLY D 147 45.41 11.22 -14.29
C GLY D 147 46.66 10.64 -13.65
N LEU D 148 47.66 10.27 -14.46
CA LEU D 148 48.90 9.69 -13.93
C LEU D 148 49.60 10.65 -12.99
N ILE D 149 49.65 11.92 -13.40
CA ILE D 149 50.22 12.98 -12.57
C ILE D 149 49.29 14.17 -12.67
N GLU D 150 48.92 14.76 -11.52
CA GLU D 150 47.96 15.86 -11.51
C GLU D 150 48.65 17.19 -11.21
N LEU D 151 48.36 18.21 -12.03
CA LEU D 151 48.84 19.55 -11.79
C LEU D 151 47.76 20.36 -11.05
N GLN D 152 48.02 21.65 -10.88
CA GLN D 152 47.02 22.60 -10.37
C GLN D 152 47.40 24.04 -10.75
N VAL D 153 46.45 24.78 -11.29
CA VAL D 153 46.73 26.10 -11.85
C VAL D 153 47.12 27.10 -10.74
N LYS D 154 48.29 27.71 -10.91
CA LYS D 154 48.85 28.64 -9.93
C LYS D 154 48.53 30.10 -10.29
N ASP D 155 49.07 30.59 -11.40
CA ASP D 155 48.70 31.90 -11.99
C ASP D 155 48.38 31.70 -13.48
N ILE D 156 47.55 32.60 -14.02
CA ILE D 156 47.26 32.60 -15.43
C ILE D 156 47.60 33.97 -15.99
N ASP D 157 48.56 34.01 -16.92
CA ASP D 157 48.84 35.21 -17.70
C ASP D 157 48.56 34.91 -19.16
N HIS D 158 47.49 35.51 -19.66
CA HIS D 158 47.15 35.44 -21.08
C HIS D 158 48.11 36.25 -21.91
N ALA D 159 48.85 37.14 -21.26
CA ALA D 159 49.93 37.85 -21.90
C ALA D 159 50.74 36.87 -22.73
N LYS D 160 51.45 35.97 -22.07
CA LYS D 160 52.26 34.97 -22.75
C LYS D 160 51.44 33.73 -23.14
N LYS D 161 50.15 33.74 -22.82
CA LYS D 161 49.25 32.59 -23.02
C LYS D 161 49.82 31.30 -22.42
N GLU D 162 50.10 31.39 -21.12
CA GLU D 162 50.68 30.30 -20.37
C GLU D 162 49.92 30.13 -19.08
N VAL D 163 49.96 28.91 -18.55
CA VAL D 163 49.33 28.57 -17.28
C VAL D 163 50.38 27.97 -16.35
N LYS D 164 50.79 28.75 -15.34
CA LYS D 164 51.77 28.30 -14.34
C LYS D 164 51.06 27.31 -13.42
N CYS D 165 51.68 26.17 -13.16
CA CYS D 165 51.02 25.09 -12.42
C CYS D 165 51.94 24.39 -11.43
N ASP D 166 51.46 24.23 -10.20
CA ASP D 166 52.15 23.44 -9.17
C ASP D 166 51.95 21.96 -9.43
N ILE D 167 53.04 21.26 -9.71
CA ILE D 167 52.99 19.82 -9.96
C ILE D 167 52.80 19.05 -8.64
N LEU D 168 51.59 18.52 -8.43
CA LEU D 168 51.16 17.92 -7.14
C LEU D 168 51.71 16.52 -6.88
N ASN D 169 51.42 15.58 -7.78
CA ASN D 169 52.03 14.24 -7.75
C ASN D 169 53.11 14.19 -8.80
N SER D 170 54.12 13.35 -8.62
CA SER D 170 55.22 13.32 -9.56
C SER D 170 55.12 12.12 -10.48
N GLY D 171 55.91 12.13 -11.55
CA GLY D 171 55.94 11.03 -12.50
C GLY D 171 56.47 11.47 -13.85
N GLU D 172 56.39 10.55 -14.82
CA GLU D 172 56.94 10.76 -16.14
C GLU D 172 55.86 11.20 -17.11
N LEU D 173 56.26 11.55 -18.33
CA LEU D 173 55.35 12.09 -19.34
C LEU D 173 55.85 11.81 -20.75
N LYS D 174 55.15 10.92 -21.45
CA LYS D 174 55.46 10.58 -22.85
C LYS D 174 54.91 11.67 -23.79
N ASN D 175 55.03 11.44 -25.09
CA ASN D 175 54.67 12.45 -26.10
C ASN D 175 53.16 12.75 -26.17
N LYS D 176 52.45 12.13 -27.10
CA LYS D 176 51.08 12.50 -27.43
C LYS D 176 50.07 11.96 -26.41
N LYS D 177 50.25 12.34 -25.14
CA LYS D 177 49.43 11.81 -24.05
C LYS D 177 48.30 12.76 -23.70
N GLY D 178 47.25 12.22 -23.09
CA GLY D 178 46.01 12.97 -22.89
C GLY D 178 45.99 13.92 -21.71
N VAL D 179 45.02 14.83 -21.73
CA VAL D 179 44.84 15.84 -20.70
C VAL D 179 43.35 15.96 -20.35
N ASN D 180 43.02 16.11 -19.08
CA ASN D 180 41.60 16.25 -18.63
C ASN D 180 41.43 17.37 -17.62
N LEU D 181 40.34 18.12 -17.73
CA LEU D 181 40.04 19.25 -16.86
C LEU D 181 38.76 19.02 -16.07
N PRO D 182 38.86 18.49 -14.84
CA PRO D 182 37.67 18.24 -14.02
C PRO D 182 36.71 19.43 -13.98
N GLY D 183 35.46 19.18 -14.36
CA GLY D 183 34.54 20.22 -14.86
C GLY D 183 34.39 21.49 -14.04
N VAL D 184 34.65 22.69 -14.60
CA VAL D 184 35.17 22.96 -15.96
C VAL D 184 34.31 22.53 -17.18
N ARG D 185 33.57 23.51 -17.72
CA ARG D 185 32.91 23.36 -19.00
C ARG D 185 34.01 23.23 -20.04
N VAL D 186 34.38 22.01 -20.39
CA VAL D 186 35.36 21.83 -21.47
C VAL D 186 34.70 22.30 -22.77
N SER D 187 35.38 23.21 -23.47
CA SER D 187 34.76 23.94 -24.57
C SER D 187 35.16 23.43 -25.96
N LEU D 188 35.51 22.15 -26.04
CA LEU D 188 35.67 21.44 -27.32
C LEU D 188 34.35 21.43 -28.09
N PRO D 189 34.38 21.12 -29.38
CA PRO D 189 33.14 20.95 -30.14
C PRO D 189 32.50 19.61 -29.81
N GLY D 190 31.27 19.39 -30.28
CA GLY D 190 30.57 18.13 -30.08
C GLY D 190 31.24 16.94 -30.73
N ILE D 191 31.76 17.15 -31.95
CA ILE D 191 32.40 16.10 -32.78
C ILE D 191 33.65 16.58 -33.56
N THR D 192 34.65 15.69 -33.68
CA THR D 192 35.82 15.94 -34.53
C THR D 192 35.38 15.99 -35.99
N GLU D 193 36.23 16.54 -36.85
CA GLU D 193 36.01 16.42 -38.29
C GLU D 193 36.05 14.95 -38.67
N LYS D 194 36.95 14.19 -38.01
CA LYS D 194 37.02 12.73 -38.16
C LYS D 194 35.73 12.07 -37.73
N ASP D 195 35.17 12.53 -36.63
CA ASP D 195 33.92 11.98 -36.16
C ASP D 195 32.82 12.14 -37.19
N ALA D 196 32.80 13.28 -37.89
CA ALA D 196 31.87 13.48 -38.98
C ALA D 196 32.13 12.42 -40.05
N GLU D 197 33.36 12.37 -40.56
CA GLU D 197 33.78 11.32 -41.50
C GLU D 197 33.37 9.94 -41.02
N ASP D 198 33.57 9.67 -39.73
CA ASP D 198 33.28 8.37 -39.12
C ASP D 198 31.78 8.05 -39.05
N ILE D 199 30.95 9.04 -38.76
CA ILE D 199 29.53 8.75 -38.67
C ILE D 199 28.87 8.72 -40.07
N ARG D 200 29.51 9.33 -41.06
CA ARG D 200 28.98 9.22 -42.42
C ARG D 200 29.22 7.80 -42.93
N PHE D 201 30.40 7.26 -42.64
CA PHE D 201 30.70 5.85 -42.90
C PHE D 201 29.64 4.93 -42.28
N GLY D 202 29.21 5.27 -41.07
CA GLY D 202 28.21 4.50 -40.40
C GLY D 202 26.90 4.57 -41.12
N ILE D 203 26.58 5.75 -41.66
CA ILE D 203 25.31 5.93 -42.38
C ILE D 203 25.33 5.06 -43.63
N LYS D 204 26.48 4.98 -44.28
CA LYS D 204 26.65 4.20 -45.48
C LYS D 204 26.50 2.70 -45.24
N GLU D 205 26.85 2.23 -44.04
CA GLU D 205 26.77 0.79 -43.73
C GLU D 205 25.53 0.36 -42.88
N ASN D 206 24.50 1.20 -42.84
CA ASN D 206 23.27 0.96 -42.07
C ASN D 206 23.55 0.47 -40.66
N VAL D 207 24.60 1.02 -40.06
CA VAL D 207 24.97 0.70 -38.70
C VAL D 207 23.79 1.11 -37.79
N ASP D 208 23.64 0.42 -36.67
CA ASP D 208 22.44 0.53 -35.86
C ASP D 208 22.52 1.52 -34.71
N PHE D 209 23.73 1.70 -34.15
CA PHE D 209 23.95 2.55 -33.01
C PHE D 209 25.20 3.39 -33.18
N ILE D 210 25.11 4.64 -32.74
CA ILE D 210 26.28 5.50 -32.64
C ILE D 210 26.49 5.93 -31.18
N ALA D 211 27.60 5.48 -30.59
CA ALA D 211 27.99 5.85 -29.22
C ALA D 211 28.91 7.06 -29.29
N ALA D 212 28.34 8.23 -28.99
CA ALA D 212 29.05 9.52 -29.12
C ALA D 212 29.88 9.84 -27.87
N SER D 213 31.18 10.01 -28.05
CA SER D 213 32.09 10.21 -26.93
C SER D 213 32.06 11.64 -26.38
N PHE D 214 32.39 11.75 -25.10
CA PHE D 214 32.60 13.03 -24.40
C PHE D 214 31.42 13.97 -24.55
N VAL D 215 30.21 13.40 -24.56
CA VAL D 215 29.01 14.22 -24.66
C VAL D 215 28.84 14.95 -23.35
N ARG D 216 28.45 16.21 -23.43
CA ARG D 216 28.22 16.97 -22.22
C ARG D 216 27.08 17.97 -22.29
N ARG D 217 26.72 18.40 -23.49
CA ARG D 217 25.49 19.17 -23.66
C ARG D 217 24.60 18.52 -24.71
N PRO D 218 23.30 18.86 -24.72
CA PRO D 218 22.43 18.41 -25.79
C PRO D 218 22.93 18.81 -27.18
N SER D 219 23.53 20.02 -27.30
CA SER D 219 24.19 20.49 -28.53
C SER D 219 25.03 19.39 -29.16
N ASP D 220 25.83 18.74 -28.32
CA ASP D 220 26.79 17.73 -28.77
C ASP D 220 26.12 16.50 -29.35
N VAL D 221 24.88 16.22 -28.97
CA VAL D 221 24.14 15.10 -29.57
C VAL D 221 23.46 15.56 -30.83
N LEU D 222 22.77 16.69 -30.77
CA LEU D 222 22.10 17.25 -31.95
C LEU D 222 23.03 17.41 -33.16
N GLU D 223 24.32 17.66 -32.91
CA GLU D 223 25.33 17.74 -33.98
C GLU D 223 25.42 16.45 -34.76
N ILE D 224 25.24 15.32 -34.09
CA ILE D 224 25.17 14.04 -34.78
C ILE D 224 23.81 13.87 -35.45
N ARG D 225 22.74 14.13 -34.71
CA ARG D 225 21.40 13.88 -35.24
C ARG D 225 21.09 14.72 -36.47
N GLU D 226 21.71 15.89 -36.60
CA GLU D 226 21.48 16.71 -37.81
C GLU D 226 22.19 16.13 -39.03
N ILE D 227 23.32 15.47 -38.82
CA ILE D 227 23.98 14.71 -39.88
C ILE D 227 23.08 13.54 -40.27
N LEU D 228 22.49 12.89 -39.28
CA LEU D 228 21.60 11.76 -39.56
C LEU D 228 20.35 12.21 -40.30
N GLU D 229 19.81 13.38 -39.95
CA GLU D 229 18.57 13.81 -40.60
C GLU D 229 18.80 14.25 -42.05
N GLU D 230 20.01 14.69 -42.39
CA GLU D 230 20.36 14.98 -43.77
C GLU D 230 20.17 13.74 -44.64
N GLN D 231 20.64 12.61 -44.13
CA GLN D 231 20.52 11.34 -44.83
C GLN D 231 19.21 10.60 -44.56
N LYS D 232 18.38 11.14 -43.67
CA LYS D 232 17.24 10.40 -43.16
C LYS D 232 17.73 9.00 -42.77
N ALA D 233 18.69 8.97 -41.86
CA ALA D 233 19.43 7.76 -41.55
C ALA D 233 18.66 6.75 -40.70
N ASN D 234 18.14 7.19 -39.55
CA ASN D 234 17.54 6.29 -38.55
C ASN D 234 18.59 5.38 -37.93
N ILE D 235 19.50 6.02 -37.21
CA ILE D 235 20.44 5.35 -36.31
C ILE D 235 20.21 5.90 -34.90
N SER D 236 20.24 5.03 -33.90
CA SER D 236 20.09 5.45 -32.51
C SER D 236 21.41 6.02 -31.99
N VAL D 237 21.32 7.16 -31.32
CA VAL D 237 22.46 7.89 -30.77
C VAL D 237 22.53 7.74 -29.23
N PHE D 238 23.63 7.16 -28.76
CA PHE D 238 23.85 6.87 -27.34
C PHE D 238 25.04 7.68 -26.84
N PRO D 239 24.80 8.78 -26.11
CA PRO D 239 25.92 9.60 -25.60
C PRO D 239 26.73 8.89 -24.51
N LYS D 240 28.00 9.28 -24.33
CA LYS D 240 28.88 8.56 -23.43
C LYS D 240 29.04 9.12 -22.00
N ILE D 241 28.80 10.42 -21.77
CA ILE D 241 28.85 10.97 -20.38
C ILE D 241 30.14 10.55 -19.59
N GLU D 242 31.13 11.44 -19.63
CA GLU D 242 32.44 11.14 -19.08
C GLU D 242 32.93 12.23 -18.11
N ASN D 243 32.08 13.18 -17.75
CA ASN D 243 32.53 14.29 -16.92
C ASN D 243 31.38 14.95 -16.19
N GLN D 244 31.69 15.90 -15.32
CA GLN D 244 30.67 16.53 -14.46
C GLN D 244 29.59 17.23 -15.27
N GLU D 245 29.99 18.00 -16.26
CA GLU D 245 29.02 18.69 -17.11
C GLU D 245 28.03 17.68 -17.70
N GLY D 246 28.54 16.51 -18.08
CA GLY D 246 27.70 15.42 -18.58
C GLY D 246 26.70 14.98 -17.53
N ILE D 247 27.22 14.59 -16.37
CA ILE D 247 26.35 14.18 -15.26
C ILE D 247 25.28 15.23 -15.01
N ASP D 248 25.71 16.49 -14.92
CA ASP D 248 24.81 17.59 -14.58
C ASP D 248 23.67 17.76 -15.58
N ASN D 249 23.96 17.52 -16.85
CA ASN D 249 22.99 17.72 -17.91
C ASN D 249 22.26 16.44 -18.34
N ILE D 250 22.26 15.41 -17.50
CA ILE D 250 21.74 14.10 -17.90
C ILE D 250 20.30 14.14 -18.38
N GLU D 251 19.44 14.89 -17.72
CA GLU D 251 18.03 14.94 -18.13
C GLU D 251 17.89 15.58 -19.50
N GLU D 252 18.58 16.70 -19.71
CA GLU D 252 18.46 17.46 -20.94
C GLU D 252 19.04 16.68 -22.13
N ILE D 253 20.01 15.82 -21.86
CA ILE D 253 20.67 15.05 -22.89
C ILE D 253 19.79 13.90 -23.35
N LEU D 254 19.21 13.20 -22.39
CA LEU D 254 18.35 12.06 -22.73
C LEU D 254 17.09 12.54 -23.47
N GLU D 255 16.64 13.75 -23.17
CA GLU D 255 15.53 14.38 -23.88
C GLU D 255 15.76 14.31 -25.39
N VAL D 256 17.02 14.33 -25.77
CA VAL D 256 17.48 14.47 -27.14
C VAL D 256 18.28 13.24 -27.60
N SER D 257 18.17 12.13 -26.88
CA SER D 257 18.98 10.94 -27.16
C SER D 257 18.14 9.68 -27.13
N ASP D 258 18.66 8.63 -27.73
CA ASP D 258 17.93 7.38 -27.91
C ASP D 258 18.26 6.41 -26.79
N GLY D 259 19.47 6.53 -26.25
CA GLY D 259 19.87 5.72 -25.11
C GLY D 259 21.07 6.37 -24.47
N LEU D 260 21.86 5.58 -23.74
CA LEU D 260 23.00 6.11 -23.00
C LEU D 260 24.05 5.03 -22.69
N MET D 261 25.31 5.43 -22.76
CA MET D 261 26.41 4.58 -22.34
C MET D 261 27.04 5.22 -21.10
N VAL D 262 27.44 4.40 -20.13
CA VAL D 262 28.07 4.88 -18.90
C VAL D 262 29.48 4.29 -18.84
N ALA D 263 30.45 5.09 -19.28
CA ALA D 263 31.86 4.66 -19.36
C ALA D 263 32.56 4.96 -18.05
N ARG D 264 32.66 3.98 -17.17
CA ARG D 264 33.18 4.22 -15.82
C ARG D 264 34.64 4.65 -15.83
N GLY D 265 35.45 4.01 -16.66
CA GLY D 265 36.88 4.28 -16.69
C GLY D 265 37.20 5.70 -17.14
N ASP D 266 36.54 6.11 -18.22
CA ASP D 266 36.71 7.44 -18.76
C ASP D 266 36.21 8.46 -17.73
N MET D 267 35.10 8.12 -17.08
CA MET D 267 34.49 8.95 -16.04
C MET D 267 35.38 9.05 -14.82
N GLY D 268 36.02 7.93 -14.48
CA GLY D 268 36.86 7.82 -13.30
C GLY D 268 38.05 8.76 -13.31
N VAL D 269 38.54 9.06 -14.51
CA VAL D 269 39.66 9.98 -14.65
C VAL D 269 39.30 11.40 -14.18
N GLU D 270 38.09 11.85 -14.50
CA GLU D 270 37.67 13.22 -14.20
C GLU D 270 36.96 13.40 -12.84
N ILE D 271 36.37 12.34 -12.31
CA ILE D 271 35.70 12.45 -11.00
C ILE D 271 36.11 11.34 -10.05
N PRO D 272 36.12 11.63 -8.73
CA PRO D 272 36.68 10.69 -7.77
C PRO D 272 36.01 9.33 -7.89
N PRO D 273 36.81 8.24 -7.90
CA PRO D 273 36.23 6.90 -7.93
C PRO D 273 35.42 6.50 -6.67
N GLU D 274 35.52 7.26 -5.60
CA GLU D 274 34.64 7.10 -4.44
C GLU D 274 33.20 7.45 -4.81
N LYS D 275 33.06 8.29 -5.83
CA LYS D 275 31.80 8.94 -6.17
C LYS D 275 31.16 8.34 -7.41
N VAL D 276 31.92 7.56 -8.18
CA VAL D 276 31.44 7.03 -9.47
C VAL D 276 30.21 6.11 -9.35
N PRO D 277 30.22 5.16 -8.40
CA PRO D 277 29.11 4.21 -8.35
C PRO D 277 27.80 4.80 -7.90
N MET D 278 27.82 5.93 -7.20
CA MET D 278 26.58 6.67 -6.90
C MET D 278 26.06 7.32 -8.18
N VAL D 279 26.99 7.79 -9.02
CA VAL D 279 26.62 8.41 -10.28
C VAL D 279 26.12 7.34 -11.25
N GLN D 280 26.83 6.22 -11.38
CA GLN D 280 26.33 5.12 -12.22
C GLN D 280 24.90 4.77 -11.85
N LYS D 281 24.68 4.54 -10.57
CA LYS D 281 23.35 4.15 -10.08
C LYS D 281 22.32 5.17 -10.43
N ASP D 282 22.70 6.44 -10.46
CA ASP D 282 21.75 7.51 -10.73
C ASP D 282 21.45 7.67 -12.21
N LEU D 283 22.47 7.62 -13.04
CA LEU D 283 22.29 7.74 -14.48
C LEU D 283 21.43 6.57 -15.01
N ILE D 284 21.79 5.34 -14.62
CA ILE D 284 21.02 4.16 -15.01
C ILE D 284 19.56 4.33 -14.61
N ARG D 285 19.32 4.81 -13.39
CA ARG D 285 17.96 5.02 -12.91
C ARG D 285 17.29 6.13 -13.74
N GLN D 286 18.05 7.14 -14.14
CA GLN D 286 17.49 8.26 -14.91
C GLN D 286 17.10 7.85 -16.33
N CYS D 287 17.77 6.81 -16.83
CA CYS D 287 17.47 6.21 -18.12
C CYS D 287 16.26 5.30 -18.01
N ASN D 288 16.18 4.54 -16.93
CA ASN D 288 15.01 3.70 -16.67
C ASN D 288 13.75 4.55 -16.60
N LYS D 289 13.86 5.73 -16.04
CA LYS D 289 12.70 6.58 -15.88
C LYS D 289 12.07 6.89 -17.22
N LEU D 290 12.89 7.03 -18.26
CA LEU D 290 12.44 7.49 -19.57
C LEU D 290 12.41 6.37 -20.60
N GLY D 291 12.54 5.12 -20.17
CA GLY D 291 12.51 3.98 -21.09
C GLY D 291 13.66 3.91 -22.09
N LYS D 292 14.66 4.77 -21.90
CA LYS D 292 15.84 4.80 -22.77
C LYS D 292 16.78 3.69 -22.32
N PRO D 293 17.26 2.87 -23.27
CA PRO D 293 18.19 1.82 -22.90
C PRO D 293 19.50 2.40 -22.45
N VAL D 294 20.17 1.71 -21.53
CA VAL D 294 21.46 2.16 -21.05
C VAL D 294 22.46 1.01 -21.06
N ILE D 295 23.67 1.31 -21.47
CA ILE D 295 24.77 0.35 -21.47
C ILE D 295 25.72 0.73 -20.36
N THR D 296 26.13 -0.25 -19.55
CA THR D 296 27.18 -0.01 -18.57
C THR D 296 28.49 -0.51 -19.17
N ALA D 297 29.51 0.34 -19.22
CA ALA D 297 30.70 0.08 -20.05
C ALA D 297 32.03 0.25 -19.34
N THR D 298 33.03 -0.51 -19.81
CA THR D 298 34.42 -0.41 -19.34
C THR D 298 34.67 -1.08 -17.98
N GLN D 299 35.90 -1.52 -17.78
CA GLN D 299 36.34 -2.09 -16.50
C GLN D 299 35.45 -3.24 -15.99
N MET D 300 34.79 -3.95 -16.90
CA MET D 300 33.83 -4.96 -16.47
C MET D 300 34.54 -6.24 -16.03
N LEU D 301 35.08 -6.98 -17.01
CA LEU D 301 35.81 -8.22 -16.73
C LEU D 301 37.26 -8.13 -17.24
N ASP D 302 37.89 -6.99 -16.97
CA ASP D 302 39.22 -6.71 -17.51
C ASP D 302 40.24 -7.80 -17.24
N SER D 303 40.10 -8.55 -16.15
CA SER D 303 41.08 -9.60 -15.83
C SER D 303 41.07 -10.75 -16.83
N MET D 304 39.98 -10.88 -17.59
CA MET D 304 39.85 -11.97 -18.56
C MET D 304 40.61 -11.71 -19.86
N GLN D 305 41.29 -10.57 -19.93
CA GLN D 305 42.24 -10.34 -21.01
C GLN D 305 43.46 -11.24 -20.86
N ARG D 306 43.75 -11.62 -19.62
CA ARG D 306 44.89 -12.49 -19.32
C ARG D 306 44.50 -13.83 -18.69
N ASN D 307 43.34 -13.87 -18.02
CA ASN D 307 42.89 -15.09 -17.32
C ASN D 307 41.60 -15.67 -17.88
N PRO D 308 41.43 -16.99 -17.77
CA PRO D 308 40.24 -17.63 -18.32
C PRO D 308 39.03 -17.57 -17.39
N ARG D 309 39.16 -16.89 -16.26
CA ARG D 309 38.03 -16.70 -15.36
C ARG D 309 38.13 -15.34 -14.66
N ALA D 310 36.99 -14.70 -14.46
CA ALA D 310 36.93 -13.37 -13.84
C ALA D 310 37.05 -13.45 -12.33
N THR D 311 37.41 -12.33 -11.72
CA THR D 311 37.55 -12.26 -10.27
C THR D 311 36.20 -11.95 -9.61
N ARG D 312 36.09 -12.33 -8.33
CA ARG D 312 34.92 -12.06 -7.52
C ARG D 312 34.53 -10.59 -7.62
N ALA D 313 35.52 -9.70 -7.48
CA ALA D 313 35.28 -8.25 -7.53
C ALA D 313 34.59 -7.87 -8.82
N GLU D 314 35.04 -8.44 -9.93
CA GLU D 314 34.48 -8.13 -11.24
C GLU D 314 33.07 -8.70 -11.42
N ALA D 315 32.86 -9.90 -10.92
CA ALA D 315 31.53 -10.50 -10.97
C ALA D 315 30.55 -9.62 -10.20
N SER D 316 30.91 -9.26 -8.98
CA SER D 316 30.11 -8.36 -8.16
C SER D 316 29.83 -7.07 -8.89
N ASP D 317 30.84 -6.54 -9.55
CA ASP D 317 30.74 -5.29 -10.27
C ASP D 317 29.69 -5.37 -11.40
N VAL D 318 29.77 -6.43 -12.19
CA VAL D 318 28.81 -6.68 -13.28
C VAL D 318 27.41 -6.87 -12.73
N ALA D 319 27.27 -7.82 -11.81
CA ALA D 319 26.00 -8.09 -11.16
C ALA D 319 25.35 -6.83 -10.64
N ASN D 320 26.12 -5.93 -10.05
CA ASN D 320 25.55 -4.71 -9.50
C ASN D 320 25.04 -3.78 -10.58
N ALA D 321 25.69 -3.78 -11.74
CA ALA D 321 25.17 -3.00 -12.89
C ALA D 321 23.76 -3.49 -13.24
N ILE D 322 23.61 -4.81 -13.29
CA ILE D 322 22.33 -5.43 -13.56
C ILE D 322 21.31 -4.98 -12.52
N TYR D 323 21.68 -5.03 -11.25
CA TYR D 323 20.75 -4.64 -10.18
C TYR D 323 20.40 -3.16 -10.22
N ASP D 324 21.35 -2.33 -10.67
CA ASP D 324 21.11 -0.89 -10.77
C ASP D 324 20.00 -0.62 -11.77
N GLY D 325 19.82 -1.55 -12.70
CA GLY D 325 18.74 -1.49 -13.72
C GLY D 325 19.21 -1.34 -15.18
N THR D 326 20.41 -1.83 -15.46
CA THR D 326 21.04 -1.62 -16.78
C THR D 326 20.36 -2.47 -17.82
N ASP D 327 20.22 -1.95 -19.03
CA ASP D 327 19.65 -2.73 -20.13
C ASP D 327 20.74 -3.67 -20.63
N ALA D 328 21.93 -3.14 -20.87
CA ALA D 328 23.04 -3.93 -21.41
C ALA D 328 24.38 -3.73 -20.70
N VAL D 329 25.31 -4.62 -21.02
CA VAL D 329 26.58 -4.72 -20.34
C VAL D 329 27.69 -4.92 -21.37
N MET D 330 28.70 -4.05 -21.38
CA MET D 330 29.71 -4.05 -22.46
C MET D 330 31.03 -4.73 -22.13
N LEU D 331 31.68 -5.31 -23.14
CA LEU D 331 33.03 -5.84 -23.01
C LEU D 331 33.93 -5.07 -23.96
N SER D 332 35.16 -4.78 -23.51
CA SER D 332 36.11 -4.05 -24.35
C SER D 332 37.25 -4.96 -24.76
N GLY D 333 38.42 -4.80 -24.14
CA GLY D 333 39.59 -5.59 -24.48
C GLY D 333 39.38 -7.07 -24.28
N GLU D 334 38.51 -7.42 -23.34
CA GLU D 334 38.20 -8.83 -23.02
C GLU D 334 37.94 -9.62 -24.29
N THR D 335 37.09 -9.06 -25.17
CA THR D 335 36.75 -9.64 -26.48
C THR D 335 37.57 -9.10 -27.64
N ALA D 336 38.04 -7.86 -27.55
CA ALA D 336 38.71 -7.21 -28.69
C ALA D 336 40.13 -7.72 -28.89
N ALA D 337 40.98 -7.59 -27.86
CA ALA D 337 42.40 -7.98 -27.94
C ALA D 337 42.80 -9.10 -26.99
N GLY D 338 41.87 -9.53 -26.14
CA GLY D 338 42.19 -10.46 -25.07
C GLY D 338 42.51 -11.89 -25.52
N LEU D 339 43.18 -12.62 -24.65
CA LEU D 339 43.49 -14.03 -24.93
C LEU D 339 42.26 -14.94 -24.81
N TYR D 340 41.17 -14.46 -24.20
CA TYR D 340 40.01 -15.30 -23.91
C TYR D 340 38.70 -14.61 -24.22
N PRO D 341 38.42 -14.40 -25.51
CA PRO D 341 37.22 -13.67 -25.92
C PRO D 341 35.91 -14.43 -25.69
N GLU D 342 35.89 -15.72 -26.01
CA GLU D 342 34.68 -16.53 -25.87
C GLU D 342 34.34 -16.67 -24.40
N GLU D 343 35.38 -16.92 -23.60
CA GLU D 343 35.21 -17.21 -22.17
C GLU D 343 34.71 -15.99 -21.43
N ALA D 344 35.09 -14.81 -21.92
CA ALA D 344 34.60 -13.54 -21.38
C ALA D 344 33.11 -13.38 -21.63
N VAL D 345 32.66 -13.71 -22.83
CA VAL D 345 31.25 -13.56 -23.17
C VAL D 345 30.42 -14.64 -22.47
N LYS D 346 30.91 -15.89 -22.46
CA LYS D 346 30.21 -16.96 -21.76
C LYS D 346 30.06 -16.56 -20.29
N THR D 347 31.15 -16.06 -19.70
CA THR D 347 31.17 -15.72 -18.27
C THR D 347 30.29 -14.51 -17.95
N MET D 348 30.10 -13.64 -18.93
CA MET D 348 29.27 -12.47 -18.77
C MET D 348 27.81 -12.86 -18.74
N ARG D 349 27.42 -13.74 -19.65
CA ARG D 349 26.05 -14.25 -19.67
C ARG D 349 25.74 -14.95 -18.36
N ASN D 350 26.67 -15.78 -17.90
CA ASN D 350 26.49 -16.53 -16.66
C ASN D 350 26.22 -15.65 -15.44
N ILE D 351 26.98 -14.56 -15.31
CA ILE D 351 26.76 -13.58 -14.24
C ILE D 351 25.37 -12.97 -14.41
N ALA D 352 25.07 -12.58 -15.65
CA ALA D 352 23.78 -11.99 -15.98
C ALA D 352 22.61 -12.88 -15.59
N VAL D 353 22.69 -14.16 -15.97
CA VAL D 353 21.64 -15.10 -15.63
C VAL D 353 21.52 -15.24 -14.11
N SER D 354 22.64 -15.53 -13.44
CA SER D 354 22.65 -15.67 -11.98
C SER D 354 21.98 -14.49 -11.31
N ALA D 355 22.45 -13.29 -11.66
CA ALA D 355 22.00 -12.07 -11.00
C ALA D 355 20.52 -11.86 -11.14
N GLU D 356 19.99 -12.15 -12.32
CA GLU D 356 18.56 -11.96 -12.58
C GLU D 356 17.77 -13.05 -11.90
N ALA D 357 18.30 -14.28 -11.95
CA ALA D 357 17.71 -15.45 -11.28
C ALA D 357 17.27 -15.10 -9.87
N ALA D 358 18.14 -14.41 -9.15
CA ALA D 358 17.89 -14.09 -7.78
C ALA D 358 17.48 -12.64 -7.65
N GLN D 359 16.41 -12.22 -8.31
CA GLN D 359 15.88 -10.89 -8.04
C GLN D 359 14.36 -10.81 -8.09
N ASP D 360 13.80 -9.92 -7.28
CA ASP D 360 12.39 -9.94 -6.97
C ASP D 360 11.68 -9.05 -7.96
N TYR D 361 10.92 -9.67 -8.86
CA TYR D 361 10.22 -8.92 -9.90
C TYR D 361 8.99 -8.19 -9.39
N LYS D 362 8.49 -8.58 -8.22
CA LYS D 362 7.39 -7.85 -7.57
C LYS D 362 7.90 -6.50 -7.09
N LYS D 363 9.03 -6.52 -6.37
CA LYS D 363 9.67 -5.29 -5.94
C LYS D 363 9.99 -4.46 -7.17
N LEU D 364 10.64 -5.12 -8.13
CA LEU D 364 11.10 -4.45 -9.35
C LEU D 364 9.98 -3.71 -10.07
N LEU D 365 8.82 -4.34 -10.22
CA LEU D 365 7.66 -3.69 -10.84
C LEU D 365 7.17 -2.53 -9.99
N SER D 366 6.91 -2.81 -8.70
CA SER D 366 6.48 -1.80 -7.74
C SER D 366 7.41 -0.59 -7.76
N ASP D 367 8.70 -0.86 -7.91
CA ASP D 367 9.67 0.19 -8.01
C ASP D 367 9.42 1.06 -9.25
N ARG D 368 9.38 0.43 -10.42
CA ARG D 368 9.20 1.15 -11.68
C ARG D 368 7.85 1.87 -11.75
N THR D 369 6.81 1.24 -11.21
CA THR D 369 5.49 1.85 -11.18
C THR D 369 5.51 3.20 -10.49
N LYS D 370 6.36 3.34 -9.48
CA LYS D 370 6.56 4.63 -8.82
C LYS D 370 7.53 5.52 -9.60
N LEU D 371 8.60 4.93 -10.14
CA LEU D 371 9.70 5.66 -10.77
C LEU D 371 9.31 6.35 -12.08
N VAL D 372 8.77 5.57 -13.02
CA VAL D 372 8.34 6.11 -14.33
C VAL D 372 7.02 6.84 -14.20
N GLU D 373 6.86 7.87 -15.02
CA GLU D 373 5.66 8.70 -14.99
C GLU D 373 4.40 7.89 -15.30
N THR D 374 3.26 8.39 -14.84
CA THR D 374 1.97 7.78 -15.12
C THR D 374 1.22 8.67 -16.10
N SER D 375 1.09 8.19 -17.33
CA SER D 375 0.59 8.98 -18.42
C SER D 375 -0.15 8.12 -19.43
N LEU D 376 -0.88 8.80 -20.33
CA LEU D 376 -1.59 8.13 -21.42
C LEU D 376 -0.60 7.27 -22.17
N VAL D 377 0.59 7.82 -22.41
CA VAL D 377 1.62 7.16 -23.19
C VAL D 377 2.12 5.87 -22.55
N ASN D 378 2.10 5.80 -21.22
CA ASN D 378 2.64 4.66 -20.49
C ASN D 378 1.56 3.70 -19.93
N ALA D 379 0.30 4.12 -20.03
CA ALA D 379 -0.84 3.40 -19.41
C ALA D 379 -0.85 1.89 -19.63
N ILE D 380 -0.36 1.45 -20.76
CA ILE D 380 -0.45 0.05 -21.08
C ILE D 380 0.83 -0.71 -20.74
N GLY D 381 1.92 0.00 -20.48
CA GLY D 381 3.10 -0.64 -19.90
C GLY D 381 2.79 -1.12 -18.47
N ILE D 382 2.11 -0.23 -17.74
CA ILE D 382 1.75 -0.45 -16.36
C ILE D 382 0.84 -1.67 -16.25
N SER D 383 -0.27 -1.64 -17.00
CA SER D 383 -1.30 -2.67 -16.91
C SER D 383 -0.82 -4.02 -17.35
N VAL D 384 0.05 -4.02 -18.36
CA VAL D 384 0.62 -5.27 -18.87
C VAL D 384 1.52 -5.86 -17.82
N ALA D 385 2.38 -5.01 -17.25
CA ALA D 385 3.36 -5.45 -16.25
C ALA D 385 2.72 -6.12 -15.04
N HIS D 386 1.65 -5.50 -14.54
CA HIS D 386 0.87 -6.03 -13.43
C HIS D 386 0.19 -7.29 -13.83
N THR D 387 -0.59 -7.24 -14.91
CA THR D 387 -1.29 -8.41 -15.41
C THR D 387 -0.33 -9.59 -15.58
N ALA D 388 0.84 -9.32 -16.16
CA ALA D 388 1.83 -10.37 -16.42
C ALA D 388 2.36 -11.01 -15.14
N LEU D 389 2.66 -10.19 -14.14
CA LEU D 389 3.14 -10.68 -12.85
C LEU D 389 2.07 -11.47 -12.13
N ASN D 390 0.89 -10.88 -12.03
CA ASN D 390 -0.19 -11.48 -11.28
C ASN D 390 -0.74 -12.80 -11.84
N LEU D 391 -0.88 -12.90 -13.16
CA LEU D 391 -1.45 -14.10 -13.78
C LEU D 391 -0.35 -15.08 -14.19
N ASN D 392 0.90 -14.65 -14.06
CA ASN D 392 2.03 -15.49 -14.42
C ASN D 392 2.03 -15.83 -15.91
N VAL D 393 2.08 -14.79 -16.74
CA VAL D 393 2.01 -14.95 -18.20
C VAL D 393 3.38 -15.34 -18.74
N LYS D 394 3.42 -16.35 -19.61
CA LYS D 394 4.68 -16.90 -20.07
C LYS D 394 5.44 -15.89 -20.92
N ALA D 395 4.72 -15.15 -21.76
CA ALA D 395 5.36 -14.20 -22.66
C ALA D 395 4.46 -13.02 -23.00
N ILE D 396 5.06 -11.84 -23.13
CA ILE D 396 4.39 -10.66 -23.63
C ILE D 396 4.87 -10.51 -25.05
N VAL D 397 3.96 -10.54 -26.02
CA VAL D 397 4.35 -10.32 -27.42
C VAL D 397 3.96 -8.89 -27.82
N ALA D 398 4.99 -8.08 -28.11
CA ALA D 398 4.85 -6.66 -28.34
C ALA D 398 5.07 -6.37 -29.83
N ALA D 399 3.99 -6.03 -30.55
CA ALA D 399 4.06 -5.72 -31.98
C ALA D 399 4.49 -4.27 -32.20
N THR D 400 5.67 -4.07 -32.81
CA THR D 400 6.22 -2.71 -33.10
C THR D 400 6.70 -2.53 -34.52
N GLU D 401 6.46 -1.33 -35.04
CA GLU D 401 7.14 -0.85 -36.22
C GLU D 401 8.49 -0.27 -35.79
N SER D 402 8.45 0.68 -34.84
CA SER D 402 9.62 1.49 -34.48
C SER D 402 10.43 0.91 -33.33
N GLY D 403 9.76 0.21 -32.42
CA GLY D 403 10.38 -0.30 -31.21
C GLY D 403 9.73 0.26 -29.95
N SER D 404 9.07 1.42 -30.08
CA SER D 404 8.59 2.15 -28.90
C SER D 404 7.67 1.31 -27.99
N THR D 405 6.89 0.41 -28.56
CA THR D 405 6.11 -0.51 -27.75
C THR D 405 6.99 -1.50 -27.01
N ALA D 406 8.03 -2.00 -27.65
CA ALA D 406 8.93 -2.93 -26.97
C ALA D 406 9.62 -2.21 -25.80
N ARG D 407 9.98 -0.95 -26.01
CA ARG D 407 10.68 -0.22 -24.98
C ARG D 407 9.73 0.10 -23.85
N THR D 408 8.50 0.45 -24.18
CA THR D 408 7.50 0.77 -23.17
C THR D 408 7.22 -0.41 -22.28
N ILE D 409 7.12 -1.60 -22.84
CA ILE D 409 6.88 -2.78 -22.04
C ILE D 409 8.12 -3.13 -21.24
N SER D 410 9.30 -2.92 -21.80
CA SER D 410 10.57 -3.28 -21.15
C SER D 410 10.81 -2.45 -19.90
N LYS D 411 10.49 -1.16 -19.94
CA LYS D 411 10.85 -0.26 -18.85
C LYS D 411 10.21 -0.65 -17.51
N TYR D 412 9.07 -1.32 -17.56
CA TYR D 412 8.41 -1.81 -16.35
C TYR D 412 8.91 -3.20 -15.88
N ARG D 413 9.96 -3.70 -16.51
CA ARG D 413 10.70 -4.85 -16.04
C ARG D 413 9.83 -6.02 -15.55
N PRO D 414 9.14 -6.72 -16.47
CA PRO D 414 8.34 -7.88 -16.05
C PRO D 414 9.09 -9.20 -16.20
N HIS D 415 8.76 -10.18 -15.35
CA HIS D 415 9.42 -11.50 -15.40
C HIS D 415 9.28 -12.05 -16.78
N SER D 416 8.07 -11.94 -17.33
CA SER D 416 7.72 -12.49 -18.64
C SER D 416 8.67 -12.06 -19.74
N ASP D 417 8.98 -12.99 -20.63
CA ASP D 417 9.84 -12.68 -21.75
C ASP D 417 9.09 -11.74 -22.65
N ILE D 418 9.74 -10.68 -23.10
CA ILE D 418 9.13 -9.80 -24.08
C ILE D 418 9.55 -10.28 -25.46
N ILE D 419 8.59 -10.58 -26.33
CA ILE D 419 8.87 -10.92 -27.74
C ILE D 419 8.48 -9.73 -28.65
N ALA D 420 9.45 -9.18 -29.36
CA ALA D 420 9.17 -8.02 -30.21
C ALA D 420 8.97 -8.51 -31.64
N VAL D 421 7.71 -8.61 -32.07
CA VAL D 421 7.38 -8.91 -33.47
C VAL D 421 7.36 -7.61 -34.25
N THR D 422 8.24 -7.54 -35.24
CA THR D 422 8.41 -6.34 -36.03
C THR D 422 8.56 -6.69 -37.53
N PRO D 423 7.99 -5.85 -38.41
CA PRO D 423 8.27 -5.95 -39.84
C PRO D 423 9.65 -5.41 -40.23
N SER D 424 10.16 -4.47 -39.46
CA SER D 424 11.44 -3.82 -39.75
C SER D 424 12.61 -4.63 -39.21
N GLU D 425 13.44 -5.12 -40.15
CA GLU D 425 14.68 -5.81 -39.83
C GLU D 425 15.59 -4.90 -39.00
N GLU D 426 15.53 -3.61 -39.28
CA GLU D 426 16.44 -2.68 -38.64
C GLU D 426 15.93 -2.17 -37.30
N THR D 427 14.62 -2.10 -37.10
CA THR D 427 14.12 -1.79 -35.76
C THR D 427 13.99 -3.07 -34.95
N ALA D 428 14.57 -4.16 -35.46
CA ALA D 428 14.67 -5.40 -34.73
C ALA D 428 16.07 -5.49 -34.16
N ARG D 429 17.03 -4.98 -34.89
CA ARG D 429 18.39 -4.88 -34.35
C ARG D 429 18.46 -3.81 -33.26
N GLN D 430 17.59 -2.82 -33.32
CA GLN D 430 17.56 -1.83 -32.27
C GLN D 430 16.92 -2.38 -31.01
N CYS D 431 16.08 -3.39 -31.18
CA CYS D 431 15.53 -4.08 -30.03
C CYS D 431 16.53 -5.02 -29.37
N SER D 432 17.61 -5.36 -30.07
CA SER D 432 18.54 -6.34 -29.52
C SER D 432 19.27 -5.82 -28.27
N ILE D 433 19.29 -4.50 -28.09
CA ILE D 433 19.93 -3.88 -26.93
C ILE D 433 18.96 -3.60 -25.78
N VAL D 434 17.66 -3.52 -26.02
CA VAL D 434 16.75 -3.17 -24.91
C VAL D 434 16.46 -4.38 -24.04
N TRP D 435 16.24 -4.10 -22.76
CA TRP D 435 16.21 -5.11 -21.71
C TRP D 435 15.08 -6.05 -21.89
N GLY D 436 15.41 -7.34 -21.87
CA GLY D 436 14.39 -8.39 -21.87
C GLY D 436 13.65 -8.63 -23.17
N VAL D 437 13.99 -7.90 -24.22
CA VAL D 437 13.31 -8.05 -25.51
C VAL D 437 14.06 -9.00 -26.45
N GLN D 438 13.36 -10.05 -26.89
CA GLN D 438 13.90 -10.98 -27.88
C GLN D 438 13.10 -10.67 -29.14
N PRO D 439 13.73 -10.02 -30.14
CA PRO D 439 13.00 -9.58 -31.32
C PRO D 439 12.94 -10.65 -32.43
N VAL D 440 11.84 -10.66 -33.18
CA VAL D 440 11.72 -11.50 -34.37
C VAL D 440 11.08 -10.70 -35.50
N VAL D 441 11.52 -10.97 -36.73
CA VAL D 441 11.03 -10.26 -37.90
C VAL D 441 9.95 -11.06 -38.65
N LYS D 442 8.70 -10.64 -38.49
CA LYS D 442 7.58 -11.22 -39.23
C LYS D 442 6.98 -10.11 -40.08
N LYS D 443 6.35 -10.49 -41.18
CA LYS D 443 5.98 -9.56 -42.21
C LYS D 443 4.68 -8.83 -41.89
N GLY D 444 4.69 -7.53 -42.17
CA GLY D 444 3.64 -6.60 -41.75
C GLY D 444 2.19 -7.00 -41.98
N ARG D 445 1.41 -7.01 -40.89
CA ARG D 445 -0.04 -7.20 -40.91
C ARG D 445 -0.73 -5.86 -40.76
N LYS D 446 -1.76 -5.60 -41.57
CA LYS D 446 -2.36 -4.27 -41.57
C LYS D 446 -3.45 -4.18 -40.51
N SER D 447 -4.40 -5.10 -40.57
CA SER D 447 -5.54 -5.08 -39.67
C SER D 447 -5.14 -5.59 -38.32
N THR D 448 -5.89 -5.16 -37.30
CA THR D 448 -5.69 -5.60 -35.91
C THR D 448 -5.82 -7.13 -35.78
N ASP D 449 -6.88 -7.68 -36.37
CA ASP D 449 -7.09 -9.13 -36.31
C ASP D 449 -5.89 -9.91 -36.77
N ALA D 450 -5.33 -9.48 -37.91
CA ALA D 450 -4.13 -10.08 -38.46
C ALA D 450 -2.96 -10.03 -37.47
N LEU D 451 -2.78 -8.86 -36.85
CA LEU D 451 -1.70 -8.61 -35.92
C LEU D 451 -1.82 -9.52 -34.70
N LEU D 452 -3.01 -9.60 -34.11
CA LEU D 452 -3.24 -10.47 -32.96
C LEU D 452 -2.93 -11.91 -33.34
N ASN D 453 -3.53 -12.39 -34.41
CA ASN D 453 -3.35 -13.77 -34.78
C ASN D 453 -1.90 -14.10 -35.08
N ASN D 454 -1.25 -13.24 -35.85
CA ASN D 454 0.15 -13.46 -36.14
C ASN D 454 0.92 -13.52 -34.81
N ALA D 455 0.69 -12.55 -33.93
CA ALA D 455 1.34 -12.52 -32.61
C ALA D 455 1.32 -13.92 -31.97
N VAL D 456 0.11 -14.46 -31.78
CA VAL D 456 -0.06 -15.76 -31.13
C VAL D 456 0.74 -16.84 -31.86
N ALA D 457 0.78 -16.74 -33.19
CA ALA D 457 1.51 -17.71 -34.01
C ALA D 457 3.02 -17.51 -33.89
N THR D 458 3.46 -16.25 -33.87
CA THR D 458 4.88 -15.93 -33.77
C THR D 458 5.41 -16.41 -32.43
N ALA D 459 4.61 -16.21 -31.39
CA ALA D 459 4.99 -16.63 -30.07
C ALA D 459 5.21 -18.13 -30.02
N VAL D 460 4.27 -18.88 -30.56
CA VAL D 460 4.36 -20.33 -30.50
C VAL D 460 5.55 -20.84 -31.26
N GLU D 461 5.87 -20.18 -32.35
CA GLU D 461 6.96 -20.64 -33.22
C GLU D 461 8.34 -20.34 -32.66
N THR D 462 8.41 -19.44 -31.68
CA THR D 462 9.67 -19.20 -30.98
C THR D 462 10.01 -20.37 -30.09
N GLY D 463 9.02 -21.18 -29.75
CA GLY D 463 9.23 -22.37 -28.95
C GLY D 463 9.16 -22.10 -27.47
N ARG D 464 9.10 -20.83 -27.09
CA ARG D 464 9.05 -20.44 -25.70
C ARG D 464 7.66 -20.71 -25.11
N VAL D 465 6.60 -20.32 -25.84
CA VAL D 465 5.24 -20.61 -25.41
C VAL D 465 4.67 -21.86 -26.10
N THR D 466 3.89 -22.64 -25.35
CA THR D 466 3.20 -23.82 -25.89
C THR D 466 1.74 -23.79 -25.40
N ASN D 467 1.05 -24.92 -25.37
CA ASN D 467 -0.41 -24.89 -25.29
C ASN D 467 -1.07 -24.43 -23.99
N GLY D 468 -0.54 -24.84 -22.84
CA GLY D 468 -1.10 -24.33 -21.57
C GLY D 468 -0.94 -22.83 -21.33
N ASP D 469 0.09 -22.24 -21.93
CA ASP D 469 0.61 -20.95 -21.50
C ASP D 469 -0.31 -19.76 -21.77
N LEU D 470 -0.20 -18.74 -20.93
CA LEU D 470 -0.88 -17.46 -21.13
C LEU D 470 0.07 -16.50 -21.82
N ILE D 471 -0.51 -15.57 -22.56
CA ILE D 471 0.23 -14.61 -23.37
C ILE D 471 -0.51 -13.29 -23.34
N ILE D 472 0.24 -12.19 -23.29
CA ILE D 472 -0.35 -10.87 -23.44
C ILE D 472 0.15 -10.35 -24.77
N ILE D 473 -0.77 -10.02 -25.67
CA ILE D 473 -0.42 -9.37 -26.95
C ILE D 473 -0.64 -7.87 -26.79
N THR D 474 0.36 -7.08 -27.19
CA THR D 474 0.24 -5.64 -27.06
C THR D 474 0.85 -4.92 -28.26
N ALA D 475 0.23 -3.80 -28.61
CA ALA D 475 0.68 -2.99 -29.73
C ALA D 475 -0.09 -1.70 -29.78
N GLY D 476 0.34 -0.82 -30.68
CA GLY D 476 -0.35 0.44 -30.90
C GLY D 476 -1.22 0.21 -32.10
N VAL D 477 -2.52 0.42 -31.95
CA VAL D 477 -3.46 0.16 -33.04
C VAL D 477 -4.48 1.26 -33.24
N PRO D 478 -4.90 1.49 -34.49
CA PRO D 478 -4.48 0.85 -35.75
C PRO D 478 -3.01 1.03 -36.10
N THR D 479 -2.42 0.05 -36.77
CA THR D 479 -0.98 0.07 -37.02
C THR D 479 -0.48 1.37 -37.69
N GLY D 480 -1.36 2.01 -38.44
CA GLY D 480 -1.07 3.31 -39.02
C GLY D 480 -0.85 4.40 -37.99
N GLU D 481 -1.93 5.00 -37.50
CA GLU D 481 -1.85 6.18 -36.61
C GLU D 481 -1.15 5.90 -35.29
N THR D 482 -0.59 4.70 -35.14
CA THR D 482 0.17 4.32 -33.95
C THR D 482 1.25 5.34 -33.64
N GLY D 483 1.06 6.07 -32.57
CA GLY D 483 2.16 6.82 -32.01
C GLY D 483 2.64 5.98 -30.85
N THR D 484 1.70 5.65 -29.98
CA THR D 484 1.99 5.10 -28.68
C THR D 484 1.40 3.73 -28.67
N THR D 485 1.80 2.93 -27.69
CA THR D 485 1.19 1.62 -27.52
C THR D 485 -0.08 1.77 -26.68
N ASN D 486 -1.16 1.14 -27.10
CA ASN D 486 -2.49 1.49 -26.60
C ASN D 486 -3.54 0.38 -26.57
N MET D 487 -3.11 -0.87 -26.67
CA MET D 487 -4.01 -1.97 -26.36
C MET D 487 -3.27 -3.23 -25.96
N MET D 488 -3.97 -4.05 -25.16
CA MET D 488 -3.47 -5.36 -24.76
C MET D 488 -4.61 -6.37 -24.83
N LYS D 489 -4.26 -7.60 -25.17
CA LYS D 489 -5.20 -8.73 -25.15
C LYS D 489 -4.51 -9.82 -24.37
N ILE D 490 -5.26 -10.47 -23.47
CA ILE D 490 -4.77 -11.64 -22.72
C ILE D 490 -5.32 -12.85 -23.44
N HIS D 491 -4.43 -13.75 -23.86
CA HIS D 491 -4.81 -14.88 -24.70
C HIS D 491 -4.27 -16.17 -24.14
N LEU D 492 -5.11 -17.21 -24.05
CA LEU D 492 -4.64 -18.55 -23.68
C LEU D 492 -4.26 -19.30 -24.95
N VAL D 493 -3.05 -19.85 -25.00
CA VAL D 493 -2.51 -20.39 -26.24
C VAL D 493 -3.22 -21.68 -26.64
N GLY D 494 -4.42 -21.52 -27.22
CA GLY D 494 -5.28 -22.64 -27.65
C GLY D 494 -5.65 -23.55 -26.47
N ASP D 495 -6.47 -24.58 -26.67
CA ASP D 495 -7.45 -24.73 -27.74
C ASP D 495 -8.27 -25.94 -27.30
N GLU D 496 -9.08 -25.74 -26.27
CA GLU D 496 -10.05 -26.71 -25.72
C GLU D 496 -10.23 -28.00 -26.50
N ILE D 497 -9.86 -29.15 -25.93
CA ILE D 497 -10.02 -30.44 -26.63
C ILE D 497 -11.49 -30.91 -26.67
N ALA D 498 -12.23 -30.66 -25.60
CA ALA D 498 -13.65 -30.94 -25.58
C ALA D 498 -14.35 -29.83 -24.80
N ASN D 499 -15.66 -29.70 -24.96
CA ASN D 499 -16.42 -28.71 -24.18
C ASN D 499 -17.90 -29.06 -24.03
N GLY D 500 -18.57 -28.33 -23.13
CA GLY D 500 -19.97 -28.58 -22.85
C GLY D 500 -20.59 -27.55 -21.93
N GLN D 501 -21.54 -27.98 -21.11
CA GLN D 501 -22.24 -27.13 -20.14
C GLN D 501 -21.54 -27.20 -18.80
N GLY D 502 -20.84 -26.13 -18.44
CA GLY D 502 -20.08 -26.10 -17.20
C GLY D 502 -20.98 -25.90 -16.00
N ILE D 503 -20.76 -26.70 -14.95
CA ILE D 503 -21.51 -26.58 -13.69
C ILE D 503 -20.50 -26.27 -12.61
N GLY D 504 -20.82 -25.29 -11.77
CA GLY D 504 -19.85 -24.71 -10.86
C GLY D 504 -19.02 -23.70 -11.63
N ARG D 505 -18.05 -23.10 -10.94
CA ARG D 505 -17.26 -21.99 -11.49
C ARG D 505 -15.76 -22.21 -11.32
N GLY D 506 -15.36 -23.41 -10.88
CA GLY D 506 -13.99 -23.67 -10.47
C GLY D 506 -13.13 -24.24 -11.59
N SER D 507 -12.08 -24.97 -11.21
CA SER D 507 -11.19 -25.63 -12.15
C SER D 507 -10.15 -26.44 -11.42
N VAL D 508 -9.62 -27.48 -12.08
CA VAL D 508 -8.56 -28.33 -11.54
C VAL D 508 -7.78 -28.98 -12.66
N VAL D 509 -6.49 -29.22 -12.41
CA VAL D 509 -5.68 -30.11 -13.26
C VAL D 509 -5.73 -31.49 -12.63
N GLY D 510 -5.96 -32.51 -13.46
CA GLY D 510 -6.02 -33.90 -12.99
C GLY D 510 -5.91 -34.86 -14.15
N THR D 511 -5.58 -36.12 -13.86
CA THR D 511 -5.48 -37.15 -14.90
C THR D 511 -6.80 -37.92 -15.06
N THR D 512 -7.19 -38.17 -16.31
CA THR D 512 -8.52 -38.72 -16.60
C THR D 512 -8.64 -40.18 -16.22
N LEU D 513 -9.88 -40.60 -15.99
CA LEU D 513 -10.21 -42.01 -15.79
C LEU D 513 -11.60 -42.28 -16.36
N VAL D 514 -11.66 -42.64 -17.64
CA VAL D 514 -12.92 -42.91 -18.33
C VAL D 514 -13.57 -44.16 -17.74
N ALA D 515 -14.83 -44.03 -17.31
CA ALA D 515 -15.57 -45.12 -16.65
C ALA D 515 -16.83 -45.50 -17.42
N GLU D 516 -16.89 -46.76 -17.82
CA GLU D 516 -18.05 -47.32 -18.51
C GLU D 516 -19.02 -47.87 -17.47
N THR D 517 -18.47 -48.45 -16.40
CA THR D 517 -19.24 -49.06 -15.32
C THR D 517 -18.87 -48.43 -13.99
N VAL D 518 -19.73 -48.61 -12.99
CA VAL D 518 -19.43 -48.22 -11.60
C VAL D 518 -18.23 -49.02 -11.04
N LYS D 519 -18.12 -50.27 -11.50
CA LYS D 519 -17.02 -51.17 -11.11
C LYS D 519 -15.76 -50.86 -11.90
N ASP D 520 -15.90 -50.03 -12.94
CA ASP D 520 -14.76 -49.56 -13.73
C ASP D 520 -14.00 -48.45 -12.99
N LEU D 521 -14.25 -48.33 -11.68
CA LEU D 521 -13.50 -47.42 -10.82
C LEU D 521 -13.64 -47.79 -9.34
N GLU D 522 -13.74 -49.08 -9.05
CA GLU D 522 -14.02 -49.53 -7.69
C GLU D 522 -12.75 -49.69 -6.87
N GLY D 523 -12.10 -50.85 -6.97
CA GLY D 523 -10.91 -51.14 -6.17
C GLY D 523 -9.64 -50.67 -6.86
N LYS D 524 -9.63 -49.41 -7.27
CA LYS D 524 -8.50 -48.84 -8.01
C LYS D 524 -8.56 -47.31 -8.05
N ASP D 525 -8.83 -46.68 -6.92
CA ASP D 525 -9.07 -45.24 -6.89
C ASP D 525 -8.35 -44.48 -5.77
N LEU D 526 -7.39 -43.65 -6.15
CA LEU D 526 -6.99 -42.52 -5.33
C LEU D 526 -7.94 -41.38 -5.73
N SER D 527 -7.73 -40.21 -5.15
CA SER D 527 -8.41 -38.99 -5.59
C SER D 527 -7.75 -38.52 -6.88
N ASP D 528 -7.31 -37.26 -6.94
CA ASP D 528 -6.44 -36.71 -8.00
C ASP D 528 -6.78 -37.05 -9.47
N LYS D 529 -8.02 -37.44 -9.75
CA LYS D 529 -8.43 -37.86 -11.10
C LYS D 529 -9.79 -37.28 -11.50
N VAL D 530 -9.94 -36.93 -12.78
CA VAL D 530 -11.23 -36.44 -13.27
C VAL D 530 -11.94 -37.57 -14.00
N ILE D 531 -13.10 -37.98 -13.48
CA ILE D 531 -13.82 -39.13 -14.03
C ILE D 531 -14.69 -38.74 -15.22
N VAL D 532 -14.79 -39.63 -16.20
CA VAL D 532 -15.55 -39.38 -17.42
C VAL D 532 -16.53 -40.52 -17.69
N THR D 533 -17.79 -40.35 -17.30
CA THR D 533 -18.84 -41.36 -17.56
C THR D 533 -20.01 -40.76 -18.35
N ASN D 534 -20.98 -41.59 -18.72
CA ASN D 534 -22.13 -41.13 -19.48
C ASN D 534 -23.02 -40.21 -18.64
N SER D 535 -23.67 -40.82 -17.63
CA SER D 535 -24.42 -40.07 -16.63
C SER D 535 -24.20 -40.70 -15.26
N ILE D 536 -24.70 -40.05 -14.22
CA ILE D 536 -24.50 -40.49 -12.83
C ILE D 536 -25.77 -41.15 -12.26
N ASP D 537 -25.61 -42.38 -11.79
CA ASP D 537 -26.65 -43.12 -11.08
C ASP D 537 -26.51 -42.86 -9.59
N GLU D 538 -27.31 -43.58 -8.82
CA GLU D 538 -27.06 -43.70 -7.39
C GLU D 538 -25.74 -44.44 -7.13
N THR D 539 -25.41 -45.40 -8.01
CA THR D 539 -24.20 -46.21 -7.83
C THR D 539 -22.93 -45.42 -8.07
N PHE D 540 -23.04 -44.31 -8.80
CA PHE D 540 -21.87 -43.47 -9.09
C PHE D 540 -21.61 -42.40 -8.02
N VAL D 541 -22.66 -41.91 -7.36
CA VAL D 541 -22.52 -40.79 -6.41
C VAL D 541 -21.47 -41.01 -5.30
N PRO D 542 -21.35 -42.25 -4.77
CA PRO D 542 -20.32 -42.45 -3.74
C PRO D 542 -18.89 -42.21 -4.25
N TYR D 543 -18.64 -42.45 -5.53
CA TYR D 543 -17.30 -42.35 -6.08
C TYR D 543 -16.97 -40.92 -6.53
N VAL D 544 -17.97 -40.17 -7.00
CA VAL D 544 -17.77 -38.80 -7.50
C VAL D 544 -17.23 -37.85 -6.43
N GLU D 545 -17.68 -38.04 -5.20
CA GLU D 545 -17.21 -37.22 -4.09
C GLU D 545 -15.71 -37.41 -3.80
N LYS D 546 -15.21 -38.61 -4.05
CA LYS D 546 -13.79 -38.92 -3.82
C LYS D 546 -12.87 -38.41 -4.94
N ALA D 547 -13.43 -37.77 -5.96
CA ALA D 547 -12.71 -37.39 -7.17
C ALA D 547 -12.36 -35.90 -7.21
N LEU D 548 -11.58 -35.50 -8.22
CA LEU D 548 -11.14 -34.10 -8.43
C LEU D 548 -12.09 -33.33 -9.31
N GLY D 549 -12.56 -33.96 -10.37
CA GLY D 549 -13.46 -33.33 -11.35
C GLY D 549 -14.32 -34.35 -12.07
N LEU D 550 -15.30 -33.87 -12.83
CA LEU D 550 -16.25 -34.75 -13.51
C LEU D 550 -16.67 -34.24 -14.90
N ILE D 551 -16.51 -35.11 -15.90
CA ILE D 551 -16.97 -34.84 -17.26
C ILE D 551 -18.03 -35.89 -17.63
N THR D 552 -19.31 -35.53 -17.57
CA THR D 552 -20.35 -36.47 -17.96
C THR D 552 -20.77 -36.17 -19.39
N GLU D 553 -21.29 -37.19 -20.08
CA GLU D 553 -21.50 -37.11 -21.52
C GLU D 553 -22.60 -36.13 -21.83
N GLU D 554 -23.83 -36.57 -21.67
CA GLU D 554 -24.96 -35.77 -22.05
C GLU D 554 -25.64 -35.47 -20.74
N ASN D 555 -26.40 -34.38 -20.70
CA ASN D 555 -27.24 -34.05 -19.56
C ASN D 555 -27.61 -32.56 -19.58
N GLY D 556 -28.50 -32.16 -18.68
CA GLY D 556 -28.89 -30.74 -18.48
C GLY D 556 -28.33 -30.17 -17.17
N ILE D 557 -28.78 -28.97 -16.80
CA ILE D 557 -28.25 -28.26 -15.61
C ILE D 557 -28.73 -28.84 -14.28
N THR D 558 -29.92 -29.43 -14.26
CA THR D 558 -30.44 -30.10 -13.05
C THR D 558 -30.45 -31.61 -13.23
N SER D 559 -29.47 -32.12 -14.01
CA SER D 559 -29.27 -33.55 -14.17
C SER D 559 -28.71 -34.14 -12.90
N PRO D 560 -28.76 -35.47 -12.74
CA PRO D 560 -28.11 -36.05 -11.57
C PRO D 560 -26.62 -35.78 -11.54
N SER D 561 -25.99 -35.68 -12.73
CA SER D 561 -24.55 -35.44 -12.86
C SER D 561 -24.19 -34.02 -12.46
N ALA D 562 -25.05 -33.07 -12.82
CA ALA D 562 -24.84 -31.66 -12.50
C ALA D 562 -25.03 -31.40 -11.02
N ILE D 563 -26.11 -31.94 -10.48
CA ILE D 563 -26.51 -31.65 -9.11
C ILE D 563 -25.49 -32.23 -8.12
N VAL D 564 -24.88 -33.37 -8.44
CA VAL D 564 -23.88 -33.98 -7.53
C VAL D 564 -22.53 -33.25 -7.61
N GLY D 565 -22.21 -32.68 -8.76
CA GLY D 565 -20.98 -31.92 -8.92
C GLY D 565 -21.04 -30.60 -8.16
N LEU D 566 -22.20 -29.94 -8.26
CA LEU D 566 -22.41 -28.65 -7.60
C LEU D 566 -22.45 -28.85 -6.09
N GLU D 567 -23.23 -29.81 -5.63
CA GLU D 567 -23.37 -30.06 -4.20
C GLU D 567 -22.07 -30.43 -3.51
N LYS D 568 -21.23 -31.21 -4.19
CA LYS D 568 -19.97 -31.69 -3.63
C LYS D 568 -18.77 -30.79 -3.94
N GLY D 569 -19.03 -29.64 -4.57
CA GLY D 569 -17.99 -28.64 -4.80
C GLY D 569 -16.92 -29.11 -5.77
N ILE D 570 -17.29 -30.04 -6.65
CA ILE D 570 -16.38 -30.58 -7.64
C ILE D 570 -16.71 -29.90 -8.99
N PRO D 571 -15.71 -29.23 -9.60
CA PRO D 571 -15.98 -28.59 -10.87
C PRO D 571 -16.23 -29.64 -11.94
N THR D 572 -17.33 -29.48 -12.68
CA THR D 572 -17.78 -30.48 -13.64
C THR D 572 -18.25 -29.82 -14.93
N VAL D 573 -18.30 -30.61 -16.00
CA VAL D 573 -18.91 -30.18 -17.24
C VAL D 573 -19.83 -31.29 -17.73
N VAL D 574 -21.12 -30.99 -17.84
CA VAL D 574 -22.07 -31.92 -18.46
C VAL D 574 -22.30 -31.53 -19.92
N GLY D 575 -22.99 -32.39 -20.66
CA GLY D 575 -23.32 -32.13 -22.07
C GLY D 575 -22.11 -32.11 -22.99
N VAL D 576 -21.14 -33.00 -22.72
CA VAL D 576 -19.91 -33.13 -23.52
C VAL D 576 -20.03 -34.24 -24.58
N GLU D 577 -20.11 -33.84 -25.85
CA GLU D 577 -20.19 -34.78 -26.99
C GLU D 577 -19.33 -36.02 -26.84
N LYS D 578 -19.97 -37.17 -26.78
CA LYS D 578 -19.26 -38.46 -26.84
C LYS D 578 -18.04 -38.55 -25.92
N ALA D 579 -18.11 -37.87 -24.77
CA ALA D 579 -16.96 -37.74 -23.87
C ALA D 579 -16.27 -39.08 -23.59
N VAL D 580 -17.06 -40.15 -23.42
CA VAL D 580 -16.50 -41.47 -23.14
C VAL D 580 -15.55 -41.97 -24.23
N LYS D 581 -15.96 -41.81 -25.49
CA LYS D 581 -15.19 -42.30 -26.64
C LYS D 581 -14.08 -41.32 -27.02
N ASN D 582 -14.40 -40.04 -27.01
CA ASN D 582 -13.51 -39.01 -27.52
C ASN D 582 -12.33 -38.69 -26.61
N ILE D 583 -12.58 -38.17 -25.41
CA ILE D 583 -11.47 -37.76 -24.53
C ILE D 583 -10.77 -39.00 -23.96
N SER D 584 -9.45 -39.01 -24.01
CA SER D 584 -8.65 -40.21 -23.70
C SER D 584 -8.59 -40.52 -22.21
N ASN D 585 -8.29 -41.78 -21.91
CA ASN D 585 -8.10 -42.25 -20.53
C ASN D 585 -6.66 -42.02 -20.07
N ASN D 586 -6.51 -41.68 -18.79
CA ASN D 586 -5.20 -41.51 -18.15
C ASN D 586 -4.45 -40.22 -18.50
N VAL D 587 -4.73 -39.62 -19.65
CA VAL D 587 -4.04 -38.40 -20.08
C VAL D 587 -4.48 -37.22 -19.20
N LEU D 588 -3.51 -36.40 -18.78
CA LEU D 588 -3.74 -35.28 -17.86
C LEU D 588 -4.54 -34.16 -18.53
N VAL D 589 -5.44 -33.54 -17.77
CA VAL D 589 -6.44 -32.61 -18.32
C VAL D 589 -6.76 -31.48 -17.34
N THR D 590 -7.11 -30.32 -17.87
CA THR D 590 -7.58 -29.19 -17.06
C THR D 590 -9.00 -28.83 -17.43
N ILE D 591 -9.91 -28.82 -16.46
CA ILE D 591 -11.31 -28.45 -16.74
C ILE D 591 -11.63 -27.08 -16.15
N ASP D 592 -12.30 -26.23 -16.92
CA ASP D 592 -12.69 -24.90 -16.50
C ASP D 592 -14.21 -24.88 -16.41
N ALA D 593 -14.75 -24.91 -15.19
CA ALA D 593 -16.19 -25.00 -14.98
C ALA D 593 -16.91 -23.78 -15.51
N ALA D 594 -16.46 -22.57 -15.17
CA ALA D 594 -16.89 -21.40 -15.92
C ALA D 594 -16.31 -21.65 -17.30
N GLN D 595 -16.93 -21.14 -18.36
CA GLN D 595 -16.54 -21.45 -19.76
C GLN D 595 -17.10 -22.79 -20.26
N GLY D 596 -17.03 -23.81 -19.41
CA GLY D 596 -17.48 -25.14 -19.80
C GLY D 596 -16.53 -25.77 -20.80
N LYS D 597 -15.25 -25.42 -20.71
CA LYS D 597 -14.23 -25.91 -21.62
C LYS D 597 -13.37 -26.93 -20.89
N ILE D 598 -12.74 -27.82 -21.64
CA ILE D 598 -11.80 -28.83 -21.11
C ILE D 598 -10.55 -28.85 -21.99
N PHE D 599 -9.38 -28.81 -21.35
CA PHE D 599 -8.11 -28.53 -22.05
C PHE D 599 -7.13 -29.70 -22.05
N GLU D 600 -6.15 -29.64 -22.95
CA GLU D 600 -5.21 -30.74 -23.17
C GLU D 600 -4.41 -31.08 -21.92
N GLY D 601 -3.50 -30.19 -21.49
CA GLY D 601 -2.67 -30.45 -20.32
C GLY D 601 -2.97 -29.46 -19.20
N TYR D 602 -1.96 -28.72 -18.77
CA TYR D 602 -2.15 -27.62 -17.81
C TYR D 602 -2.76 -26.40 -18.52
N ALA D 603 -3.59 -25.62 -17.83
CA ALA D 603 -4.28 -24.49 -18.46
C ALA D 603 -4.10 -23.13 -17.71
N ASN D 604 -5.18 -22.60 -17.12
CA ASN D 604 -5.24 -21.27 -16.46
C ASN D 604 -6.70 -20.77 -16.49
CAA I30 E . 2.69 0.13 11.13
OAB I30 E . 3.84 3.25 14.77
OAC I30 E . 2.89 3.55 10.83
BRAD I30 E . 4.00 8.92 13.34
CAE I30 E . 3.49 -4.50 16.28
CAF I30 E . 3.14 -5.22 15.15
CAG I30 E . 3.34 7.11 11.34
CAH I30 E . 3.08 5.90 10.75
CAI I30 E . 3.60 -3.13 16.18
CAJ I30 E . 2.89 -4.58 13.93
CAK I30 E . 3.78 5.98 13.42
NAL I30 E . 3.26 1.18 13.32
NAM I30 E . 3.40 -1.18 14.61
NAN I30 E . 3.27 2.29 12.80
NAO I30 E . 2.83 -2.33 12.85
CAP I30 E . 3.01 0.09 12.63
CAQ I30 E . 3.57 3.36 13.56
CAR I30 E . 3.68 7.16 12.67
CAS I30 E . 3.16 4.73 11.47
CAT I30 E . 3.51 4.74 12.82
CAU I30 E . 3.07 -1.09 13.32
CAV I30 E . 3.37 -2.48 14.97
CAW I30 E . 3.00 -3.19 13.84
P PO4 F . 17.63 -4.82 27.15
O1 PO4 F . 19.10 -5.06 26.91
O2 PO4 F . 16.81 -6.02 26.72
O3 PO4 F . 17.35 -4.56 28.61
O4 PO4 F . 17.24 -3.60 26.36
P PO4 G . -3.67 13.95 29.56
O1 PO4 G . -3.07 13.53 30.89
O2 PO4 G . -5.10 14.42 29.71
O3 PO4 G . -2.79 15.05 28.99
O4 PO4 G . -3.69 12.77 28.62
P PO4 H . -19.31 -11.60 -23.72
O1 PO4 H . -18.25 -12.13 -22.77
O2 PO4 H . -19.51 -12.61 -24.82
O3 PO4 H . -20.64 -11.37 -23.06
O4 PO4 H . -18.83 -10.26 -24.25
CAA I30 I . -2.88 -3.44 -10.22
OAB I30 I . -3.76 -1.82 -14.86
OAC I30 I . -2.36 -0.16 -11.53
BRAD I30 I . -2.78 3.75 -16.03
CAE I30 I . -4.83 -9.27 -13.55
CAF I30 I . -4.31 -9.67 -12.36
CAG I30 I . -2.19 2.90 -13.47
CAH I30 I . -2.07 2.02 -12.41
CAI I30 I . -4.83 -7.93 -13.84
CAJ I30 I . -3.79 -8.73 -11.45
CAK I30 I . -3.11 1.13 -14.83
NAL I30 I . -3.42 -3.13 -12.66
NAM I30 I . -4.17 -5.66 -13.01
NAN I30 I . -3.20 -1.93 -12.67
NAO I30 I . -3.34 -6.30 -11.11
CAP I30 I . -3.32 -3.92 -11.61
CAQ I30 I . -3.40 -1.26 -13.82
CAR I30 I . -2.69 2.45 -14.67
CAS I30 I . -2.48 0.70 -12.56
CAT I30 I . -3.01 0.24 -13.77
CAU I30 I . -3.60 -5.24 -11.87
CAV I30 I . -4.30 -6.99 -12.95
CAW I30 I . -3.78 -7.39 -11.75
P PO4 J . 4.97 1.09 -32.48
O1 PO4 J . 6.37 0.87 -33.01
O2 PO4 J . 4.94 0.57 -31.06
O3 PO4 J . 4.59 2.57 -32.48
O4 PO4 J . 3.96 0.33 -33.32
#